data_8P22
#
_entry.id   8P22
#
_cell.length_a   143.960
_cell.length_b   120.600
_cell.length_c   133.160
_cell.angle_alpha   90.00
_cell.angle_beta   91.50
_cell.angle_gamma   90.00
#
_symmetry.space_group_name_H-M   'C 1 2 1'
#
loop_
_entity.id
_entity.type
_entity.pdbx_description
1 polymer 'Acetylcholine-binding protein'
2 non-polymer 2-[(2~{R})-1-ethylimidazolidin-2-yl]-6-pyridin-2-yl-pyridine
3 non-polymer 'SULFATE ION'
4 non-polymer GLYCEROL
5 water water
#
_entity_poly.entity_id   1
_entity_poly.type   'polypeptide(L)'
_entity_poly.pdbx_seq_one_letter_code
;FDRADILYNIRQTSRPDVIPTQRDRPVAVSVSLKFINILEVNEITNEVDVVFWQQTTWSDRTLAWNSSHSPDQVSVPISS
LWVPDLAAYNAISKPEVLTPQLARVVSDGEVLYMPSIRQRFSCDVSGVDTESGATCRIKIGSWTHHSREISVDPTTENSD
DSEYFSQYSRFEILDVTQKKNSVTYSCCPEAYEDVEVSLNFRKKGR
;
_entity_poly.pdbx_strand_id   A,B,C,D,E,F,G,H,I,J
#
loop_
_chem_comp.id
_chem_comp.type
_chem_comp.name
_chem_comp.formula
GOL non-polymer GLYCEROL 'C3 H8 O3'
SO4 non-polymer 'SULFATE ION' 'O4 S -2'
WNO non-polymer 2-[(2~{R})-1-ethylimidazolidin-2-yl]-6-pyridin-2-yl-pyridine 'C15 H18 N4'
#
# COMPACT_ATOMS: atom_id res chain seq x y z
N PHE A 1 -16.04 -23.19 7.82
CA PHE A 1 -14.81 -22.38 7.58
C PHE A 1 -13.73 -23.34 7.13
N ASP A 2 -13.03 -23.01 6.04
CA ASP A 2 -11.89 -23.80 5.60
C ASP A 2 -10.59 -23.19 6.16
N ARG A 3 -9.49 -23.90 6.00
CA ARG A 3 -8.20 -23.43 6.49
C ARG A 3 -7.89 -22.11 5.78
N ALA A 4 -8.12 -22.07 4.47
CA ALA A 4 -7.98 -20.82 3.74
C ALA A 4 -8.70 -19.70 4.47
N ASP A 5 -9.98 -19.89 4.82
CA ASP A 5 -10.77 -18.86 5.49
C ASP A 5 -10.12 -18.49 6.83
N ILE A 6 -9.87 -19.48 7.71
CA ILE A 6 -9.35 -19.22 9.04
C ILE A 6 -8.02 -18.45 9.00
N LEU A 7 -7.14 -18.78 8.03
CA LEU A 7 -5.81 -18.23 7.97
C LEU A 7 -5.87 -16.76 7.56
N TYR A 8 -6.74 -16.47 6.58
CA TYR A 8 -7.06 -15.12 6.15
C TYR A 8 -7.43 -14.30 7.39
N ASN A 9 -8.49 -14.76 8.06
CA ASN A 9 -9.06 -14.03 9.19
C ASN A 9 -7.97 -13.78 10.24
N ILE A 10 -7.06 -14.75 10.45
CA ILE A 10 -6.00 -14.53 11.43
C ILE A 10 -5.02 -13.50 10.87
N ARG A 11 -4.57 -13.68 9.64
CA ARG A 11 -3.54 -12.79 9.14
C ARG A 11 -4.08 -11.37 9.25
N GLN A 12 -5.32 -11.15 8.75
CA GLN A 12 -5.91 -9.83 8.65
C GLN A 12 -6.26 -9.20 10.01
N THR A 13 -6.80 -9.97 10.96
CA THR A 13 -7.13 -9.42 12.27
C THR A 13 -5.89 -9.41 13.15
N SER A 14 -5.96 -10.06 14.33
CA SER A 14 -4.79 -10.55 15.05
C SER A 14 -3.58 -9.61 14.95
N ARG A 15 -3.12 -9.20 16.13
CA ARG A 15 -2.23 -8.07 16.30
C ARG A 15 -0.98 -8.54 17.03
N PRO A 16 0.01 -9.06 16.28
CA PRO A 16 1.18 -9.71 16.88
C PRO A 16 1.88 -8.96 18.00
N ASP A 17 1.59 -7.66 18.16
CA ASP A 17 2.17 -6.85 19.22
C ASP A 17 1.24 -6.69 20.43
N VAL A 18 0.12 -7.44 20.49
CA VAL A 18 -0.93 -7.21 21.48
C VAL A 18 -1.08 -8.45 22.35
N ILE A 19 -0.46 -8.42 23.53
CA ILE A 19 -0.56 -9.48 24.50
C ILE A 19 -2.04 -9.83 24.67
N PRO A 20 -2.42 -11.11 24.52
CA PRO A 20 -3.82 -11.53 24.71
C PRO A 20 -4.32 -11.64 26.14
N THR A 21 -4.36 -10.50 26.85
CA THR A 21 -4.75 -10.45 28.25
C THR A 21 -6.27 -10.61 28.34
N GLN A 22 -6.76 -11.19 29.43
CA GLN A 22 -8.20 -11.25 29.70
C GLN A 22 -8.46 -10.67 31.07
N ARG A 23 -9.26 -9.59 31.13
CA ARG A 23 -9.75 -8.95 32.36
C ARG A 23 -8.59 -8.66 33.31
N ASP A 24 -7.56 -7.99 32.77
CA ASP A 24 -6.28 -7.76 33.45
C ASP A 24 -5.99 -8.95 34.38
N ARG A 25 -5.95 -10.14 33.77
CA ARG A 25 -5.34 -11.30 34.38
C ARG A 25 -4.02 -11.55 33.66
N PRO A 26 -3.07 -12.26 34.28
CA PRO A 26 -1.85 -12.66 33.58
C PRO A 26 -2.18 -13.64 32.48
N VAL A 27 -1.46 -13.56 31.36
CA VAL A 27 -1.54 -14.63 30.39
C VAL A 27 -0.69 -15.77 30.92
N ALA A 28 -1.33 -16.93 31.11
CA ALA A 28 -0.62 -18.11 31.56
C ALA A 28 0.08 -18.77 30.37
N VAL A 29 1.43 -18.69 30.36
CA VAL A 29 2.29 -19.40 29.40
C VAL A 29 2.95 -20.63 30.03
N SER A 30 2.60 -21.81 29.50
CA SER A 30 3.26 -23.05 29.88
C SER A 30 4.52 -23.26 29.05
N VAL A 31 5.54 -23.86 29.66
CA VAL A 31 6.82 -24.09 29.01
C VAL A 31 7.46 -25.33 29.61
N SER A 32 7.59 -26.37 28.79
CA SER A 32 8.36 -27.56 29.12
C SER A 32 9.50 -27.67 28.13
N LEU A 33 10.74 -27.66 28.61
CA LEU A 33 11.87 -27.86 27.70
C LEU A 33 12.06 -29.37 27.58
N LYS A 34 12.29 -29.79 26.34
CA LYS A 34 12.63 -31.16 26.02
C LYS A 34 14.01 -31.18 25.38
N PHE A 35 15.02 -31.56 26.18
CA PHE A 35 16.39 -31.68 25.73
C PHE A 35 16.47 -32.82 24.72
N ILE A 36 17.02 -32.51 23.53
CA ILE A 36 17.29 -33.45 22.46
C ILE A 36 18.77 -33.87 22.44
N ASN A 37 19.67 -32.93 22.78
CA ASN A 37 21.08 -33.25 22.76
C ASN A 37 21.89 -32.20 23.48
N ILE A 38 23.05 -32.70 23.99
CA ILE A 38 24.06 -31.94 24.68
C ILE A 38 25.32 -32.13 23.85
N LEU A 39 25.77 -31.05 23.19
CA LEU A 39 26.76 -31.14 22.15
C LEU A 39 28.13 -30.64 22.64
N GLU A 40 28.13 -29.84 23.69
CA GLU A 40 29.40 -29.44 24.27
C GLU A 40 29.17 -29.13 25.74
N VAL A 41 30.09 -29.63 26.56
CA VAL A 41 30.15 -29.23 27.96
C VAL A 41 31.59 -28.83 28.25
N ASN A 42 31.78 -27.94 29.22
CA ASN A 42 33.11 -27.48 29.59
C ASN A 42 33.03 -27.09 31.06
N GLU A 43 33.72 -27.86 31.89
CA GLU A 43 33.68 -27.69 33.32
C GLU A 43 34.55 -26.52 33.73
N ILE A 44 35.44 -26.05 32.85
CA ILE A 44 36.40 -25.03 33.22
C ILE A 44 35.71 -23.67 33.12
N THR A 45 35.05 -23.39 31.99
CA THR A 45 34.26 -22.16 31.87
C THR A 45 32.88 -22.32 32.52
N ASN A 46 32.38 -23.57 32.61
CA ASN A 46 31.03 -23.81 33.07
C ASN A 46 30.08 -23.37 31.97
N GLU A 47 30.14 -24.11 30.84
CA GLU A 47 29.34 -23.75 29.68
C GLU A 47 28.82 -25.00 28.99
N VAL A 48 27.55 -24.96 28.59
CA VAL A 48 26.99 -26.05 27.81
C VAL A 48 26.32 -25.45 26.57
N ASP A 49 26.20 -26.32 25.58
CA ASP A 49 25.62 -26.00 24.31
C ASP A 49 24.61 -27.11 24.11
N VAL A 50 23.32 -26.72 24.09
CA VAL A 50 22.23 -27.67 24.05
C VAL A 50 21.31 -27.36 22.88
N VAL A 51 20.62 -28.42 22.44
CA VAL A 51 19.49 -28.38 21.53
C VAL A 51 18.25 -28.86 22.29
N PHE A 52 17.15 -28.09 22.28
CA PHE A 52 15.94 -28.53 22.95
C PHE A 52 14.69 -28.07 22.19
N TRP A 53 13.64 -28.89 22.26
CA TRP A 53 12.32 -28.49 21.83
C TRP A 53 11.56 -27.81 22.97
N GLN A 54 11.22 -26.53 22.78
CA GLN A 54 10.60 -25.69 23.80
C GLN A 54 9.08 -25.72 23.65
N GLN A 55 8.44 -26.69 24.31
CA GLN A 55 7.02 -26.90 24.16
C GLN A 55 6.26 -25.78 24.85
N THR A 56 5.68 -24.87 24.06
CA THR A 56 5.07 -23.65 24.61
C THR A 56 3.57 -23.61 24.32
N THR A 57 2.83 -22.99 25.23
CA THR A 57 1.37 -23.00 25.21
C THR A 57 0.82 -21.79 25.97
N TRP A 58 -0.32 -21.26 25.47
CA TRP A 58 -1.08 -20.16 26.03
C TRP A 58 -2.35 -19.95 25.19
N SER A 59 -3.37 -19.30 25.77
CA SER A 59 -4.62 -19.05 25.06
C SER A 59 -4.60 -17.66 24.46
N ASP A 60 -5.01 -17.54 23.18
CA ASP A 60 -5.33 -16.24 22.63
C ASP A 60 -6.69 -16.26 21.92
N ARG A 61 -7.68 -15.63 22.54
CA ARG A 61 -9.08 -15.92 22.27
C ARG A 61 -9.58 -15.11 21.07
N THR A 62 -8.86 -14.05 20.76
CA THR A 62 -9.10 -13.34 19.52
C THR A 62 -8.74 -14.21 18.32
N LEU A 63 -8.24 -15.44 18.54
CA LEU A 63 -7.92 -16.35 17.44
C LEU A 63 -9.07 -17.34 17.23
N ALA A 64 -10.04 -17.40 18.15
CA ALA A 64 -10.96 -18.53 18.12
C ALA A 64 -11.93 -18.42 16.94
N TRP A 65 -12.38 -19.58 16.48
CA TRP A 65 -13.44 -19.73 15.49
C TRP A 65 -14.30 -20.90 15.95
N ASN A 66 -15.56 -20.93 15.48
CA ASN A 66 -16.46 -22.06 15.71
C ASN A 66 -16.11 -23.15 14.69
N SER A 67 -15.58 -24.29 15.14
CA SER A 67 -15.12 -25.30 14.20
C SER A 67 -16.22 -26.33 13.94
N SER A 68 -17.47 -25.85 13.77
CA SER A 68 -18.63 -26.69 13.57
C SER A 68 -18.39 -27.75 12.51
N HIS A 69 -18.22 -27.27 11.27
CA HIS A 69 -17.94 -28.14 10.13
C HIS A 69 -16.56 -27.80 9.58
N SER A 70 -15.62 -27.53 10.48
CA SER A 70 -14.39 -26.82 10.18
C SER A 70 -13.20 -27.46 10.91
N PRO A 71 -11.96 -27.14 10.52
CA PRO A 71 -10.79 -27.80 11.08
C PRO A 71 -10.61 -27.48 12.56
N ASP A 72 -10.01 -28.41 13.30
CA ASP A 72 -9.82 -28.26 14.74
C ASP A 72 -8.61 -27.38 15.06
N GLN A 73 -7.53 -27.43 14.27
CA GLN A 73 -6.42 -26.50 14.41
C GLN A 73 -5.90 -26.05 13.05
N VAL A 74 -5.06 -25.01 13.04
CA VAL A 74 -4.30 -24.66 11.84
C VAL A 74 -2.84 -24.28 12.16
N SER A 75 -1.98 -24.32 11.13
CA SER A 75 -0.57 -23.94 11.18
C SER A 75 -0.42 -22.47 10.76
N VAL A 76 0.27 -21.69 11.59
CA VAL A 76 0.22 -20.24 11.49
C VAL A 76 1.61 -19.65 11.75
N PRO A 77 2.21 -18.93 10.78
CA PRO A 77 3.40 -18.15 11.07
C PRO A 77 3.26 -17.29 12.32
N ILE A 78 4.22 -17.40 13.24
CA ILE A 78 4.20 -16.68 14.51
C ILE A 78 4.40 -15.18 14.29
N SER A 79 4.81 -14.81 13.07
CA SER A 79 4.85 -13.42 12.68
C SER A 79 3.43 -12.85 12.59
N SER A 80 2.43 -13.68 12.32
CA SER A 80 1.02 -13.27 12.37
C SER A 80 0.34 -13.61 13.70
N LEU A 81 1.13 -13.94 14.74
CA LEU A 81 0.62 -14.23 16.07
C LEU A 81 1.37 -13.35 17.06
N TRP A 82 0.70 -12.91 18.12
CA TRP A 82 1.44 -12.55 19.32
C TRP A 82 2.08 -13.80 19.86
N VAL A 83 3.34 -13.67 20.32
CA VAL A 83 4.02 -14.73 21.05
C VAL A 83 4.70 -14.14 22.29
N PRO A 84 4.81 -14.94 23.39
CA PRO A 84 5.54 -14.49 24.59
C PRO A 84 7.00 -14.17 24.24
N ASP A 85 7.50 -13.08 24.82
CA ASP A 85 8.89 -12.65 24.70
C ASP A 85 9.75 -13.36 25.77
N LEU A 86 9.87 -14.68 25.68
CA LEU A 86 10.64 -15.44 26.63
C LEU A 86 12.14 -15.17 26.41
N ALA A 87 12.91 -15.21 27.50
CA ALA A 87 14.35 -15.07 27.42
C ALA A 87 15.00 -16.08 28.37
N ALA A 88 16.18 -16.61 28.00
CA ALA A 88 16.99 -17.37 28.94
C ALA A 88 17.83 -16.38 29.72
N TYR A 89 17.57 -16.22 31.02
CA TYR A 89 18.33 -15.21 31.76
C TYR A 89 19.83 -15.52 31.74
N ASN A 90 20.25 -16.80 31.65
CA ASN A 90 21.67 -17.16 31.70
C ASN A 90 22.20 -17.65 30.35
N ALA A 91 21.55 -17.22 29.24
CA ALA A 91 22.05 -17.49 27.90
C ALA A 91 23.27 -16.61 27.63
N ILE A 92 24.20 -17.18 26.83
CA ILE A 92 25.40 -16.48 26.39
C ILE A 92 25.52 -16.53 24.87
N SER A 93 24.66 -17.29 24.18
CA SER A 93 24.51 -17.14 22.74
C SER A 93 23.04 -16.90 22.44
N LYS A 94 22.78 -16.36 21.25
CA LYS A 94 21.42 -16.04 20.87
C LYS A 94 20.76 -17.32 20.41
N PRO A 95 19.46 -17.51 20.71
CA PRO A 95 18.74 -18.72 20.32
C PRO A 95 18.84 -18.94 18.81
N GLU A 96 19.37 -20.10 18.41
CA GLU A 96 19.44 -20.49 17.02
C GLU A 96 18.31 -21.48 16.77
N VAL A 97 17.22 -20.99 16.16
CA VAL A 97 16.02 -21.77 15.94
C VAL A 97 16.22 -22.63 14.71
N LEU A 98 16.11 -23.95 14.89
CA LEU A 98 16.48 -24.88 13.84
C LEU A 98 15.32 -25.21 12.90
N THR A 99 14.07 -24.87 13.30
CA THR A 99 12.87 -25.42 12.70
C THR A 99 12.01 -24.31 12.06
N PRO A 100 11.08 -24.69 11.16
CA PRO A 100 10.10 -23.75 10.59
C PRO A 100 9.28 -22.98 11.63
N GLN A 101 9.27 -21.64 11.52
CA GLN A 101 8.66 -20.81 12.51
C GLN A 101 7.14 -20.76 12.30
N LEU A 102 6.48 -21.91 12.47
CA LEU A 102 5.04 -22.06 12.45
C LEU A 102 4.54 -22.62 13.78
N ALA A 103 3.56 -21.95 14.40
CA ALA A 103 2.84 -22.41 15.58
C ALA A 103 1.48 -22.96 15.18
N ARG A 104 0.89 -23.72 16.10
CA ARG A 104 -0.39 -24.37 15.86
C ARG A 104 -1.47 -23.62 16.65
N VAL A 105 -2.65 -23.46 16.04
CA VAL A 105 -3.74 -22.71 16.65
C VAL A 105 -5.00 -23.59 16.66
N VAL A 106 -5.47 -23.95 17.86
CA VAL A 106 -6.72 -24.69 18.01
C VAL A 106 -7.88 -23.71 17.95
N SER A 107 -9.07 -24.19 17.59
CA SER A 107 -10.26 -23.35 17.41
C SER A 107 -10.71 -22.64 18.69
N ASP A 108 -10.39 -23.19 19.87
CA ASP A 108 -10.67 -22.50 21.11
C ASP A 108 -9.58 -21.48 21.41
N GLY A 109 -8.64 -21.31 20.47
CA GLY A 109 -7.69 -20.20 20.49
C GLY A 109 -6.44 -20.56 21.29
N GLU A 110 -6.26 -21.85 21.54
CA GLU A 110 -5.03 -22.34 22.14
C GLU A 110 -3.92 -22.31 21.10
N VAL A 111 -2.77 -21.70 21.43
CA VAL A 111 -1.59 -21.73 20.57
C VAL A 111 -0.61 -22.77 21.13
N LEU A 112 -0.24 -23.75 20.28
CA LEU A 112 0.79 -24.73 20.52
C LEU A 112 2.03 -24.38 19.71
N TYR A 113 3.06 -23.78 20.35
CA TYR A 113 4.30 -23.44 19.67
C TYR A 113 5.45 -24.28 20.24
N MET A 114 6.27 -24.90 19.37
CA MET A 114 7.40 -25.72 19.81
C MET A 114 8.57 -25.69 18.84
N PRO A 115 9.48 -24.68 18.92
CA PRO A 115 10.69 -24.63 18.11
C PRO A 115 11.80 -25.53 18.64
N SER A 116 12.65 -26.02 17.73
CA SER A 116 13.88 -26.65 18.15
C SER A 116 14.92 -25.56 18.29
N ILE A 117 15.48 -25.39 19.48
CA ILE A 117 16.41 -24.30 19.74
C ILE A 117 17.76 -24.91 20.13
N ARG A 118 18.82 -24.35 19.56
CA ARG A 118 20.16 -24.60 20.01
C ARG A 118 20.62 -23.33 20.72
N GLN A 119 21.35 -23.47 21.81
CA GLN A 119 21.75 -22.30 22.56
C GLN A 119 22.77 -22.77 23.58
N ARG A 120 23.51 -21.82 24.13
CA ARG A 120 24.63 -22.08 25.01
C ARG A 120 24.35 -21.36 26.32
N PHE A 121 24.68 -21.98 27.45
CA PHE A 121 24.37 -21.35 28.72
C PHE A 121 25.58 -21.30 29.65
N SER A 122 25.48 -20.39 30.61
CA SER A 122 26.38 -20.34 31.74
C SER A 122 25.68 -20.96 32.92
N CYS A 123 26.20 -22.12 33.38
CA CYS A 123 25.58 -22.90 34.43
C CYS A 123 26.62 -23.81 35.09
N ASP A 124 26.23 -24.45 36.20
CA ASP A 124 27.15 -25.27 36.98
C ASP A 124 27.32 -26.62 36.29
N VAL A 125 28.53 -26.83 35.77
CA VAL A 125 28.88 -28.06 35.06
C VAL A 125 29.69 -29.02 35.94
N SER A 126 29.91 -28.67 37.22
CA SER A 126 30.88 -29.38 38.04
C SER A 126 30.46 -30.84 38.18
N GLY A 127 31.38 -31.75 37.85
CA GLY A 127 31.12 -33.18 38.03
C GLY A 127 30.06 -33.70 37.07
N VAL A 128 30.22 -33.35 35.79
CA VAL A 128 29.52 -33.97 34.67
C VAL A 128 30.04 -35.39 34.51
N ASP A 129 31.27 -35.63 35.00
CA ASP A 129 32.05 -36.84 34.74
C ASP A 129 32.03 -37.79 35.93
N THR A 130 30.90 -37.80 36.65
CA THR A 130 30.69 -38.64 37.82
C THR A 130 29.27 -39.18 37.72
N GLU A 131 28.95 -40.10 38.64
CA GLU A 131 27.70 -40.84 38.60
C GLU A 131 26.53 -39.92 38.94
N SER A 132 26.70 -39.06 39.95
CA SER A 132 25.61 -38.24 40.45
C SER A 132 25.39 -37.06 39.52
N GLY A 133 26.49 -36.46 39.03
CA GLY A 133 26.47 -35.65 37.83
C GLY A 133 26.17 -34.18 38.09
N ALA A 134 26.40 -33.36 37.05
CA ALA A 134 26.12 -31.92 37.05
C ALA A 134 24.62 -31.69 36.98
N THR A 135 24.19 -30.53 37.52
CA THR A 135 22.83 -30.03 37.46
C THR A 135 22.88 -28.60 36.90
N CYS A 136 22.52 -28.45 35.63
CA CYS A 136 22.62 -27.17 34.95
C CYS A 136 21.27 -26.48 34.99
N ARG A 137 21.19 -25.37 35.72
CA ARG A 137 19.95 -24.62 35.91
C ARG A 137 19.81 -23.53 34.85
N ILE A 138 18.65 -23.51 34.17
CA ILE A 138 18.31 -22.53 33.14
C ILE A 138 17.07 -21.77 33.58
N LYS A 139 17.16 -20.45 33.71
CA LYS A 139 16.00 -19.65 34.06
C LYS A 139 15.39 -19.06 32.78
N ILE A 140 14.06 -19.19 32.68
CA ILE A 140 13.30 -18.67 31.56
C ILE A 140 12.09 -17.91 32.07
N GLY A 141 11.97 -16.64 31.67
CA GLY A 141 10.77 -15.84 31.87
C GLY A 141 10.58 -14.86 30.73
N SER A 142 9.60 -13.97 30.87
CA SER A 142 9.38 -12.88 29.93
C SER A 142 10.42 -11.78 30.14
N TRP A 143 10.91 -11.19 29.05
CA TRP A 143 11.89 -10.12 29.15
C TRP A 143 11.26 -8.81 29.61
N THR A 144 9.98 -8.55 29.28
CA THR A 144 9.38 -7.22 29.48
C THR A 144 8.01 -7.27 30.20
N HIS A 145 7.43 -8.46 30.43
CA HIS A 145 6.16 -8.59 31.13
C HIS A 145 6.32 -9.21 32.51
N HIS A 146 5.94 -8.44 33.53
CA HIS A 146 5.87 -8.92 34.90
C HIS A 146 4.65 -9.82 35.13
N SER A 147 4.57 -10.36 36.35
CA SER A 147 3.72 -11.49 36.71
C SER A 147 2.25 -11.18 36.47
N ARG A 148 1.83 -9.93 36.72
CA ARG A 148 0.46 -9.50 36.49
C ARG A 148 0.14 -9.57 35.00
N GLU A 149 1.18 -9.47 34.16
CA GLU A 149 1.02 -9.47 32.72
C GLU A 149 1.20 -10.89 32.22
N ILE A 150 2.33 -11.52 32.58
CA ILE A 150 2.61 -12.89 32.17
C ILE A 150 3.03 -13.72 33.40
N SER A 151 2.50 -14.96 33.44
CA SER A 151 3.00 -16.02 34.30
C SER A 151 3.52 -17.17 33.45
N VAL A 152 4.84 -17.36 33.56
CA VAL A 152 5.49 -18.49 32.94
C VAL A 152 5.53 -19.63 33.95
N ASP A 153 4.82 -20.72 33.61
CA ASP A 153 4.57 -21.85 34.48
C ASP A 153 5.02 -23.13 33.77
N PRO A 154 5.54 -24.12 34.51
CA PRO A 154 5.83 -25.42 33.92
C PRO A 154 4.59 -26.31 33.82
N THR A 155 4.69 -27.33 32.95
CA THR A 155 3.74 -28.43 32.98
C THR A 155 4.22 -29.42 34.07
N THR A 156 4.19 -30.73 33.80
CA THR A 156 4.72 -31.72 34.75
C THR A 156 6.06 -32.23 34.22
N SER A 162 12.92 -37.71 28.02
CA SER A 162 13.84 -38.65 27.32
C SER A 162 13.07 -39.66 26.46
N GLU A 163 11.90 -39.23 25.98
CA GLU A 163 11.31 -39.71 24.75
C GLU A 163 11.84 -38.83 23.60
N TYR A 164 12.56 -37.76 23.97
CA TYR A 164 13.01 -36.73 23.06
C TYR A 164 14.52 -36.84 22.88
N PHE A 165 15.21 -37.34 23.92
CA PHE A 165 16.65 -37.21 24.03
C PHE A 165 17.33 -38.25 23.15
N SER A 166 18.43 -37.85 22.51
CA SER A 166 19.05 -38.66 21.48
C SER A 166 19.87 -39.79 22.08
N GLN A 167 19.65 -41.00 21.59
CA GLN A 167 20.37 -42.18 22.05
C GLN A 167 21.85 -42.19 21.65
N TYR A 168 22.30 -41.24 20.80
CA TYR A 168 23.69 -41.24 20.33
C TYR A 168 24.46 -40.06 20.92
N SER A 169 23.90 -39.38 21.92
CA SER A 169 24.65 -38.36 22.64
C SER A 169 25.82 -39.01 23.39
N ARG A 170 26.79 -38.18 23.79
CA ARG A 170 27.84 -38.59 24.72
C ARG A 170 27.35 -38.48 26.16
N PHE A 171 26.25 -37.75 26.36
CA PHE A 171 25.74 -37.53 27.71
C PHE A 171 24.41 -38.27 27.82
N GLU A 172 23.95 -38.41 29.06
CA GLU A 172 22.66 -39.03 29.35
C GLU A 172 21.99 -38.13 30.37
N ILE A 173 20.67 -38.09 30.32
CA ILE A 173 19.95 -37.27 31.28
C ILE A 173 19.56 -38.19 32.43
N LEU A 174 19.88 -37.74 33.64
CA LEU A 174 19.37 -38.37 34.84
C LEU A 174 17.98 -37.79 35.07
N ASP A 175 17.91 -36.46 35.20
CA ASP A 175 16.71 -35.78 35.66
C ASP A 175 16.58 -34.37 35.07
N VAL A 176 15.32 -33.98 34.83
CA VAL A 176 14.96 -32.60 34.53
C VAL A 176 13.76 -32.24 35.40
N THR A 177 13.85 -31.18 36.20
CA THR A 177 12.70 -30.70 36.94
C THR A 177 12.51 -29.22 36.63
N GLN A 178 11.26 -28.77 36.70
CA GLN A 178 10.89 -27.46 36.20
C GLN A 178 10.00 -26.81 37.26
N LYS A 179 10.51 -25.77 37.93
CA LYS A 179 9.79 -25.25 39.08
C LYS A 179 9.45 -23.78 38.87
N LYS A 180 8.30 -23.36 39.40
CA LYS A 180 7.91 -21.97 39.35
C LYS A 180 8.89 -21.15 40.16
N ASN A 181 9.27 -19.97 39.63
CA ASN A 181 10.17 -19.03 40.30
C ASN A 181 9.71 -17.59 40.14
N SER A 182 9.81 -16.79 41.21
CA SER A 182 9.41 -15.40 41.19
C SER A 182 10.50 -14.48 41.73
N VAL A 183 10.80 -13.43 40.94
CA VAL A 183 12.05 -12.70 41.06
C VAL A 183 11.77 -11.20 41.06
N THR A 184 12.44 -10.46 41.95
CA THR A 184 12.25 -9.02 42.03
C THR A 184 13.61 -8.32 41.91
N TYR A 185 13.75 -7.54 40.84
CA TYR A 185 14.94 -6.75 40.59
C TYR A 185 14.83 -5.46 41.40
N SER A 186 15.98 -4.89 41.76
CA SER A 186 16.08 -3.68 42.55
C SER A 186 15.44 -2.46 41.87
N CYS A 187 15.86 -2.18 40.61
CA CYS A 187 15.33 -1.06 39.85
C CYS A 187 13.82 -0.98 40.01
N CYS A 188 13.16 -2.12 39.83
CA CYS A 188 11.79 -2.15 39.35
C CYS A 188 10.93 -2.91 40.36
N PRO A 189 9.96 -2.26 41.04
CA PRO A 189 9.20 -2.91 42.12
C PRO A 189 8.23 -4.04 41.76
N GLU A 190 8.03 -4.31 40.46
CA GLU A 190 7.13 -5.37 40.04
C GLU A 190 7.99 -6.62 39.82
N ALA A 191 7.37 -7.79 39.75
CA ALA A 191 8.11 -9.04 39.82
C ALA A 191 7.80 -9.90 38.61
N TYR A 192 8.80 -10.62 38.13
CA TYR A 192 8.65 -11.50 36.99
C TYR A 192 8.44 -12.93 37.47
N GLU A 193 7.75 -13.71 36.67
CA GLU A 193 7.28 -15.03 37.04
C GLU A 193 7.88 -16.04 36.06
N ASP A 194 8.93 -16.75 36.51
CA ASP A 194 9.89 -17.43 35.64
C ASP A 194 9.91 -18.92 35.95
N VAL A 195 10.60 -19.69 35.10
CA VAL A 195 10.68 -21.14 35.25
C VAL A 195 12.16 -21.50 35.36
N GLU A 196 12.51 -22.23 36.42
CA GLU A 196 13.84 -22.81 36.59
C GLU A 196 13.80 -24.24 36.06
N VAL A 197 14.59 -24.47 35.01
CA VAL A 197 14.79 -25.79 34.45
C VAL A 197 16.16 -26.24 34.95
N SER A 198 16.16 -27.33 35.75
CA SER A 198 17.38 -27.92 36.28
C SER A 198 17.67 -29.20 35.51
N LEU A 199 18.79 -29.24 34.79
CA LEU A 199 19.11 -30.37 33.93
C LEU A 199 20.24 -31.15 34.60
N ASN A 200 19.91 -32.37 34.98
CA ASN A 200 20.84 -33.21 35.73
C ASN A 200 21.29 -34.30 34.78
N PHE A 201 22.53 -34.18 34.32
CA PHE A 201 23.06 -35.05 33.29
C PHE A 201 24.51 -35.37 33.63
N ARG A 202 25.04 -36.43 33.01
CA ARG A 202 26.44 -36.79 33.19
C ARG A 202 26.95 -37.47 31.91
N LYS A 203 28.27 -37.44 31.69
CA LYS A 203 28.91 -38.17 30.61
C LYS A 203 28.69 -39.68 30.77
N LYS A 204 28.64 -40.44 29.68
CA LYS A 204 28.14 -41.80 29.75
C LYS A 204 29.26 -42.76 30.12
N GLY A 205 30.35 -42.73 29.33
CA GLY A 205 31.43 -43.72 29.39
C GLY A 205 30.96 -45.13 29.78
N PHE B 1 -8.10 3.85 27.82
CA PHE B 1 -7.94 3.04 26.57
C PHE B 1 -7.07 1.83 26.88
N ASP B 2 -7.54 0.66 26.44
CA ASP B 2 -6.80 -0.59 26.59
C ASP B 2 -5.42 -0.52 25.94
N ARG B 3 -4.60 -1.56 26.25
CA ARG B 3 -3.27 -1.76 25.69
C ARG B 3 -3.28 -1.75 24.16
N ALA B 4 -4.24 -2.47 23.56
CA ALA B 4 -4.32 -2.68 22.13
C ALA B 4 -4.50 -1.35 21.38
N ASP B 5 -5.12 -0.37 22.05
CA ASP B 5 -5.29 0.96 21.47
C ASP B 5 -3.99 1.75 21.61
N ILE B 6 -3.35 1.61 22.77
CA ILE B 6 -2.19 2.42 23.06
C ILE B 6 -1.08 1.99 22.12
N LEU B 7 -1.05 0.69 21.82
CA LEU B 7 0.00 0.10 21.00
C LEU B 7 -0.22 0.48 19.54
N TYR B 8 -1.49 0.69 19.16
CA TYR B 8 -1.90 1.11 17.83
C TYR B 8 -1.55 2.58 17.64
N ASN B 9 -1.87 3.41 18.63
CA ASN B 9 -1.49 4.81 18.56
C ASN B 9 0.02 4.95 18.41
N ILE B 10 0.78 4.16 19.20
CA ILE B 10 2.23 4.24 19.18
C ILE B 10 2.78 3.93 17.76
N ARG B 11 2.35 2.80 17.19
CA ARG B 11 2.86 2.31 15.91
C ARG B 11 2.60 3.34 14.81
N GLN B 12 1.40 3.94 14.79
CA GLN B 12 0.97 4.78 13.68
C GLN B 12 1.54 6.20 13.77
N THR B 13 1.93 6.65 14.95
CA THR B 13 2.39 8.01 15.14
C THR B 13 3.80 8.05 15.74
N SER B 14 4.31 6.93 16.26
CA SER B 14 5.72 6.85 16.63
C SER B 14 6.58 7.07 15.38
N ARG B 15 7.29 8.20 15.35
CA ARG B 15 8.19 8.53 14.26
C ARG B 15 9.57 8.09 14.71
N PRO B 16 9.92 6.82 14.47
CA PRO B 16 11.11 6.22 15.06
C PRO B 16 12.41 6.83 14.53
N ASP B 17 12.26 7.64 13.46
CA ASP B 17 13.38 8.29 12.78
C ASP B 17 13.67 9.67 13.39
N VAL B 18 12.87 10.09 14.39
CA VAL B 18 12.88 11.47 14.85
C VAL B 18 13.28 11.53 16.34
N ILE B 19 14.31 12.32 16.66
CA ILE B 19 14.83 12.40 18.01
C ILE B 19 13.82 13.24 18.78
N PRO B 20 13.26 12.76 19.90
CA PRO B 20 12.27 13.56 20.63
C PRO B 20 12.90 14.73 21.36
N THR B 21 13.75 15.54 20.72
CA THR B 21 14.25 16.74 21.38
C THR B 21 13.05 17.59 21.74
N GLN B 22 12.97 17.95 23.02
CA GLN B 22 11.87 18.77 23.52
C GLN B 22 12.40 20.19 23.69
N ARG B 23 11.82 21.09 22.88
CA ARG B 23 12.14 22.51 22.83
C ARG B 23 13.58 22.64 22.32
N ASP B 24 14.41 23.40 23.05
CA ASP B 24 15.79 23.61 22.65
C ASP B 24 16.59 22.34 22.96
N ARG B 25 16.53 21.91 24.22
CA ARG B 25 17.56 21.15 24.92
C ARG B 25 17.76 19.74 24.38
N PRO B 26 18.90 19.09 24.71
CA PRO B 26 19.19 17.73 24.21
C PRO B 26 18.31 16.69 24.88
N VAL B 27 18.29 15.46 24.33
CA VAL B 27 17.59 14.34 24.94
C VAL B 27 18.48 13.67 25.99
N ALA B 28 18.02 13.63 27.25
CA ALA B 28 18.78 13.05 28.35
C ALA B 28 18.63 11.53 28.35
N VAL B 29 19.73 10.82 28.09
CA VAL B 29 19.72 9.37 28.00
C VAL B 29 20.54 8.80 29.15
N SER B 30 19.88 8.00 30.01
CA SER B 30 20.55 7.24 31.05
C SER B 30 21.03 5.91 30.49
N VAL B 31 22.33 5.63 30.67
CA VAL B 31 22.92 4.35 30.33
C VAL B 31 23.64 3.81 31.55
N SER B 32 23.28 2.58 31.96
CA SER B 32 24.02 1.87 32.98
C SER B 32 24.15 0.41 32.57
N LEU B 33 25.40 -0.07 32.50
CA LEU B 33 25.67 -1.46 32.15
C LEU B 33 25.56 -2.30 33.41
N LYS B 34 25.07 -3.54 33.23
CA LYS B 34 25.11 -4.55 34.26
C LYS B 34 25.78 -5.79 33.69
N PHE B 35 26.97 -6.11 34.17
CA PHE B 35 27.69 -7.26 33.65
C PHE B 35 27.00 -8.51 34.16
N ILE B 36 26.79 -9.44 33.23
CA ILE B 36 26.22 -10.75 33.53
C ILE B 36 27.33 -11.80 33.46
N ASN B 37 28.32 -11.56 32.58
CA ASN B 37 29.33 -12.56 32.36
C ASN B 37 30.56 -11.95 31.70
N ILE B 38 31.70 -12.60 31.98
CA ILE B 38 32.94 -12.43 31.25
C ILE B 38 33.34 -13.82 30.74
N LEU B 39 33.65 -13.96 29.44
CA LEU B 39 33.50 -15.24 28.75
C LEU B 39 34.78 -15.73 28.08
N GLU B 40 35.64 -14.80 27.65
CA GLU B 40 36.88 -15.20 27.01
C GLU B 40 37.80 -14.00 27.08
N VAL B 41 38.92 -14.13 27.77
CA VAL B 41 39.84 -13.02 27.93
C VAL B 41 41.18 -13.37 27.28
N ASN B 42 41.78 -12.40 26.59
CA ASN B 42 43.08 -12.60 25.98
C ASN B 42 43.96 -11.41 26.29
N GLU B 43 44.83 -11.59 27.28
CA GLU B 43 45.78 -10.59 27.73
C GLU B 43 46.83 -10.34 26.65
N ILE B 44 46.99 -11.28 25.70
CA ILE B 44 47.91 -11.07 24.59
C ILE B 44 47.33 -10.05 23.61
N THR B 45 46.07 -10.26 23.20
CA THR B 45 45.42 -9.45 22.18
C THR B 45 44.74 -8.21 22.79
N ASN B 46 44.63 -8.19 24.13
CA ASN B 46 43.89 -7.15 24.85
C ASN B 46 42.42 -7.19 24.47
N GLU B 47 41.86 -8.41 24.34
CA GLU B 47 40.50 -8.61 23.89
C GLU B 47 39.67 -9.18 25.03
N VAL B 48 38.38 -8.81 25.09
CA VAL B 48 37.41 -9.41 25.99
C VAL B 48 36.07 -9.59 25.29
N ASP B 49 35.38 -10.67 25.67
CA ASP B 49 34.05 -11.01 25.20
C ASP B 49 33.14 -10.99 26.43
N VAL B 50 32.10 -10.16 26.42
CA VAL B 50 31.35 -9.79 27.60
C VAL B 50 29.85 -9.80 27.31
N VAL B 51 29.09 -10.27 28.31
CA VAL B 51 27.64 -10.22 28.29
C VAL B 51 27.19 -9.20 29.32
N PHE B 52 26.38 -8.23 28.88
CA PHE B 52 25.92 -7.18 29.77
C PHE B 52 24.51 -6.75 29.42
N TRP B 53 23.81 -6.29 30.46
CA TRP B 53 22.50 -5.66 30.36
C TRP B 53 22.72 -4.16 30.31
N GLN B 54 22.23 -3.55 29.23
CA GLN B 54 22.37 -2.13 28.96
C GLN B 54 21.06 -1.45 29.35
N GLN B 55 20.85 -1.23 30.65
CA GLN B 55 19.72 -0.45 31.13
C GLN B 55 19.75 0.93 30.47
N THR B 56 18.72 1.22 29.65
CA THR B 56 18.66 2.50 28.94
C THR B 56 17.27 3.11 29.12
N THR B 57 17.25 4.44 29.19
CA THR B 57 16.13 5.16 29.78
C THR B 57 16.09 6.56 29.18
N TRP B 58 14.94 6.98 28.68
CA TRP B 58 14.83 8.34 28.16
C TRP B 58 13.37 8.72 28.04
N SER B 59 13.13 10.00 27.72
CA SER B 59 11.79 10.56 27.61
C SER B 59 11.48 10.95 26.16
N ASP B 60 10.44 10.29 25.62
CA ASP B 60 9.77 10.69 24.39
C ASP B 60 8.33 11.06 24.76
N ARG B 61 8.07 12.37 24.85
CA ARG B 61 6.76 12.88 25.20
C ARG B 61 5.68 12.45 24.19
N THR B 62 6.09 12.13 22.95
CA THR B 62 5.14 11.80 21.91
C THR B 62 4.49 10.44 22.16
N LEU B 63 5.02 9.61 23.07
CA LEU B 63 4.44 8.32 23.37
C LEU B 63 3.45 8.41 24.53
N ALA B 64 3.46 9.55 25.24
CA ALA B 64 2.67 9.81 26.43
C ALA B 64 1.18 9.48 26.24
N TRP B 65 0.55 9.04 27.34
CA TRP B 65 -0.91 8.92 27.43
C TRP B 65 -1.37 9.15 28.86
N ASN B 66 -2.68 9.30 28.99
CA ASN B 66 -3.31 9.45 30.28
C ASN B 66 -3.75 8.08 30.76
N SER B 67 -3.06 7.58 31.80
CA SER B 67 -3.62 6.47 32.55
C SER B 67 -4.46 7.03 33.71
N SER B 68 -5.78 7.11 33.50
CA SER B 68 -6.72 7.13 34.62
C SER B 68 -7.44 5.77 34.64
N HIS B 69 -8.05 5.40 33.50
CA HIS B 69 -8.42 4.01 33.23
C HIS B 69 -7.58 3.51 32.07
N SER B 70 -6.29 3.27 32.34
CA SER B 70 -5.35 2.77 31.36
C SER B 70 -4.17 2.12 32.07
N PRO B 71 -3.51 1.13 31.45
CA PRO B 71 -2.19 0.66 31.92
C PRO B 71 -1.21 1.80 32.18
N ASP B 72 -0.25 1.61 33.09
CA ASP B 72 0.85 2.56 33.24
C ASP B 72 1.95 2.32 32.20
N GLN B 73 2.01 1.10 31.63
CA GLN B 73 3.10 0.65 30.80
C GLN B 73 2.67 -0.37 29.75
N VAL B 74 3.24 -0.26 28.55
CA VAL B 74 3.13 -1.37 27.62
C VAL B 74 4.51 -1.73 27.10
N SER B 75 4.60 -2.92 26.52
CA SER B 75 5.81 -3.41 25.86
C SER B 75 5.75 -3.10 24.37
N VAL B 76 6.75 -2.39 23.86
CA VAL B 76 6.72 -1.91 22.48
C VAL B 76 7.94 -2.43 21.72
N PRO B 77 7.78 -2.92 20.47
CA PRO B 77 8.94 -3.22 19.61
C PRO B 77 9.70 -1.93 19.34
N ILE B 78 11.05 -1.98 19.36
CA ILE B 78 11.90 -0.81 19.14
C ILE B 78 11.82 -0.34 17.68
N SER B 79 11.43 -1.25 16.78
CA SER B 79 11.09 -0.90 15.43
C SER B 79 10.07 0.23 15.38
N SER B 80 9.09 0.25 16.30
CA SER B 80 8.06 1.28 16.35
C SER B 80 8.45 2.44 17.29
N LEU B 81 9.74 2.60 17.56
CA LEU B 81 10.17 3.62 18.51
C LEU B 81 11.47 4.25 18.03
N TRP B 82 11.60 5.57 18.24
CA TRP B 82 12.92 6.17 18.28
C TRP B 82 13.74 5.56 19.43
N VAL B 83 14.93 5.07 19.08
CA VAL B 83 15.92 4.60 20.04
C VAL B 83 17.19 5.42 19.86
N PRO B 84 17.94 5.73 20.94
CA PRO B 84 19.27 6.35 20.81
C PRO B 84 20.25 5.47 20.03
N ASP B 85 21.05 6.08 19.16
CA ASP B 85 21.93 5.34 18.26
C ASP B 85 23.24 5.00 18.97
N LEU B 86 23.18 4.16 20.02
CA LEU B 86 24.33 3.91 20.88
C LEU B 86 25.35 3.01 20.18
N ALA B 87 26.63 3.34 20.39
CA ALA B 87 27.75 2.55 19.89
C ALA B 87 28.78 2.43 20.98
N ALA B 88 29.36 1.25 21.12
CA ALA B 88 30.49 1.09 21.99
C ALA B 88 31.72 1.38 21.14
N TYR B 89 32.40 2.49 21.40
CA TYR B 89 33.34 3.10 20.47
C TYR B 89 34.58 2.23 20.26
N ASN B 90 34.81 1.34 21.25
CA ASN B 90 35.97 0.47 21.34
C ASN B 90 35.55 -0.98 21.22
N ALA B 91 34.36 -1.21 20.65
CA ALA B 91 33.91 -2.55 20.30
C ALA B 91 34.62 -3.05 19.04
N ILE B 92 34.86 -4.37 18.94
CA ILE B 92 35.49 -4.96 17.77
C ILE B 92 34.66 -6.10 17.17
N SER B 93 33.39 -6.25 17.59
CA SER B 93 32.42 -7.05 16.85
C SER B 93 31.05 -6.40 16.99
N LYS B 94 30.05 -6.89 16.24
CA LYS B 94 28.76 -6.22 16.24
C LYS B 94 27.98 -6.69 17.46
N PRO B 95 27.05 -5.89 18.03
CA PRO B 95 26.31 -6.30 19.22
C PRO B 95 25.45 -7.49 18.85
N GLU B 96 25.60 -8.59 19.58
CA GLU B 96 24.72 -9.74 19.48
C GLU B 96 23.70 -9.60 20.61
N VAL B 97 22.49 -9.11 20.28
CA VAL B 97 21.40 -9.00 21.24
C VAL B 97 20.80 -10.38 21.54
N LEU B 98 20.84 -10.82 22.79
CA LEU B 98 20.40 -12.18 23.10
C LEU B 98 18.90 -12.22 23.49
N THR B 99 18.16 -11.08 23.41
CA THR B 99 16.83 -10.98 23.98
C THR B 99 15.82 -10.46 22.97
N PRO B 100 14.51 -10.69 23.18
CA PRO B 100 13.48 -10.05 22.37
C PRO B 100 13.72 -8.54 22.32
N GLN B 101 13.50 -7.92 21.14
CA GLN B 101 13.77 -6.51 20.93
C GLN B 101 12.54 -5.66 21.26
N LEU B 102 12.10 -5.78 22.51
CA LEU B 102 10.94 -5.11 23.03
C LEU B 102 11.40 -4.17 24.12
N ALA B 103 10.88 -2.94 24.11
CA ALA B 103 11.17 -1.96 25.13
C ALA B 103 9.89 -1.75 25.90
N ARG B 104 9.94 -0.85 26.88
CA ARG B 104 8.88 -0.69 27.83
C ARG B 104 8.61 0.80 27.98
N VAL B 105 7.35 1.18 27.71
CA VAL B 105 6.92 2.56 27.66
C VAL B 105 6.00 2.82 28.84
N VAL B 106 6.39 3.80 29.67
CA VAL B 106 5.56 4.33 30.73
C VAL B 106 4.60 5.36 30.13
N SER B 107 3.50 5.65 30.83
CA SER B 107 2.45 6.50 30.26
C SER B 107 2.92 7.95 30.18
N ASP B 108 3.80 8.33 31.11
CA ASP B 108 4.36 9.67 31.09
C ASP B 108 5.44 9.84 30.03
N GLY B 109 5.70 8.82 29.20
CA GLY B 109 6.58 9.00 28.05
C GLY B 109 7.98 8.39 28.22
N GLU B 110 8.35 8.05 29.45
CA GLU B 110 9.65 7.45 29.66
C GLU B 110 9.68 6.06 29.01
N VAL B 111 10.81 5.74 28.38
CA VAL B 111 11.06 4.43 27.80
C VAL B 111 12.17 3.71 28.58
N LEU B 112 11.94 2.42 28.80
CA LEU B 112 12.92 1.57 29.46
C LEU B 112 13.25 0.43 28.49
N TYR B 113 14.48 0.44 28.00
CA TYR B 113 14.95 -0.57 27.08
C TYR B 113 16.21 -1.19 27.70
N MET B 114 16.31 -2.53 27.69
CA MET B 114 17.36 -3.21 28.42
C MET B 114 17.69 -4.52 27.70
N PRO B 115 18.48 -4.49 26.61
CA PRO B 115 18.87 -5.71 25.92
C PRO B 115 20.07 -6.31 26.62
N SER B 116 20.18 -7.64 26.53
CA SER B 116 21.34 -8.39 26.91
C SER B 116 22.19 -8.52 25.66
N ILE B 117 23.44 -8.05 25.74
CA ILE B 117 24.32 -7.95 24.59
C ILE B 117 25.60 -8.76 24.83
N ARG B 118 25.95 -9.62 23.86
CA ARG B 118 27.29 -10.18 23.76
C ARG B 118 28.11 -9.36 22.76
N GLN B 119 29.33 -8.99 23.16
CA GLN B 119 30.17 -8.16 22.30
C GLN B 119 31.61 -8.17 22.78
N ARG B 120 32.56 -8.17 21.81
CA ARG B 120 34.00 -8.17 22.04
C ARG B 120 34.56 -6.75 22.05
N PHE B 121 35.47 -6.47 23.00
CA PHE B 121 36.05 -5.13 23.09
C PHE B 121 37.57 -5.18 23.03
N SER B 122 38.15 -4.06 22.63
CA SER B 122 39.57 -3.83 22.79
C SER B 122 39.74 -2.96 24.02
N CYS B 123 40.49 -3.49 25.00
CA CYS B 123 40.71 -2.78 26.25
C CYS B 123 41.77 -3.47 27.10
N ASP B 124 42.01 -2.86 28.25
CA ASP B 124 43.18 -3.17 29.06
C ASP B 124 42.92 -4.41 29.88
N VAL B 125 43.46 -5.56 29.41
CA VAL B 125 43.27 -6.84 30.05
C VAL B 125 44.44 -7.15 30.98
N SER B 126 45.49 -6.31 30.96
CA SER B 126 46.73 -6.61 31.66
C SER B 126 46.47 -6.68 33.15
N GLY B 127 46.88 -7.79 33.77
CA GLY B 127 46.87 -7.95 35.22
C GLY B 127 45.61 -8.66 35.67
N VAL B 128 45.07 -9.50 34.81
CA VAL B 128 43.78 -10.11 34.99
C VAL B 128 43.93 -11.35 35.86
N ASP B 129 45.19 -11.75 36.04
CA ASP B 129 45.52 -12.91 36.86
C ASP B 129 46.17 -12.46 38.16
N THR B 130 46.22 -11.14 38.41
CA THR B 130 46.85 -10.62 39.62
C THR B 130 45.75 -10.40 40.65
N GLU B 131 46.15 -9.91 41.84
CA GLU B 131 45.21 -9.58 42.91
C GLU B 131 44.34 -8.39 42.51
N SER B 132 44.98 -7.31 42.07
CA SER B 132 44.30 -6.04 41.92
C SER B 132 43.42 -6.08 40.67
N GLY B 133 43.75 -7.03 39.77
CA GLY B 133 42.94 -7.35 38.61
C GLY B 133 43.19 -6.42 37.44
N ALA B 134 42.48 -6.66 36.33
CA ALA B 134 42.48 -5.83 35.14
C ALA B 134 41.36 -4.78 35.19
N THR B 135 41.54 -3.63 34.50
CA THR B 135 40.50 -2.61 34.36
C THR B 135 40.22 -2.28 32.88
N CYS B 136 39.17 -2.90 32.36
CA CYS B 136 38.69 -2.70 31.00
C CYS B 136 37.71 -1.52 31.01
N ARG B 137 38.05 -0.47 30.27
CA ARG B 137 37.19 0.69 30.05
C ARG B 137 36.38 0.46 28.77
N ILE B 138 35.06 0.61 28.88
CA ILE B 138 34.17 0.49 27.74
C ILE B 138 33.45 1.82 27.60
N LYS B 139 33.56 2.40 26.40
CA LYS B 139 33.13 3.75 26.12
C LYS B 139 31.89 3.64 25.25
N ILE B 140 30.71 4.04 25.76
CA ILE B 140 29.48 3.91 24.98
C ILE B 140 28.92 5.31 24.75
N GLY B 141 28.51 5.60 23.53
CA GLY B 141 28.02 6.93 23.21
C GLY B 141 27.14 6.90 21.96
N SER B 142 26.41 8.00 21.73
CA SER B 142 25.70 8.23 20.47
C SER B 142 26.67 8.18 19.29
N TRP B 143 26.25 7.57 18.19
CA TRP B 143 27.08 7.49 16.99
C TRP B 143 26.92 8.72 16.11
N THR B 144 25.72 9.34 16.06
CA THR B 144 25.50 10.45 15.14
C THR B 144 25.13 11.76 15.86
N HIS B 145 24.69 11.70 17.13
CA HIS B 145 24.14 12.84 17.85
C HIS B 145 25.15 13.38 18.87
N HIS B 146 25.57 14.62 18.62
CA HIS B 146 26.51 15.32 19.47
C HIS B 146 25.79 15.86 20.70
N SER B 147 26.52 16.59 21.54
CA SER B 147 26.10 16.85 22.91
C SER B 147 24.91 17.80 22.92
N ARG B 148 24.73 18.62 21.88
CA ARG B 148 23.55 19.49 21.82
C ARG B 148 22.28 18.66 21.59
N GLU B 149 22.42 17.42 21.09
CA GLU B 149 21.29 16.57 20.73
C GLU B 149 21.08 15.41 21.70
N ILE B 150 22.20 14.82 22.20
CA ILE B 150 22.11 13.76 23.20
C ILE B 150 23.16 13.95 24.29
N SER B 151 22.70 13.97 25.53
CA SER B 151 23.61 13.85 26.67
C SER B 151 23.38 12.50 27.35
N VAL B 152 24.47 11.74 27.61
CA VAL B 152 24.37 10.50 28.36
C VAL B 152 24.64 10.76 29.85
N ASP B 153 23.93 10.03 30.70
CA ASP B 153 24.22 9.98 32.13
C ASP B 153 24.11 8.55 32.64
N PRO B 154 24.99 8.09 33.56
CA PRO B 154 24.70 6.88 34.35
C PRO B 154 23.76 7.25 35.50
N THR B 155 23.23 6.22 36.17
CA THR B 155 22.44 6.41 37.37
C THR B 155 23.03 5.54 38.49
N THR B 156 23.42 6.20 39.58
CA THR B 156 24.03 5.54 40.72
C THR B 156 23.07 4.51 41.31
N SER B 162 27.43 -5.68 39.14
CA SER B 162 27.89 -6.96 39.72
C SER B 162 26.69 -7.88 40.00
N GLU B 163 25.71 -7.34 40.74
CA GLU B 163 24.58 -8.05 41.35
C GLU B 163 23.85 -9.06 40.45
N TYR B 164 24.04 -9.04 39.13
CA TYR B 164 23.39 -10.03 38.28
C TYR B 164 24.48 -10.84 37.57
N PHE B 165 25.72 -10.69 38.05
CA PHE B 165 26.85 -11.42 37.51
C PHE B 165 26.74 -12.91 37.82
N SER B 166 27.17 -13.74 36.87
CA SER B 166 27.15 -15.18 36.99
C SER B 166 28.26 -15.67 37.92
N GLN B 167 27.85 -16.31 39.01
CA GLN B 167 28.79 -16.91 39.94
C GLN B 167 29.59 -17.99 39.19
N TYR B 168 28.97 -18.56 38.16
CA TYR B 168 29.58 -19.64 37.39
C TYR B 168 30.54 -19.08 36.35
N SER B 169 30.81 -17.77 36.40
CA SER B 169 31.90 -17.19 35.64
C SER B 169 33.25 -17.64 36.19
N ARG B 170 34.29 -17.64 35.35
CA ARG B 170 35.66 -17.91 35.79
C ARG B 170 36.32 -16.64 36.27
N PHE B 171 35.62 -15.52 36.16
CA PHE B 171 36.19 -14.23 36.54
C PHE B 171 35.29 -13.66 37.63
N GLU B 172 35.72 -12.53 38.19
CA GLU B 172 34.92 -11.95 39.24
C GLU B 172 35.21 -10.47 39.24
N ILE B 173 34.14 -9.70 39.47
CA ILE B 173 34.20 -8.26 39.36
C ILE B 173 34.66 -7.74 40.71
N LEU B 174 35.74 -6.97 40.70
CA LEU B 174 36.13 -6.30 41.91
C LEU B 174 35.38 -4.99 42.01
N ASP B 175 35.03 -4.39 40.87
CA ASP B 175 34.37 -3.09 40.91
C ASP B 175 33.94 -2.68 39.50
N VAL B 176 32.92 -1.80 39.47
CA VAL B 176 32.43 -1.17 38.26
C VAL B 176 32.15 0.29 38.58
N THR B 177 32.64 1.23 37.75
CA THR B 177 32.38 2.65 37.99
C THR B 177 31.99 3.27 36.67
N GLN B 178 31.09 4.27 36.73
CA GLN B 178 30.58 4.90 35.52
C GLN B 178 30.69 6.41 35.65
N LYS B 179 31.53 7.02 34.79
CA LYS B 179 31.64 8.47 34.65
C LYS B 179 31.25 8.91 33.23
N LYS B 180 30.91 10.20 33.08
CA LYS B 180 30.60 10.83 31.79
C LYS B 180 31.87 11.42 31.19
N ASN B 181 31.97 11.41 29.86
CA ASN B 181 33.07 12.05 29.14
C ASN B 181 32.54 12.69 27.88
N SER B 182 33.18 13.79 27.44
CA SER B 182 32.73 14.57 26.29
C SER B 182 33.87 14.75 25.29
N VAL B 183 33.86 13.95 24.21
CA VAL B 183 35.01 13.87 23.32
C VAL B 183 34.77 14.62 22.00
N THR B 184 35.82 15.33 21.56
CA THR B 184 35.82 16.06 20.30
C THR B 184 36.93 15.51 19.40
N TYR B 185 36.61 15.25 18.13
CA TYR B 185 37.58 14.87 17.09
C TYR B 185 37.96 16.06 16.19
N SER B 186 39.11 15.92 15.52
CA SER B 186 39.77 17.02 14.84
C SER B 186 38.99 17.48 13.61
N CYS B 187 38.25 16.56 12.99
CA CYS B 187 37.58 16.85 11.73
C CYS B 187 36.43 17.80 11.95
N CYS B 188 35.87 17.78 13.15
CA CYS B 188 34.47 18.10 13.37
C CYS B 188 34.31 18.87 14.67
N PRO B 189 33.65 20.04 14.64
CA PRO B 189 33.64 20.92 15.82
C PRO B 189 32.64 20.53 16.91
N GLU B 190 32.04 19.35 16.81
CA GLU B 190 31.02 18.95 17.75
C GLU B 190 31.63 18.03 18.80
N ALA B 191 31.18 18.20 20.05
CA ALA B 191 31.54 17.33 21.17
C ALA B 191 30.45 16.26 21.38
N TYR B 192 30.90 15.03 21.60
CA TYR B 192 30.03 13.89 21.84
C TYR B 192 30.14 13.52 23.31
N GLU B 193 29.06 12.95 23.87
CA GLU B 193 29.13 12.47 25.23
C GLU B 193 29.19 10.94 25.21
N ASP B 194 29.89 10.39 26.18
CA ASP B 194 29.84 8.95 26.38
C ASP B 194 29.84 8.69 27.88
N VAL B 195 29.31 7.51 28.23
CA VAL B 195 29.58 6.87 29.50
C VAL B 195 30.75 5.91 29.33
N GLU B 196 31.74 6.07 30.22
CA GLU B 196 32.92 5.21 30.31
C GLU B 196 32.77 4.32 31.54
N VAL B 197 32.63 3.02 31.29
CA VAL B 197 32.40 2.06 32.35
C VAL B 197 33.71 1.33 32.59
N SER B 198 34.27 1.43 33.80
CA SER B 198 35.49 0.69 34.12
C SER B 198 35.18 -0.61 34.86
N LEU B 199 35.52 -1.74 34.23
CA LEU B 199 35.17 -3.08 34.71
C LEU B 199 36.39 -3.73 35.36
N ASN B 200 36.51 -3.56 36.68
CA ASN B 200 37.63 -4.08 37.44
C ASN B 200 37.33 -5.53 37.83
N PHE B 201 37.94 -6.48 37.09
CA PHE B 201 37.73 -7.91 37.26
C PHE B 201 39.07 -8.61 37.30
N ARG B 202 39.06 -9.88 37.78
CA ARG B 202 40.22 -10.76 37.70
C ARG B 202 39.77 -12.22 37.52
N LYS B 203 40.73 -13.10 37.23
CA LYS B 203 40.47 -14.53 37.15
C LYS B 203 40.37 -15.10 38.57
N LYS B 204 39.36 -15.95 38.80
CA LYS B 204 39.15 -16.56 40.10
C LYS B 204 40.19 -17.66 40.31
N PHE C 1 11.90 25.19 10.00
CA PHE C 1 11.37 23.80 9.98
C PHE C 1 11.92 23.06 11.18
N ASP C 2 11.20 22.03 11.63
CA ASP C 2 11.65 21.17 12.71
C ASP C 2 12.30 19.91 12.13
N ARG C 3 12.98 19.15 12.99
CA ARG C 3 13.65 17.94 12.56
C ARG C 3 12.64 16.98 11.93
N ALA C 4 11.47 16.91 12.55
CA ALA C 4 10.44 16.00 12.11
C ALA C 4 10.02 16.30 10.66
N ASP C 5 9.85 17.57 10.28
CA ASP C 5 9.40 17.86 8.92
C ASP C 5 10.49 17.49 7.91
N ILE C 6 11.75 17.73 8.28
CA ILE C 6 12.88 17.51 7.39
C ILE C 6 13.03 16.03 7.07
N LEU C 7 12.92 15.19 8.09
CA LEU C 7 13.03 13.75 7.94
C LEU C 7 11.86 13.18 7.17
N TYR C 8 10.65 13.69 7.40
CA TYR C 8 9.49 13.36 6.57
C TYR C 8 9.76 13.67 5.10
N ASN C 9 10.33 14.85 4.81
CA ASN C 9 10.53 15.28 3.43
C ASN C 9 11.62 14.48 2.72
N ILE C 10 12.68 14.13 3.48
CA ILE C 10 13.76 13.29 3.00
C ILE C 10 13.24 11.87 2.79
N ARG C 11 12.53 11.34 3.77
CA ARG C 11 12.05 9.99 3.61
C ARG C 11 11.15 9.92 2.38
N GLN C 12 10.33 10.95 2.15
CA GLN C 12 9.25 10.84 1.18
C GLN C 12 9.73 11.03 -0.27
N THR C 13 10.82 11.80 -0.48
CA THR C 13 11.22 12.18 -1.83
C THR C 13 12.57 11.58 -2.21
N SER C 14 13.13 10.72 -1.34
CA SER C 14 14.50 10.30 -1.53
C SER C 14 14.54 9.07 -2.43
N ARG C 15 15.60 9.05 -3.25
CA ARG C 15 15.83 8.08 -4.30
C ARG C 15 17.13 7.36 -4.01
N PRO C 16 17.15 6.28 -3.19
CA PRO C 16 18.40 5.59 -2.84
C PRO C 16 19.15 4.98 -4.01
N ASP C 17 18.40 4.68 -5.08
CA ASP C 17 18.93 3.99 -6.24
C ASP C 17 19.55 4.99 -7.19
N VAL C 18 19.52 6.29 -6.85
CA VAL C 18 19.75 7.35 -7.82
C VAL C 18 21.01 8.14 -7.46
N ILE C 19 21.99 8.11 -8.37
CA ILE C 19 23.23 8.81 -8.09
C ILE C 19 22.96 10.31 -8.26
N PRO C 20 23.27 11.16 -7.25
CA PRO C 20 22.95 12.59 -7.31
C PRO C 20 23.98 13.31 -8.18
N THR C 21 24.00 12.96 -9.47
CA THR C 21 24.81 13.70 -10.42
C THR C 21 24.08 15.00 -10.80
N GLN C 22 24.90 16.03 -10.95
CA GLN C 22 24.52 17.42 -11.17
C GLN C 22 24.93 17.74 -12.61
N ARG C 23 24.00 17.59 -13.56
CA ARG C 23 24.26 17.98 -14.94
C ARG C 23 25.31 17.04 -15.53
N ASP C 24 25.30 15.78 -15.08
CA ASP C 24 26.23 14.74 -15.54
C ASP C 24 27.69 15.08 -15.24
N ARG C 25 27.93 16.11 -14.40
CA ARG C 25 29.18 16.25 -13.70
C ARG C 25 29.22 15.21 -12.57
N PRO C 26 30.38 14.57 -12.32
CA PRO C 26 30.47 13.46 -11.36
C PRO C 26 30.29 13.85 -9.89
N VAL C 27 29.75 12.92 -9.10
CA VAL C 27 29.60 13.11 -7.67
C VAL C 27 30.96 12.97 -6.96
N ALA C 28 31.45 14.07 -6.37
CA ALA C 28 32.73 14.08 -5.68
C ALA C 28 32.61 13.42 -4.33
N VAL C 29 33.20 12.24 -4.18
CA VAL C 29 33.16 11.51 -2.92
C VAL C 29 34.53 11.68 -2.24
N SER C 30 34.51 12.23 -1.03
CA SER C 30 35.67 12.23 -0.15
C SER C 30 35.67 10.96 0.70
N VAL C 31 36.84 10.33 0.83
CA VAL C 31 36.98 9.18 1.70
C VAL C 31 38.21 9.38 2.59
N SER C 32 38.14 8.81 3.79
CA SER C 32 39.23 8.88 4.75
C SER C 32 39.03 7.76 5.79
N LEU C 33 39.90 6.75 5.68
CA LEU C 33 40.02 5.68 6.65
C LEU C 33 40.85 6.16 7.83
N LYS C 34 40.21 6.26 9.01
CA LYS C 34 40.85 6.44 10.29
C LYS C 34 40.85 5.09 10.98
N PHE C 35 42.05 4.48 11.17
CA PHE C 35 42.14 3.14 11.76
C PHE C 35 41.99 3.20 13.28
N ILE C 36 41.30 2.20 13.86
CA ILE C 36 41.07 2.09 15.31
C ILE C 36 41.90 0.93 15.86
N ASN C 37 41.90 -0.18 15.15
CA ASN C 37 42.56 -1.35 15.66
C ASN C 37 43.11 -2.15 14.48
N ILE C 38 44.14 -2.95 14.79
CA ILE C 38 44.61 -4.04 13.97
C ILE C 38 44.51 -5.31 14.81
N LEU C 39 43.78 -6.30 14.33
CA LEU C 39 43.32 -7.36 15.20
C LEU C 39 43.99 -8.68 14.91
N GLU C 40 44.44 -8.89 13.68
CA GLU C 40 45.10 -10.14 13.38
C GLU C 40 45.89 -9.92 12.10
N VAL C 41 47.16 -10.33 12.15
CA VAL C 41 48.06 -10.33 11.02
C VAL C 41 48.63 -11.74 10.84
N ASN C 42 49.06 -12.08 9.64
CA ASN C 42 49.64 -13.37 9.38
C ASN C 42 50.62 -13.25 8.20
N GLU C 43 51.93 -13.32 8.51
CA GLU C 43 52.98 -13.05 7.56
C GLU C 43 53.11 -14.21 6.57
N ILE C 44 52.70 -15.40 7.00
CA ILE C 44 52.68 -16.52 6.08
C ILE C 44 51.67 -16.19 4.99
N THR C 45 50.40 -15.88 5.37
CA THR C 45 49.29 -15.81 4.42
C THR C 45 49.08 -14.39 3.84
N ASN C 46 49.80 -13.38 4.32
CA ASN C 46 49.55 -12.00 3.91
C ASN C 46 48.07 -11.63 4.08
N GLU C 47 47.57 -11.76 5.32
CA GLU C 47 46.20 -11.38 5.68
C GLU C 47 46.20 -10.51 6.94
N VAL C 48 45.32 -9.50 6.96
CA VAL C 48 45.15 -8.68 8.14
C VAL C 48 43.65 -8.53 8.43
N ASP C 49 43.33 -8.57 9.72
CA ASP C 49 42.01 -8.22 10.24
C ASP C 49 42.11 -6.85 10.89
N VAL C 50 41.25 -5.90 10.50
CA VAL C 50 41.40 -4.53 10.92
C VAL C 50 40.03 -3.88 11.18
N VAL C 51 40.04 -2.81 11.99
CA VAL C 51 38.85 -2.03 12.25
C VAL C 51 39.23 -0.60 11.93
N PHE C 52 38.35 0.06 11.19
CA PHE C 52 38.56 1.45 10.84
C PHE C 52 37.18 2.11 10.72
N TRP C 53 37.18 3.41 11.00
CA TRP C 53 36.12 4.33 10.64
C TRP C 53 36.34 4.88 9.24
N GLN C 54 35.43 4.55 8.32
CA GLN C 54 35.50 5.02 6.96
C GLN C 54 34.66 6.29 6.79
N GLN C 55 35.31 7.46 6.92
CA GLN C 55 34.63 8.74 6.80
C GLN C 55 34.31 9.05 5.34
N THR C 56 33.03 8.99 4.97
CA THR C 56 32.65 9.31 3.61
C THR C 56 31.88 10.64 3.59
N THR C 57 32.00 11.39 2.49
CA THR C 57 31.52 12.77 2.34
C THR C 57 31.19 13.02 0.88
N TRP C 58 29.95 13.46 0.58
CA TRP C 58 29.53 13.78 -0.77
C TRP C 58 28.39 14.80 -0.74
N SER C 59 28.00 15.30 -1.91
CA SER C 59 26.91 16.25 -2.00
C SER C 59 25.66 15.62 -2.62
N ASP C 60 24.49 15.98 -2.09
CA ASP C 60 23.22 15.59 -2.64
C ASP C 60 22.25 16.72 -2.30
N ARG C 61 22.38 17.79 -3.10
CA ARG C 61 21.65 19.04 -2.96
C ARG C 61 20.14 18.83 -3.03
N THR C 62 19.70 17.66 -3.53
CA THR C 62 18.29 17.31 -3.48
C THR C 62 17.81 17.06 -2.05
N LEU C 63 18.68 17.14 -1.04
CA LEU C 63 18.24 16.97 0.35
C LEU C 63 18.38 18.29 1.11
N ALA C 64 18.68 19.37 0.39
CA ALA C 64 18.94 20.63 1.08
C ALA C 64 17.65 21.13 1.73
N TRP C 65 17.80 22.10 2.64
CA TRP C 65 16.68 22.87 3.11
C TRP C 65 17.17 24.23 3.59
N ASN C 66 16.23 25.06 4.03
CA ASN C 66 16.47 26.42 4.45
C ASN C 66 16.84 26.38 5.93
N SER C 67 18.10 26.67 6.21
CA SER C 67 18.64 26.65 7.57
C SER C 67 18.09 27.79 8.43
N SER C 68 17.28 28.67 7.83
CA SER C 68 16.96 29.99 8.40
C SER C 68 16.58 29.91 9.89
N HIS C 69 15.43 29.30 10.17
CA HIS C 69 15.03 29.06 11.55
C HIS C 69 14.82 27.55 11.69
N SER C 70 15.86 26.81 11.29
CA SER C 70 15.80 25.36 11.24
C SER C 70 17.08 24.74 11.79
N PRO C 71 17.11 23.41 11.97
CA PRO C 71 18.34 22.67 12.24
C PRO C 71 19.26 22.64 11.04
N ASP C 72 20.55 22.77 11.35
CA ASP C 72 21.62 22.76 10.36
C ASP C 72 21.87 21.32 9.92
N GLN C 73 21.56 20.36 10.82
CA GLN C 73 21.85 18.96 10.59
C GLN C 73 20.82 18.07 11.24
N VAL C 74 20.64 16.89 10.62
CA VAL C 74 19.82 15.82 11.17
C VAL C 74 20.47 14.47 10.85
N SER C 75 20.13 13.43 11.63
CA SER C 75 20.53 12.05 11.34
C SER C 75 19.49 11.34 10.48
N VAL C 76 19.97 10.60 9.49
CA VAL C 76 19.12 9.91 8.55
C VAL C 76 19.64 8.49 8.41
N PRO C 77 18.75 7.49 8.42
CA PRO C 77 19.17 6.13 8.09
C PRO C 77 19.74 6.22 6.68
N ILE C 78 20.77 5.43 6.40
CA ILE C 78 21.38 5.45 5.06
C ILE C 78 20.47 4.73 4.07
N SER C 79 19.57 3.86 4.55
CA SER C 79 18.62 3.18 3.69
C SER C 79 17.60 4.13 3.04
N SER C 80 17.57 5.41 3.44
CA SER C 80 16.78 6.42 2.76
C SER C 80 17.62 7.32 1.84
N LEU C 81 18.93 7.09 1.75
CA LEU C 81 19.79 7.94 0.93
C LEU C 81 20.43 7.09 -0.16
N TRP C 82 20.86 7.78 -1.21
CA TRP C 82 21.88 7.22 -2.07
C TRP C 82 23.17 7.20 -1.27
N VAL C 83 23.88 6.08 -1.38
CA VAL C 83 25.20 5.96 -0.81
C VAL C 83 26.19 5.48 -1.87
N PRO C 84 27.43 6.06 -1.89
CA PRO C 84 28.57 5.50 -2.61
C PRO C 84 28.62 3.98 -2.57
N ASP C 85 28.75 3.37 -3.76
CA ASP C 85 28.83 1.92 -3.89
C ASP C 85 30.28 1.50 -3.73
N LEU C 86 30.84 1.71 -2.53
CA LEU C 86 32.27 1.53 -2.34
C LEU C 86 32.55 0.05 -2.05
N ALA C 87 33.64 -0.45 -2.66
CA ALA C 87 34.19 -1.75 -2.38
C ALA C 87 35.70 -1.61 -2.23
N ALA C 88 36.28 -2.49 -1.38
CA ALA C 88 37.73 -2.65 -1.22
C ALA C 88 38.17 -3.80 -2.11
N TYR C 89 38.95 -3.49 -3.15
CA TYR C 89 39.17 -4.45 -4.23
C TYR C 89 39.92 -5.65 -3.68
N ASN C 90 40.72 -5.44 -2.63
CA ASN C 90 41.51 -6.51 -2.07
C ASN C 90 41.01 -6.95 -0.70
N ALA C 91 39.68 -6.93 -0.49
CA ALA C 91 39.08 -7.55 0.68
C ALA C 91 38.87 -9.05 0.49
N ILE C 92 38.96 -9.79 1.60
CA ILE C 92 38.79 -11.22 1.56
C ILE C 92 37.68 -11.62 2.54
N SER C 93 37.12 -10.64 3.25
CA SER C 93 35.91 -10.84 4.01
C SER C 93 34.94 -9.71 3.67
N LYS C 94 33.65 -9.94 3.97
CA LYS C 94 32.65 -8.91 3.74
C LYS C 94 32.73 -7.94 4.90
N PRO C 95 32.36 -6.65 4.69
CA PRO C 95 32.56 -5.64 5.71
C PRO C 95 31.58 -5.83 6.85
N GLU C 96 32.08 -6.05 8.06
CA GLU C 96 31.22 -6.08 9.23
C GLU C 96 31.04 -4.64 9.67
N VAL C 97 29.82 -4.11 9.55
CA VAL C 97 29.52 -2.76 10.02
C VAL C 97 29.10 -2.85 11.47
N LEU C 98 29.85 -2.19 12.35
CA LEU C 98 29.71 -2.39 13.78
C LEU C 98 28.73 -1.38 14.39
N THR C 99 28.42 -0.31 13.63
CA THR C 99 27.80 0.88 14.20
C THR C 99 26.40 1.10 13.61
N PRO C 100 25.56 1.97 14.21
CA PRO C 100 24.27 2.30 13.63
C PRO C 100 24.41 2.86 12.22
N GLN C 101 23.67 2.27 11.28
CA GLN C 101 23.69 2.70 9.89
C GLN C 101 22.92 4.01 9.67
N LEU C 102 23.43 5.09 10.30
CA LEU C 102 22.88 6.41 10.20
C LEU C 102 23.95 7.28 9.60
N ALA C 103 23.51 8.35 8.96
CA ALA C 103 24.38 9.32 8.40
C ALA C 103 23.87 10.70 8.78
N ARG C 104 24.75 11.67 8.60
CA ARG C 104 24.41 13.05 8.88
C ARG C 104 24.14 13.76 7.54
N VAL C 105 23.01 14.50 7.47
CA VAL C 105 22.65 15.31 6.33
C VAL C 105 22.63 16.76 6.78
N VAL C 106 23.44 17.61 6.12
CA VAL C 106 23.59 19.02 6.45
C VAL C 106 22.61 19.78 5.55
N SER C 107 22.20 21.00 5.94
CA SER C 107 21.11 21.70 5.26
C SER C 107 21.52 22.16 3.86
N ASP C 108 22.83 22.18 3.54
CA ASP C 108 23.24 22.46 2.17
C ASP C 108 23.30 21.17 1.37
N GLY C 109 22.81 20.07 1.96
CA GLY C 109 22.74 18.81 1.26
C GLY C 109 24.03 17.99 1.39
N GLU C 110 24.97 18.45 2.21
CA GLU C 110 26.18 17.69 2.47
C GLU C 110 25.76 16.46 3.28
N VAL C 111 26.17 15.27 2.84
CA VAL C 111 26.03 14.02 3.58
C VAL C 111 27.35 13.66 4.25
N LEU C 112 27.27 13.16 5.48
CA LEU C 112 28.45 12.70 6.21
C LEU C 112 28.13 11.32 6.77
N TYR C 113 28.63 10.27 6.12
CA TYR C 113 28.53 8.90 6.62
C TYR C 113 29.89 8.44 7.14
N MET C 114 29.96 7.97 8.40
CA MET C 114 31.15 7.36 8.97
C MET C 114 30.82 6.06 9.72
N PRO C 115 30.83 4.88 9.04
CA PRO C 115 30.67 3.61 9.74
C PRO C 115 32.02 3.12 10.23
N SER C 116 32.01 2.47 11.41
CA SER C 116 33.12 1.68 11.90
C SER C 116 32.99 0.29 11.26
N ILE C 117 34.00 -0.10 10.48
CA ILE C 117 33.94 -1.30 9.68
C ILE C 117 35.03 -2.23 10.19
N ARG C 118 34.78 -3.54 10.09
CA ARG C 118 35.78 -4.55 10.41
C ARG C 118 35.91 -5.53 9.26
N GLN C 119 37.12 -5.66 8.70
CA GLN C 119 37.30 -6.42 7.47
C GLN C 119 38.71 -7.00 7.38
N ARG C 120 38.81 -8.10 6.64
CA ARG C 120 40.07 -8.77 6.40
C ARG C 120 40.56 -8.49 4.99
N PHE C 121 41.87 -8.20 4.85
CA PHE C 121 42.48 -7.81 3.59
C PHE C 121 43.68 -8.70 3.23
N SER C 122 43.88 -8.85 1.92
CA SER C 122 45.00 -9.54 1.34
C SER C 122 46.01 -8.49 0.90
N CYS C 123 47.09 -8.35 1.69
CA CYS C 123 48.08 -7.29 1.52
C CYS C 123 49.46 -7.75 2.00
N ASP C 124 50.47 -6.90 1.71
CA ASP C 124 51.86 -7.14 2.07
C ASP C 124 52.10 -6.92 3.56
N VAL C 125 52.25 -8.05 4.26
CA VAL C 125 52.39 -8.08 5.71
C VAL C 125 53.86 -8.23 6.13
N SER C 126 54.76 -8.55 5.17
CA SER C 126 56.18 -8.80 5.41
C SER C 126 56.85 -7.57 6.03
N GLY C 127 57.75 -7.84 7.00
CA GLY C 127 58.50 -6.81 7.69
C GLY C 127 57.78 -6.33 8.95
N VAL C 128 56.77 -7.09 9.39
CA VAL C 128 55.82 -6.56 10.37
C VAL C 128 56.53 -6.50 11.72
N ASP C 129 57.49 -7.40 11.95
CA ASP C 129 58.24 -7.44 13.19
C ASP C 129 59.55 -6.68 13.08
N THR C 130 59.67 -5.77 12.09
CA THR C 130 60.89 -5.01 11.93
C THR C 130 60.61 -3.56 12.36
N GLU C 131 61.61 -2.68 12.23
CA GLU C 131 61.51 -1.31 12.73
C GLU C 131 60.93 -0.37 11.68
N SER C 132 61.05 -0.75 10.41
CA SER C 132 60.40 0.00 9.35
C SER C 132 58.95 -0.48 9.21
N GLY C 133 58.65 -1.63 9.84
CA GLY C 133 57.31 -2.20 9.87
C GLY C 133 56.86 -2.76 8.52
N ALA C 134 55.60 -3.23 8.49
CA ALA C 134 54.92 -3.63 7.28
C ALA C 134 54.23 -2.43 6.63
N THR C 135 53.96 -2.53 5.32
CA THR C 135 53.10 -1.61 4.60
C THR C 135 52.03 -2.40 3.86
N CYS C 136 50.80 -2.40 4.44
CA CYS C 136 49.65 -3.09 3.88
C CYS C 136 48.82 -2.08 3.10
N ARG C 137 48.53 -2.39 1.83
CA ARG C 137 47.88 -1.46 0.91
C ARG C 137 46.44 -1.90 0.67
N ILE C 138 45.49 -0.97 0.91
CA ILE C 138 44.07 -1.24 0.72
C ILE C 138 43.55 -0.30 -0.36
N LYS C 139 42.95 -0.85 -1.41
CA LYS C 139 42.42 -0.03 -2.52
C LYS C 139 40.90 0.07 -2.39
N ILE C 140 40.39 1.33 -2.35
CA ILE C 140 38.96 1.58 -2.17
C ILE C 140 38.42 2.44 -3.32
N GLY C 141 37.32 2.00 -3.95
CA GLY C 141 36.59 2.83 -4.91
C GLY C 141 35.26 2.20 -5.34
N SER C 142 34.46 2.92 -6.14
CA SER C 142 33.15 2.44 -6.56
C SER C 142 33.28 1.14 -7.33
N TRP C 143 32.29 0.27 -7.21
CA TRP C 143 32.26 -1.01 -7.91
C TRP C 143 31.64 -0.90 -9.32
N THR C 144 30.83 0.13 -9.60
CA THR C 144 30.11 0.15 -10.87
C THR C 144 30.07 1.54 -11.47
N HIS C 145 30.69 2.54 -10.84
CA HIS C 145 30.68 3.90 -11.37
C HIS C 145 32.10 4.34 -11.72
N HIS C 146 32.35 4.46 -13.03
CA HIS C 146 33.59 5.05 -13.55
C HIS C 146 33.64 6.54 -13.19
N SER C 147 34.65 7.26 -13.67
CA SER C 147 35.08 8.50 -13.04
C SER C 147 34.34 9.72 -13.58
N ARG C 148 33.43 9.51 -14.52
CA ARG C 148 32.53 10.58 -14.94
C ARG C 148 31.23 10.49 -14.11
N GLU C 149 31.13 9.51 -13.20
CA GLU C 149 29.95 9.29 -12.38
C GLU C 149 30.26 9.60 -10.92
N ILE C 150 31.38 9.09 -10.41
CA ILE C 150 31.86 9.32 -9.05
C ILE C 150 33.33 9.67 -9.12
N SER C 151 33.75 10.76 -8.47
CA SER C 151 35.17 10.99 -8.28
C SER C 151 35.53 10.89 -6.79
N VAL C 152 36.30 9.84 -6.46
CA VAL C 152 36.77 9.59 -5.10
C VAL C 152 38.01 10.44 -4.85
N ASP C 153 38.06 11.14 -3.73
CA ASP C 153 39.23 11.93 -3.40
C ASP C 153 39.61 11.74 -1.93
N PRO C 154 40.90 11.47 -1.61
CA PRO C 154 41.34 11.37 -0.21
C PRO C 154 41.51 12.73 0.45
N THR C 155 41.03 12.88 1.69
CA THR C 155 40.92 14.20 2.31
C THR C 155 42.28 14.60 2.87
N THR C 156 43.19 13.61 2.97
CA THR C 156 44.22 13.52 4.00
C THR C 156 44.38 14.88 4.68
N GLU C 157 43.76 14.98 5.87
CA GLU C 157 43.23 16.23 6.40
C GLU C 157 44.12 16.75 7.54
N SER C 162 45.49 7.72 14.08
CA SER C 162 46.43 8.10 15.17
C SER C 162 45.69 8.65 16.40
N GLU C 163 44.93 9.75 16.25
CA GLU C 163 44.06 10.24 17.32
C GLU C 163 42.97 9.20 17.67
N TYR C 164 42.77 8.24 16.77
CA TYR C 164 41.58 7.42 16.78
C TYR C 164 41.95 6.01 17.27
N PHE C 165 43.23 5.63 17.11
CA PHE C 165 43.68 4.25 17.16
C PHE C 165 43.87 3.77 18.60
N SER C 166 43.60 2.48 18.79
CA SER C 166 43.59 1.85 20.11
C SER C 166 44.98 1.86 20.76
N GLN C 167 45.05 2.43 21.97
CA GLN C 167 46.27 2.30 22.75
C GLN C 167 46.47 0.87 23.27
N TYR C 168 45.59 -0.10 22.93
CA TYR C 168 45.68 -1.43 23.50
C TYR C 168 46.00 -2.47 22.44
N SER C 169 46.05 -2.06 21.17
CA SER C 169 46.51 -2.94 20.10
C SER C 169 47.91 -3.49 20.41
N ARG C 170 48.15 -4.75 19.99
CA ARG C 170 49.48 -5.30 19.85
C ARG C 170 50.31 -4.56 18.81
N PHE C 171 49.64 -3.88 17.86
CA PHE C 171 50.32 -3.23 16.76
C PHE C 171 50.38 -1.72 16.98
N GLU C 172 51.23 -1.07 16.19
CA GLU C 172 51.34 0.37 16.24
C GLU C 172 51.44 0.90 14.81
N ILE C 173 50.88 2.10 14.60
CA ILE C 173 50.75 2.68 13.28
C ILE C 173 51.87 3.70 13.14
N LEU C 174 52.60 3.62 12.01
CA LEU C 174 53.82 4.41 11.82
C LEU C 174 53.48 5.60 10.97
N ASP C 175 52.61 5.37 9.97
CA ASP C 175 52.07 6.42 9.13
C ASP C 175 50.93 5.82 8.29
N VAL C 176 49.94 6.66 7.95
CA VAL C 176 48.93 6.33 6.96
C VAL C 176 48.97 7.36 5.83
N THR C 177 49.08 6.90 4.58
CA THR C 177 48.99 7.82 3.44
C THR C 177 47.95 7.28 2.48
N GLN C 178 47.29 8.21 1.80
CA GLN C 178 46.25 7.85 0.86
C GLN C 178 46.45 8.65 -0.42
N LYS C 179 46.45 8.00 -1.60
CA LYS C 179 46.50 8.71 -2.87
C LYS C 179 45.57 8.11 -3.93
N LYS C 180 45.02 8.99 -4.77
CA LYS C 180 44.16 8.59 -5.87
C LYS C 180 44.97 7.83 -6.94
N ASN C 181 44.42 6.68 -7.39
CA ASN C 181 44.84 6.00 -8.61
C ASN C 181 43.74 6.08 -9.68
N SER C 182 44.11 6.32 -10.95
CA SER C 182 43.16 6.24 -12.05
C SER C 182 43.77 5.60 -13.29
N VAL C 183 42.94 4.77 -13.97
CA VAL C 183 43.35 3.88 -15.05
C VAL C 183 42.34 3.91 -16.19
N THR C 184 42.84 4.05 -17.42
CA THR C 184 42.09 3.77 -18.64
C THR C 184 42.51 2.43 -19.23
N TYR C 185 41.56 1.48 -19.36
CA TYR C 185 41.74 0.27 -20.16
C TYR C 185 41.07 0.47 -21.51
N SER C 186 41.55 -0.31 -22.51
CA SER C 186 41.33 -0.04 -23.92
C SER C 186 39.92 -0.44 -24.38
N CYS C 187 39.38 -1.51 -23.78
CA CYS C 187 37.98 -1.85 -23.92
C CYS C 187 37.08 -0.62 -23.88
N CYS C 188 37.26 0.23 -22.85
CA CYS C 188 36.20 1.13 -22.40
C CYS C 188 36.73 2.57 -22.36
N PRO C 189 35.97 3.58 -22.83
CA PRO C 189 36.53 4.92 -22.97
C PRO C 189 36.73 5.61 -21.62
N GLU C 190 36.44 4.86 -20.54
CA GLU C 190 36.19 5.46 -19.24
C GLU C 190 37.39 5.19 -18.35
N ALA C 191 37.80 6.22 -17.60
CA ALA C 191 38.79 6.07 -16.54
C ALA C 191 38.08 5.67 -15.25
N TYR C 192 38.65 4.68 -14.58
CA TYR C 192 38.25 4.24 -13.26
C TYR C 192 39.25 4.82 -12.26
N GLU C 193 38.74 5.17 -11.08
CA GLU C 193 39.55 5.71 -10.01
C GLU C 193 39.58 4.73 -8.85
N ASP C 194 40.55 4.92 -7.95
CA ASP C 194 40.52 4.26 -6.66
C ASP C 194 41.29 5.13 -5.67
N VAL C 195 41.09 4.90 -4.36
CA VAL C 195 41.92 5.52 -3.32
C VAL C 195 42.76 4.41 -2.75
N GLU C 196 44.08 4.63 -2.71
CA GLU C 196 45.02 3.64 -2.23
C GLU C 196 45.46 4.07 -0.85
N VAL C 197 45.22 3.20 0.13
CA VAL C 197 45.46 3.47 1.54
C VAL C 197 46.60 2.58 2.01
N SER C 198 47.68 3.25 2.41
CA SER C 198 48.94 2.61 2.75
C SER C 198 49.09 2.62 4.26
N LEU C 199 48.80 1.48 4.86
CA LEU C 199 48.91 1.34 6.30
C LEU C 199 50.31 0.84 6.63
N ASN C 200 51.17 1.74 7.14
CA ASN C 200 52.51 1.37 7.59
C ASN C 200 52.53 1.14 9.12
N PHE C 201 52.44 -0.14 9.54
CA PHE C 201 52.32 -0.50 10.95
C PHE C 201 53.41 -1.53 11.31
N ARG C 202 53.72 -1.67 12.60
CA ARG C 202 54.63 -2.73 13.06
C ARG C 202 54.18 -3.25 14.41
N LYS C 203 54.65 -4.46 14.77
CA LYS C 203 54.34 -4.98 16.09
C LYS C 203 55.04 -4.12 17.16
N LYS C 204 54.32 -3.88 18.26
CA LYS C 204 54.88 -3.24 19.43
C LYS C 204 55.83 -4.18 20.16
N GLY C 205 56.62 -3.61 21.08
CA GLY C 205 57.40 -4.37 22.06
C GLY C 205 56.93 -4.07 23.48
N PHE D 1 15.95 12.07 -21.26
CA PHE D 1 15.73 11.26 -20.02
C PHE D 1 16.98 11.37 -19.17
N ASP D 2 16.80 11.39 -17.85
CA ASP D 2 17.95 11.39 -16.97
C ASP D 2 17.95 10.08 -16.17
N ARG D 3 19.02 9.88 -15.37
CA ARG D 3 19.22 8.66 -14.60
C ARG D 3 18.02 8.40 -13.71
N ALA D 4 17.52 9.45 -13.06
CA ALA D 4 16.38 9.32 -12.17
C ALA D 4 15.17 8.73 -12.92
N ASP D 5 15.00 9.02 -14.22
CA ASP D 5 13.82 8.55 -14.92
C ASP D 5 14.03 7.17 -15.53
N ILE D 6 15.29 6.85 -15.87
CA ILE D 6 15.62 5.54 -16.40
C ILE D 6 15.50 4.50 -15.29
N LEU D 7 15.98 4.86 -14.10
CA LEU D 7 16.00 3.96 -12.96
C LEU D 7 14.56 3.74 -12.50
N TYR D 8 13.74 4.79 -12.59
CA TYR D 8 12.34 4.72 -12.17
C TYR D 8 11.59 3.76 -13.09
N ASN D 9 11.73 3.99 -14.40
CA ASN D 9 11.15 3.12 -15.42
C ASN D 9 11.57 1.67 -15.20
N ILE D 10 12.88 1.44 -14.96
CA ILE D 10 13.39 0.09 -14.66
C ILE D 10 12.75 -0.44 -13.38
N ARG D 11 12.80 0.32 -12.29
CA ARG D 11 12.21 -0.14 -11.05
C ARG D 11 10.75 -0.57 -11.25
N GLN D 12 9.97 0.11 -12.11
CA GLN D 12 8.53 -0.08 -12.09
C GLN D 12 8.05 -1.14 -13.08
N THR D 13 8.80 -1.40 -14.14
CA THR D 13 8.36 -2.28 -15.21
C THR D 13 9.32 -3.45 -15.45
N SER D 14 10.57 -3.36 -15.00
CA SER D 14 11.35 -4.59 -14.86
C SER D 14 10.41 -5.63 -14.28
N ARG D 15 10.74 -6.89 -14.46
CA ARG D 15 9.90 -7.95 -13.94
C ARG D 15 10.86 -9.00 -13.42
N PRO D 16 11.41 -8.83 -12.20
CA PRO D 16 12.59 -9.57 -11.77
C PRO D 16 12.43 -11.08 -11.77
N ASP D 17 11.17 -11.54 -11.73
CA ASP D 17 10.84 -12.95 -11.66
C ASP D 17 10.82 -13.58 -13.05
N VAL D 18 10.68 -12.75 -14.08
CA VAL D 18 10.43 -13.23 -15.42
C VAL D 18 11.71 -13.25 -16.26
N ILE D 19 12.11 -14.47 -16.66
CA ILE D 19 13.27 -14.68 -17.50
C ILE D 19 13.03 -14.01 -18.84
N PRO D 20 13.95 -13.14 -19.33
CA PRO D 20 13.71 -12.40 -20.57
C PRO D 20 13.92 -13.30 -21.78
N THR D 21 13.07 -14.33 -21.91
CA THR D 21 13.13 -15.25 -23.05
C THR D 21 12.56 -14.54 -24.28
N GLN D 22 13.27 -14.68 -25.41
CA GLN D 22 12.83 -14.21 -26.71
C GLN D 22 12.55 -15.41 -27.61
N ARG D 23 11.30 -15.52 -28.07
CA ARG D 23 10.90 -16.46 -29.11
C ARG D 23 11.25 -17.87 -28.65
N ASP D 24 11.03 -18.13 -27.36
CA ASP D 24 11.39 -19.40 -26.73
C ASP D 24 12.75 -19.90 -27.21
N ARG D 25 13.67 -18.97 -27.51
CA ARG D 25 15.07 -19.32 -27.58
C ARG D 25 15.58 -19.29 -26.14
N PRO D 26 16.56 -20.15 -25.77
CA PRO D 26 17.33 -19.98 -24.54
C PRO D 26 17.76 -18.53 -24.27
N VAL D 27 17.85 -18.15 -23.00
CA VAL D 27 18.58 -16.93 -22.68
C VAL D 27 20.05 -17.29 -22.54
N ALA D 28 20.89 -16.65 -23.38
CA ALA D 28 22.32 -16.88 -23.45
C ALA D 28 23.02 -16.00 -22.41
N VAL D 29 23.60 -16.66 -21.39
CA VAL D 29 24.23 -16.05 -20.24
C VAL D 29 25.70 -16.40 -20.31
N SER D 30 26.59 -15.43 -20.02
CA SER D 30 28.02 -15.61 -20.16
C SER D 30 28.69 -15.36 -18.82
N VAL D 31 29.24 -16.44 -18.26
CA VAL D 31 29.96 -16.46 -16.99
C VAL D 31 31.44 -16.69 -17.28
N SER D 32 32.28 -15.77 -16.81
CA SER D 32 33.70 -16.03 -16.71
C SER D 32 34.13 -15.73 -15.28
N LEU D 33 34.78 -16.72 -14.66
CA LEU D 33 35.30 -16.52 -13.33
C LEU D 33 36.70 -15.92 -13.47
N LYS D 34 36.97 -14.90 -12.65
CA LYS D 34 38.27 -14.26 -12.59
C LYS D 34 38.76 -14.36 -11.15
N PHE D 35 39.88 -15.06 -10.93
CA PHE D 35 40.28 -15.43 -9.58
C PHE D 35 41.13 -14.34 -8.95
N ILE D 36 40.74 -13.90 -7.74
CA ILE D 36 41.44 -12.86 -6.99
C ILE D 36 42.42 -13.46 -5.98
N ASN D 37 42.01 -14.57 -5.35
CA ASN D 37 42.79 -15.17 -4.28
C ASN D 37 42.34 -16.61 -4.03
N ILE D 38 43.28 -17.39 -3.46
CA ILE D 38 43.04 -18.74 -2.97
C ILE D 38 43.41 -18.68 -1.48
N LEU D 39 42.51 -19.04 -0.58
CA LEU D 39 42.69 -18.61 0.80
C LEU D 39 43.02 -19.77 1.71
N GLU D 40 42.25 -20.84 1.62
CA GLU D 40 42.67 -22.09 2.23
C GLU D 40 42.60 -23.14 1.13
N VAL D 41 43.39 -24.17 1.36
CA VAL D 41 43.41 -25.36 0.53
C VAL D 41 43.75 -26.48 1.51
N ASN D 42 43.19 -27.65 1.27
CA ASN D 42 43.33 -28.75 2.19
C ASN D 42 43.40 -30.02 1.37
N GLU D 43 44.56 -30.66 1.34
CA GLU D 43 44.71 -31.79 0.43
C GLU D 43 44.02 -33.02 1.03
N ILE D 44 43.87 -33.03 2.35
CA ILE D 44 43.29 -34.19 3.00
C ILE D 44 41.81 -34.24 2.64
N THR D 45 41.09 -33.10 2.71
CA THR D 45 39.63 -33.08 2.59
C THR D 45 39.18 -32.74 1.16
N ASN D 46 40.10 -32.26 0.31
CA ASN D 46 39.75 -31.89 -1.06
C ASN D 46 38.81 -30.67 -1.05
N GLU D 47 39.23 -29.60 -0.37
CA GLU D 47 38.46 -28.37 -0.22
C GLU D 47 39.34 -27.14 -0.44
N VAL D 48 38.79 -26.14 -1.10
CA VAL D 48 39.46 -24.88 -1.29
C VAL D 48 38.50 -23.79 -0.85
N ASP D 49 39.08 -22.68 -0.40
CA ASP D 49 38.35 -21.50 -0.05
C ASP D 49 38.89 -20.41 -0.97
N VAL D 50 38.05 -19.94 -1.92
CA VAL D 50 38.53 -19.03 -2.94
C VAL D 50 37.67 -17.76 -2.99
N VAL D 51 38.26 -16.71 -3.55
CA VAL D 51 37.61 -15.43 -3.80
C VAL D 51 37.71 -15.17 -5.30
N PHE D 52 36.60 -14.76 -5.93
CA PHE D 52 36.67 -14.46 -7.34
C PHE D 52 35.59 -13.47 -7.78
N TRP D 53 35.81 -12.86 -8.97
CA TRP D 53 34.82 -11.99 -9.58
C TRP D 53 34.06 -12.79 -10.62
N GLN D 54 32.72 -12.78 -10.48
CA GLN D 54 31.83 -13.60 -11.30
C GLN D 54 31.20 -12.73 -12.39
N GLN D 55 31.93 -12.65 -13.51
CA GLN D 55 31.57 -11.83 -14.63
C GLN D 55 30.40 -12.50 -15.37
N THR D 56 29.24 -11.84 -15.31
CA THR D 56 28.00 -12.42 -15.78
C THR D 56 27.29 -11.38 -16.63
N THR D 57 27.07 -11.69 -17.92
CA THR D 57 26.48 -10.76 -18.86
C THR D 57 25.33 -11.47 -19.55
N TRP D 58 24.28 -10.71 -19.88
CA TRP D 58 23.17 -11.23 -20.66
C TRP D 58 22.42 -10.05 -21.25
N SER D 59 21.35 -10.38 -21.98
CA SER D 59 20.50 -9.40 -22.64
C SER D 59 19.07 -9.51 -22.10
N ASP D 60 18.49 -8.37 -21.68
CA ASP D 60 17.09 -8.28 -21.27
C ASP D 60 16.46 -7.04 -21.90
N ARG D 61 15.57 -7.26 -22.86
CA ARG D 61 15.09 -6.21 -23.75
C ARG D 61 14.11 -5.28 -23.03
N THR D 62 13.47 -5.80 -21.97
CA THR D 62 12.48 -5.00 -21.24
C THR D 62 13.17 -3.85 -20.51
N LEU D 63 14.52 -3.85 -20.43
CA LEU D 63 15.24 -2.78 -19.74
C LEU D 63 15.55 -1.65 -20.70
N ALA D 64 15.52 -1.89 -22.01
CA ALA D 64 16.13 -1.01 -22.98
C ALA D 64 15.52 0.39 -22.95
N TRP D 65 16.27 1.38 -23.42
CA TRP D 65 15.69 2.70 -23.63
C TRP D 65 16.35 3.39 -24.83
N ASN D 66 15.67 4.42 -25.39
CA ASN D 66 16.25 5.25 -26.43
C ASN D 66 17.31 6.14 -25.79
N SER D 67 18.57 6.02 -26.24
CA SER D 67 19.69 6.69 -25.59
C SER D 67 20.11 7.91 -26.40
N SER D 68 19.13 8.61 -26.96
CA SER D 68 19.38 9.94 -27.50
C SER D 68 19.19 10.96 -26.38
N HIS D 69 20.25 11.72 -26.10
CA HIS D 69 20.18 12.73 -25.06
C HIS D 69 19.86 12.03 -23.74
N SER D 70 20.28 10.77 -23.66
CA SER D 70 20.13 9.96 -22.48
C SER D 70 21.49 9.40 -22.10
N PRO D 71 21.78 9.19 -20.80
CA PRO D 71 22.78 8.22 -20.39
C PRO D 71 22.73 6.93 -21.22
N ASP D 72 23.88 6.35 -21.53
CA ASP D 72 23.91 5.08 -22.22
C ASP D 72 23.95 3.92 -21.21
N GLN D 73 24.32 4.20 -19.94
CA GLN D 73 24.36 3.17 -18.90
C GLN D 73 23.96 3.71 -17.54
N VAL D 74 23.40 2.83 -16.71
CA VAL D 74 23.02 3.18 -15.35
C VAL D 74 23.32 2.02 -14.43
N SER D 75 23.46 2.31 -13.11
CA SER D 75 23.73 1.28 -12.10
C SER D 75 22.46 0.93 -11.31
N VAL D 76 22.08 -0.36 -11.33
CA VAL D 76 20.76 -0.82 -10.91
C VAL D 76 20.90 -1.89 -9.82
N PRO D 77 20.23 -1.74 -8.65
CA PRO D 77 20.26 -2.80 -7.65
C PRO D 77 19.63 -4.05 -8.27
N ILE D 78 20.16 -5.23 -7.92
CA ILE D 78 19.79 -6.47 -8.60
C ILE D 78 18.40 -6.93 -8.20
N SER D 79 17.87 -6.34 -7.12
CA SER D 79 16.48 -6.55 -6.72
C SER D 79 15.53 -6.07 -7.81
N SER D 80 15.94 -5.08 -8.61
CA SER D 80 15.09 -4.50 -9.64
C SER D 80 15.32 -5.11 -11.02
N LEU D 81 16.15 -6.17 -11.11
CA LEU D 81 16.34 -6.86 -12.38
C LEU D 81 16.15 -8.35 -12.19
N TRP D 82 15.70 -8.98 -13.27
CA TRP D 82 15.88 -10.42 -13.40
C TRP D 82 17.37 -10.71 -13.47
N VAL D 83 17.79 -11.68 -12.66
CA VAL D 83 19.18 -12.11 -12.61
C VAL D 83 19.20 -13.61 -12.78
N PRO D 84 20.20 -14.22 -13.45
CA PRO D 84 20.16 -15.65 -13.69
C PRO D 84 20.43 -16.25 -12.30
N ASP D 85 19.79 -17.39 -12.04
CA ASP D 85 19.83 -18.04 -10.75
C ASP D 85 20.99 -19.03 -10.75
N LEU D 86 22.23 -18.51 -10.89
CA LEU D 86 23.38 -19.37 -11.09
C LEU D 86 23.73 -19.97 -9.74
N ALA D 87 24.31 -21.17 -9.74
CA ALA D 87 24.88 -21.71 -8.52
C ALA D 87 26.10 -22.58 -8.82
N ALA D 88 26.94 -22.69 -7.80
CA ALA D 88 28.10 -23.57 -7.82
C ALA D 88 27.68 -24.95 -7.32
N TYR D 89 27.48 -25.84 -8.29
CA TYR D 89 27.13 -27.24 -8.06
C TYR D 89 27.99 -27.89 -6.99
N ASN D 90 29.30 -27.63 -6.98
CA ASN D 90 30.21 -28.32 -6.07
C ASN D 90 30.61 -27.40 -4.92
N ALA D 91 29.73 -26.44 -4.58
CA ALA D 91 29.97 -25.58 -3.43
C ALA D 91 29.53 -26.25 -2.13
N ILE D 92 30.13 -25.80 -1.03
CA ILE D 92 29.91 -26.39 0.28
C ILE D 92 29.78 -25.30 1.36
N SER D 93 29.87 -24.03 0.96
CA SER D 93 29.48 -22.92 1.81
C SER D 93 28.58 -22.03 0.98
N LYS D 94 27.77 -21.20 1.65
CA LYS D 94 27.00 -20.16 0.98
C LYS D 94 27.93 -19.16 0.32
N PRO D 95 27.55 -18.61 -0.86
CA PRO D 95 28.29 -17.50 -1.49
C PRO D 95 28.32 -16.29 -0.57
N GLU D 96 29.53 -15.79 -0.30
CA GLU D 96 29.73 -14.58 0.47
C GLU D 96 29.96 -13.47 -0.56
N VAL D 97 28.95 -12.62 -0.75
CA VAL D 97 29.05 -11.52 -1.68
C VAL D 97 29.80 -10.39 -1.00
N LEU D 98 30.92 -9.97 -1.58
CA LEU D 98 31.77 -8.98 -0.94
C LEU D 98 31.53 -7.58 -1.52
N THR D 99 30.74 -7.48 -2.60
CA THR D 99 30.63 -6.23 -3.32
C THR D 99 29.21 -5.66 -3.25
N PRO D 100 29.01 -4.33 -3.43
CA PRO D 100 27.68 -3.75 -3.58
C PRO D 100 26.89 -4.59 -4.58
N GLN D 101 25.64 -4.89 -4.25
CA GLN D 101 24.82 -5.71 -5.13
C GLN D 101 24.19 -4.84 -6.21
N LEU D 102 25.04 -4.26 -7.07
CA LEU D 102 24.58 -3.47 -8.19
C LEU D 102 24.97 -4.16 -9.49
N ALA D 103 24.22 -3.85 -10.55
CA ALA D 103 24.49 -4.35 -11.90
C ALA D 103 24.44 -3.15 -12.81
N ARG D 104 25.28 -3.19 -13.84
CA ARG D 104 25.35 -2.13 -14.81
C ARG D 104 24.55 -2.54 -16.03
N VAL D 105 23.78 -1.59 -16.56
CA VAL D 105 22.80 -1.88 -17.59
C VAL D 105 23.03 -0.90 -18.73
N VAL D 106 23.11 -1.44 -19.95
CA VAL D 106 23.30 -0.64 -21.16
C VAL D 106 21.94 -0.45 -21.85
N SER D 107 21.72 0.74 -22.40
CA SER D 107 20.39 1.16 -22.82
C SER D 107 19.77 0.20 -23.84
N ASP D 108 20.61 -0.62 -24.46
CA ASP D 108 20.17 -1.69 -25.34
C ASP D 108 19.75 -2.95 -24.54
N GLY D 109 19.86 -2.89 -23.22
CA GLY D 109 19.36 -3.96 -22.37
C GLY D 109 20.42 -5.01 -22.12
N GLU D 110 21.69 -4.66 -22.35
CA GLU D 110 22.79 -5.54 -22.05
C GLU D 110 23.17 -5.30 -20.59
N VAL D 111 23.48 -6.38 -19.85
CA VAL D 111 23.72 -6.34 -18.41
C VAL D 111 25.06 -7.00 -18.01
N LEU D 112 25.81 -6.30 -17.17
CA LEU D 112 26.99 -6.87 -16.54
C LEU D 112 26.75 -6.90 -15.04
N TYR D 113 26.73 -8.10 -14.46
CA TYR D 113 26.67 -8.27 -13.02
C TYR D 113 27.97 -8.96 -12.60
N MET D 114 28.81 -8.29 -11.80
CA MET D 114 30.10 -8.86 -11.43
C MET D 114 30.38 -8.80 -9.93
N PRO D 115 29.79 -9.68 -9.10
CA PRO D 115 30.10 -9.74 -7.68
C PRO D 115 31.46 -10.39 -7.47
N SER D 116 32.25 -9.78 -6.58
CA SER D 116 33.29 -10.50 -5.86
C SER D 116 32.62 -11.42 -4.85
N ILE D 117 32.86 -12.73 -5.01
CA ILE D 117 32.38 -13.80 -4.13
C ILE D 117 33.55 -14.57 -3.49
N ARG D 118 33.40 -14.83 -2.20
CA ARG D 118 34.20 -15.80 -1.47
C ARG D 118 33.33 -17.03 -1.18
N GLN D 119 33.80 -18.22 -1.58
CA GLN D 119 33.03 -19.45 -1.41
C GLN D 119 33.98 -20.63 -1.22
N ARG D 120 33.44 -21.79 -0.78
CA ARG D 120 34.24 -23.00 -0.62
C ARG D 120 33.68 -24.12 -1.48
N PHE D 121 34.57 -24.92 -2.10
CA PHE D 121 34.17 -25.93 -3.07
C PHE D 121 34.79 -27.28 -2.69
N SER D 122 34.11 -28.35 -3.13
CA SER D 122 34.66 -29.69 -3.10
C SER D 122 35.30 -29.98 -4.44
N CYS D 123 36.64 -30.14 -4.47
CA CYS D 123 37.39 -30.32 -5.72
C CYS D 123 38.74 -31.01 -5.49
N ASP D 124 39.36 -31.48 -6.59
CA ASP D 124 40.60 -32.23 -6.51
C ASP D 124 41.76 -31.28 -6.21
N VAL D 125 42.21 -31.27 -4.96
CA VAL D 125 43.32 -30.41 -4.58
C VAL D 125 44.65 -31.15 -4.72
N SER D 126 44.60 -32.44 -5.12
CA SER D 126 45.79 -33.25 -5.40
C SER D 126 46.80 -32.43 -6.18
N GLY D 127 48.08 -32.52 -5.79
CA GLY D 127 49.17 -31.96 -6.56
C GLY D 127 49.39 -30.47 -6.28
N VAL D 128 48.67 -29.90 -5.31
CA VAL D 128 48.78 -28.49 -5.02
C VAL D 128 50.24 -28.08 -4.76
N ASP D 129 51.00 -28.89 -3.99
CA ASP D 129 52.39 -28.58 -3.66
C ASP D 129 53.38 -29.17 -4.67
N THR D 130 52.93 -29.58 -5.87
CA THR D 130 53.82 -30.00 -6.94
C THR D 130 53.90 -28.89 -7.99
N GLU D 131 54.87 -29.00 -8.91
CA GLU D 131 55.17 -27.96 -9.89
C GLU D 131 54.08 -27.95 -10.98
N SER D 132 53.51 -29.13 -11.24
CA SER D 132 52.41 -29.27 -12.17
C SER D 132 51.13 -28.65 -11.59
N GLY D 133 50.94 -28.80 -10.28
CA GLY D 133 49.83 -28.15 -9.57
C GLY D 133 48.57 -29.00 -9.58
N ALA D 134 47.59 -28.59 -8.74
CA ALA D 134 46.27 -29.20 -8.69
C ALA D 134 45.36 -28.54 -9.73
N THR D 135 44.39 -29.32 -10.25
CA THR D 135 43.34 -28.82 -11.11
C THR D 135 41.99 -29.00 -10.41
N CYS D 136 41.53 -27.91 -9.74
CA CYS D 136 40.22 -27.79 -9.09
C CYS D 136 39.19 -27.32 -10.12
N ARG D 137 38.21 -28.17 -10.46
CA ARG D 137 37.12 -27.82 -11.36
C ARG D 137 35.89 -27.33 -10.58
N ILE D 138 35.40 -26.12 -10.91
CA ILE D 138 34.19 -25.55 -10.32
C ILE D 138 33.13 -25.46 -11.42
N LYS D 139 31.89 -25.84 -11.09
CA LYS D 139 30.79 -25.83 -12.06
C LYS D 139 29.69 -24.87 -11.65
N ILE D 140 29.34 -23.97 -12.56
CA ILE D 140 28.41 -22.86 -12.31
C ILE D 140 27.36 -22.78 -13.43
N GLY D 141 26.11 -23.01 -13.05
CA GLY D 141 24.97 -22.96 -13.94
C GLY D 141 23.66 -22.64 -13.22
N SER D 142 22.59 -22.47 -14.01
CA SER D 142 21.29 -22.11 -13.49
C SER D 142 20.76 -23.20 -12.57
N TRP D 143 20.23 -22.79 -11.42
CA TRP D 143 19.68 -23.77 -10.51
C TRP D 143 18.45 -24.45 -11.13
N THR D 144 17.55 -23.70 -11.78
CA THR D 144 16.20 -24.18 -12.05
C THR D 144 15.84 -24.06 -13.54
N HIS D 145 16.72 -23.45 -14.36
CA HIS D 145 16.46 -23.21 -15.76
C HIS D 145 17.35 -24.16 -16.58
N HIS D 146 16.73 -25.17 -17.18
CA HIS D 146 17.46 -26.08 -18.03
C HIS D 146 17.78 -25.41 -19.38
N SER D 147 18.29 -26.22 -20.32
CA SER D 147 19.05 -25.74 -21.45
C SER D 147 18.14 -25.09 -22.50
N ARG D 148 16.89 -25.53 -22.60
CA ARG D 148 15.99 -24.90 -23.55
C ARG D 148 15.62 -23.49 -23.10
N GLU D 149 16.04 -23.07 -21.88
CA GLU D 149 15.69 -21.78 -21.32
C GLU D 149 16.93 -20.92 -21.01
N ILE D 150 17.97 -21.50 -20.38
CA ILE D 150 19.25 -20.79 -20.18
C ILE D 150 20.37 -21.56 -20.86
N SER D 151 21.11 -20.88 -21.74
CA SER D 151 22.37 -21.40 -22.25
C SER D 151 23.53 -20.62 -21.62
N VAL D 152 24.67 -21.29 -21.40
CA VAL D 152 25.75 -20.74 -20.60
C VAL D 152 27.03 -20.92 -21.39
N ASP D 153 27.77 -19.81 -21.58
CA ASP D 153 28.98 -19.83 -22.38
C ASP D 153 30.02 -18.92 -21.77
N PRO D 154 31.28 -19.42 -21.62
CA PRO D 154 32.41 -18.58 -21.21
C PRO D 154 33.02 -17.74 -22.33
N THR D 155 33.71 -16.67 -21.94
CA THR D 155 34.62 -15.93 -22.80
C THR D 155 36.04 -16.20 -22.32
N THR D 156 36.92 -16.63 -23.24
CA THR D 156 38.35 -16.83 -23.00
C THR D 156 38.58 -17.96 -22.00
N GLU D 157 39.58 -18.82 -22.32
CA GLU D 157 39.68 -20.17 -21.77
C GLU D 157 41.15 -20.59 -21.66
N SER D 162 45.53 -13.79 -14.04
CA SER D 162 46.63 -12.81 -14.20
C SER D 162 46.07 -11.46 -14.68
N GLU D 163 46.46 -10.40 -13.96
CA GLU D 163 45.79 -9.11 -13.94
C GLU D 163 44.74 -9.13 -12.82
N TYR D 164 44.21 -10.32 -12.48
CA TYR D 164 43.26 -10.48 -11.39
C TYR D 164 43.89 -11.04 -10.12
N PHE D 165 44.80 -12.03 -10.28
CA PHE D 165 45.24 -12.84 -9.16
C PHE D 165 46.20 -12.04 -8.29
N SER D 166 45.91 -12.08 -6.98
CA SER D 166 46.67 -11.34 -5.98
C SER D 166 48.11 -11.82 -5.94
N GLN D 167 49.02 -10.87 -5.77
CA GLN D 167 50.43 -11.18 -5.77
C GLN D 167 50.83 -11.74 -4.40
N TYR D 168 49.93 -11.67 -3.39
CA TYR D 168 50.33 -11.96 -2.02
C TYR D 168 49.68 -13.25 -1.52
N SER D 169 48.88 -13.91 -2.37
CA SER D 169 48.40 -15.24 -2.06
C SER D 169 49.61 -16.14 -1.75
N ARG D 170 49.42 -17.16 -0.92
CA ARG D 170 50.47 -18.16 -0.76
C ARG D 170 50.62 -18.95 -2.04
N PHE D 171 49.63 -18.81 -2.95
CA PHE D 171 49.54 -19.67 -4.11
C PHE D 171 49.72 -18.85 -5.38
N GLU D 172 49.83 -19.58 -6.48
CA GLU D 172 49.98 -19.00 -7.80
C GLU D 172 49.13 -19.85 -8.74
N ILE D 173 48.60 -19.20 -9.77
CA ILE D 173 47.79 -19.88 -10.76
C ILE D 173 48.70 -20.24 -11.92
N LEU D 174 48.40 -21.35 -12.58
CA LEU D 174 49.16 -21.77 -13.73
C LEU D 174 48.30 -21.56 -14.97
N ASP D 175 47.07 -22.11 -14.95
CA ASP D 175 46.11 -21.82 -16.00
C ASP D 175 44.70 -21.80 -15.43
N VAL D 176 43.84 -21.02 -16.08
CA VAL D 176 42.41 -21.11 -15.87
C VAL D 176 41.79 -21.36 -17.24
N THR D 177 41.29 -22.59 -17.46
CA THR D 177 40.42 -22.81 -18.59
C THR D 177 38.97 -22.79 -18.08
N GLN D 178 38.04 -22.56 -19.02
CA GLN D 178 36.62 -22.45 -18.75
C GLN D 178 35.88 -23.09 -19.92
N LYS D 179 34.93 -24.00 -19.65
CA LYS D 179 34.38 -24.84 -20.72
C LYS D 179 32.89 -25.13 -20.51
N LYS D 180 32.12 -24.90 -21.58
CA LYS D 180 30.73 -25.32 -21.67
C LYS D 180 30.63 -26.79 -21.26
N ASN D 181 29.62 -27.13 -20.45
CA ASN D 181 29.33 -28.52 -20.15
C ASN D 181 27.84 -28.62 -19.81
N SER D 182 27.30 -29.84 -19.93
CA SER D 182 25.89 -30.11 -19.65
C SER D 182 25.71 -31.36 -18.79
N VAL D 183 25.17 -31.17 -17.57
CA VAL D 183 24.91 -32.24 -16.62
C VAL D 183 23.43 -32.65 -16.60
N THR D 184 23.14 -33.96 -16.72
CA THR D 184 21.78 -34.47 -16.65
C THR D 184 21.64 -35.49 -15.52
N TYR D 185 20.40 -35.86 -15.17
CA TYR D 185 20.12 -36.61 -13.95
C TYR D 185 18.93 -37.56 -14.13
N SER D 186 19.10 -38.79 -13.61
CA SER D 186 18.06 -39.82 -13.49
C SER D 186 16.63 -39.26 -13.37
N CYS D 187 16.36 -38.54 -12.28
CA CYS D 187 15.03 -38.10 -11.93
C CYS D 187 14.36 -37.34 -13.07
N CYS D 188 15.09 -36.39 -13.68
CA CYS D 188 14.52 -35.19 -14.26
C CYS D 188 15.01 -34.98 -15.70
N PRO D 189 14.10 -35.01 -16.70
CA PRO D 189 14.50 -35.28 -18.09
C PRO D 189 15.11 -34.14 -18.92
N GLU D 190 15.56 -33.07 -18.23
CA GLU D 190 16.25 -31.97 -18.91
C GLU D 190 17.70 -31.92 -18.46
N ALA D 191 18.57 -31.39 -19.33
CA ALA D 191 19.97 -31.13 -19.01
C ALA D 191 20.16 -29.68 -18.59
N TYR D 192 21.08 -29.45 -17.66
CA TYR D 192 21.47 -28.10 -17.28
C TYR D 192 22.78 -27.82 -18.00
N GLU D 193 23.06 -26.54 -18.30
CA GLU D 193 24.36 -26.17 -18.83
C GLU D 193 25.22 -25.51 -17.76
N ASP D 194 26.53 -25.67 -17.86
CA ASP D 194 27.40 -24.99 -16.94
C ASP D 194 28.68 -24.56 -17.63
N VAL D 195 29.30 -23.53 -17.06
CA VAL D 195 30.69 -23.24 -17.27
C VAL D 195 31.49 -24.07 -16.26
N GLU D 196 32.02 -25.20 -16.71
CA GLU D 196 33.09 -25.88 -15.99
C GLU D 196 34.34 -24.98 -15.99
N VAL D 197 34.87 -24.60 -14.81
CA VAL D 197 36.04 -23.74 -14.70
C VAL D 197 37.21 -24.49 -14.04
N SER D 198 38.23 -24.83 -14.83
CA SER D 198 39.38 -25.60 -14.34
C SER D 198 40.46 -24.67 -13.77
N LEU D 199 40.61 -24.65 -12.45
CA LEU D 199 41.68 -23.91 -11.80
C LEU D 199 42.89 -24.84 -11.60
N ASN D 200 43.95 -24.57 -12.37
CA ASN D 200 45.22 -25.26 -12.22
C ASN D 200 46.16 -24.35 -11.45
N PHE D 201 46.46 -24.71 -10.18
CA PHE D 201 47.19 -23.84 -9.28
C PHE D 201 48.12 -24.66 -8.42
N ARG D 202 49.04 -23.98 -7.73
CA ARG D 202 49.99 -24.63 -6.84
C ARG D 202 50.48 -23.63 -5.81
N LYS D 203 51.09 -24.15 -4.73
CA LYS D 203 51.74 -23.34 -3.70
C LYS D 203 52.97 -22.67 -4.28
N LYS D 204 53.33 -21.51 -3.71
CA LYS D 204 54.51 -20.78 -4.12
C LYS D 204 55.73 -21.45 -3.48
N GLY D 205 56.89 -20.76 -3.48
CA GLY D 205 58.07 -21.21 -2.75
C GLY D 205 57.80 -21.43 -1.27
N PHE E 1 -0.92 -17.62 -23.05
CA PHE E 1 -0.35 -17.11 -21.78
C PHE E 1 1.16 -17.26 -21.86
N ASP E 2 1.86 -16.23 -21.41
CA ASP E 2 3.30 -16.29 -21.40
C ASP E 2 3.79 -16.55 -19.98
N ARG E 3 5.12 -16.69 -19.85
CA ARG E 3 5.86 -16.74 -18.60
C ARG E 3 5.51 -15.56 -17.69
N ALA E 4 5.48 -14.35 -18.25
CA ALA E 4 5.26 -13.14 -17.46
C ALA E 4 3.89 -13.17 -16.80
N ASP E 5 2.86 -13.52 -17.59
CA ASP E 5 1.49 -13.53 -17.08
C ASP E 5 1.34 -14.67 -16.07
N ILE E 6 1.88 -15.85 -16.43
CA ILE E 6 1.76 -16.99 -15.55
C ILE E 6 2.31 -16.63 -14.19
N LEU E 7 3.37 -15.82 -14.15
CA LEU E 7 4.07 -15.55 -12.91
C LEU E 7 3.36 -14.44 -12.15
N TYR E 8 2.67 -13.56 -12.88
CA TYR E 8 1.90 -12.49 -12.28
C TYR E 8 0.71 -13.09 -11.53
N ASN E 9 -0.02 -13.98 -12.20
CA ASN E 9 -1.15 -14.68 -11.62
C ASN E 9 -0.75 -15.43 -10.35
N ILE E 10 0.41 -16.12 -10.39
CA ILE E 10 0.87 -16.89 -9.25
C ILE E 10 1.20 -15.89 -8.15
N ARG E 11 2.02 -14.91 -8.48
CA ARG E 11 2.35 -13.91 -7.49
C ARG E 11 1.04 -13.41 -6.84
N GLN E 12 0.05 -13.08 -7.67
CA GLN E 12 -1.08 -12.28 -7.21
C GLN E 12 -2.11 -13.13 -6.45
N THR E 13 -2.18 -14.42 -6.78
CA THR E 13 -3.13 -15.29 -6.13
C THR E 13 -2.45 -16.13 -5.05
N SER E 14 -1.19 -15.81 -4.69
CA SER E 14 -0.41 -16.67 -3.80
C SER E 14 -1.00 -16.67 -2.40
N ARG E 15 -1.41 -17.87 -1.93
CA ARG E 15 -1.61 -18.15 -0.52
C ARG E 15 -0.49 -19.10 -0.06
N PRO E 16 0.71 -18.56 0.27
CA PRO E 16 1.81 -19.38 0.80
C PRO E 16 1.54 -20.04 2.15
N ASP E 17 0.51 -19.58 2.87
CA ASP E 17 0.20 -20.07 4.21
C ASP E 17 -0.86 -21.17 4.17
N VAL E 18 -1.35 -21.53 3.00
CA VAL E 18 -2.50 -22.40 2.90
C VAL E 18 -2.07 -23.71 2.31
N ILE E 19 -1.81 -24.68 3.19
CA ILE E 19 -1.57 -26.05 2.78
C ILE E 19 -2.60 -26.32 1.71
N PRO E 20 -2.24 -26.77 0.50
CA PRO E 20 -3.24 -26.91 -0.55
C PRO E 20 -3.95 -28.25 -0.40
N THR E 21 -4.64 -28.42 0.73
CA THR E 21 -5.34 -29.69 0.95
C THR E 21 -6.47 -29.77 -0.06
N GLN E 22 -6.69 -30.96 -0.61
CA GLN E 22 -7.79 -31.23 -1.54
C GLN E 22 -8.79 -32.15 -0.84
N ARG E 23 -10.06 -31.72 -0.77
CA ARG E 23 -11.14 -32.48 -0.16
C ARG E 23 -10.64 -33.27 1.05
N ASP E 24 -10.09 -32.54 2.04
CA ASP E 24 -9.78 -33.06 3.35
C ASP E 24 -8.94 -34.34 3.33
N ARG E 25 -8.28 -34.64 2.20
CA ARG E 25 -7.28 -35.70 2.15
C ARG E 25 -5.93 -35.04 2.37
N PRO E 26 -4.93 -35.74 2.93
CA PRO E 26 -3.64 -35.12 3.21
C PRO E 26 -2.85 -34.82 1.94
N VAL E 27 -2.06 -33.73 1.94
CA VAL E 27 -1.14 -33.44 0.85
C VAL E 27 0.07 -34.40 0.85
N ALA E 28 0.19 -35.19 -0.21
CA ALA E 28 1.27 -36.14 -0.37
C ALA E 28 2.52 -35.41 -0.88
N VAL E 29 3.54 -35.32 -0.01
CA VAL E 29 4.84 -34.74 -0.34
C VAL E 29 5.84 -35.86 -0.58
N SER E 30 6.59 -35.81 -1.69
CA SER E 30 7.73 -36.70 -1.84
C SER E 30 9.00 -36.01 -1.34
N VAL E 31 9.84 -36.75 -0.59
CA VAL E 31 11.12 -36.23 -0.15
C VAL E 31 12.14 -37.31 -0.51
N SER E 32 13.20 -36.89 -1.22
CA SER E 32 14.35 -37.74 -1.44
C SER E 32 15.62 -36.91 -1.25
N LEU E 33 16.46 -37.31 -0.29
CA LEU E 33 17.78 -36.71 -0.15
C LEU E 33 18.74 -37.34 -1.14
N LYS E 34 19.45 -36.48 -1.89
CA LYS E 34 20.55 -36.90 -2.76
C LYS E 34 21.84 -36.29 -2.22
N PHE E 35 22.66 -37.12 -1.57
CA PHE E 35 23.86 -36.70 -0.86
C PHE E 35 24.94 -36.37 -1.88
N ILE E 36 25.60 -35.23 -1.64
CA ILE E 36 26.60 -34.62 -2.49
C ILE E 36 27.96 -34.72 -1.80
N ASN E 37 27.98 -34.62 -0.46
CA ASN E 37 29.24 -34.67 0.25
C ASN E 37 29.03 -34.90 1.74
N ILE E 38 30.15 -35.26 2.38
CA ILE E 38 30.26 -35.49 3.81
C ILE E 38 31.54 -34.76 4.20
N LEU E 39 31.42 -33.72 5.04
CA LEU E 39 32.47 -32.74 5.27
C LEU E 39 33.18 -33.00 6.60
N GLU E 40 32.47 -33.51 7.61
CA GLU E 40 33.09 -33.82 8.90
C GLU E 40 32.27 -34.86 9.67
N VAL E 41 33.00 -35.72 10.38
CA VAL E 41 32.44 -36.89 11.02
C VAL E 41 33.16 -37.09 12.34
N ASN E 42 32.45 -37.54 13.37
CA ASN E 42 33.05 -37.68 14.68
C ASN E 42 32.42 -38.86 15.38
N GLU E 43 33.23 -39.93 15.53
CA GLU E 43 32.78 -41.20 16.07
C GLU E 43 32.63 -41.05 17.58
N ILE E 44 33.35 -40.09 18.17
CA ILE E 44 33.19 -39.81 19.58
C ILE E 44 31.80 -39.19 19.83
N THR E 45 31.48 -38.08 19.14
CA THR E 45 30.33 -37.26 19.45
C THR E 45 29.05 -37.71 18.72
N ASN E 46 29.18 -38.62 17.74
CA ASN E 46 28.09 -39.09 16.90
C ASN E 46 27.41 -37.95 16.15
N GLU E 47 28.24 -37.22 15.38
CA GLU E 47 27.83 -36.04 14.64
C GLU E 47 28.42 -36.12 13.24
N VAL E 48 27.66 -35.63 12.24
CA VAL E 48 28.12 -35.57 10.86
C VAL E 48 27.66 -34.24 10.27
N ASP E 49 28.51 -33.69 9.39
CA ASP E 49 28.24 -32.48 8.63
C ASP E 49 28.11 -32.90 7.16
N VAL E 50 27.01 -32.54 6.50
CA VAL E 50 26.64 -33.17 5.25
C VAL E 50 26.02 -32.14 4.32
N VAL E 51 26.24 -32.32 3.01
CA VAL E 51 25.57 -31.53 1.99
C VAL E 51 24.72 -32.45 1.12
N PHE E 52 23.44 -32.13 0.98
CA PHE E 52 22.53 -32.95 0.20
C PHE E 52 21.63 -32.06 -0.67
N TRP E 53 21.18 -32.63 -1.80
CA TRP E 53 20.04 -32.09 -2.53
C TRP E 53 18.75 -32.77 -2.10
N GLN E 54 17.78 -32.00 -1.60
CA GLN E 54 16.49 -32.51 -1.14
C GLN E 54 15.43 -32.36 -2.23
N GLN E 55 15.23 -33.39 -3.05
CA GLN E 55 14.21 -33.32 -4.07
C GLN E 55 12.87 -33.39 -3.36
N THR E 56 12.00 -32.41 -3.63
CA THR E 56 10.67 -32.38 -3.04
C THR E 56 9.61 -32.09 -4.12
N THR E 57 8.42 -32.64 -3.92
CA THR E 57 7.45 -32.80 -4.99
C THR E 57 6.06 -32.88 -4.36
N TRP E 58 5.18 -31.94 -4.68
CA TRP E 58 3.82 -31.99 -4.18
C TRP E 58 2.89 -31.37 -5.22
N SER E 59 1.57 -31.51 -5.02
CA SER E 59 0.57 -30.87 -5.86
C SER E 59 -0.02 -29.65 -5.17
N ASP E 60 -0.33 -28.63 -5.96
CA ASP E 60 -1.07 -27.49 -5.46
C ASP E 60 -1.89 -26.94 -6.64
N ARG E 61 -3.12 -27.45 -6.76
CA ARG E 61 -3.98 -27.24 -7.90
C ARG E 61 -4.27 -25.76 -8.12
N THR E 62 -4.03 -24.92 -7.11
CA THR E 62 -4.34 -23.51 -7.17
C THR E 62 -3.36 -22.75 -8.08
N LEU E 63 -2.25 -23.40 -8.50
CA LEU E 63 -1.22 -22.76 -9.30
C LEU E 63 -1.37 -23.11 -10.79
N ALA E 64 -2.28 -24.04 -11.09
CA ALA E 64 -2.36 -24.66 -12.41
C ALA E 64 -2.76 -23.65 -13.48
N TRP E 65 -2.55 -24.04 -14.74
CA TRP E 65 -2.98 -23.23 -15.88
C TRP E 65 -3.10 -24.12 -17.10
N ASN E 66 -3.78 -23.57 -18.12
CA ASN E 66 -4.02 -24.19 -19.41
C ASN E 66 -2.73 -24.04 -20.23
N SER E 67 -2.14 -25.17 -20.62
CA SER E 67 -0.80 -25.17 -21.18
C SER E 67 -0.83 -25.32 -22.71
N SER E 68 -2.02 -25.15 -23.29
CA SER E 68 -2.15 -24.88 -24.72
C SER E 68 -1.43 -23.58 -25.07
N HIS E 69 -0.48 -23.66 -26.00
CA HIS E 69 0.31 -22.50 -26.38
C HIS E 69 0.71 -21.72 -25.12
N SER E 70 1.35 -22.44 -24.19
CA SER E 70 1.83 -21.84 -22.96
C SER E 70 3.00 -22.65 -22.40
N PRO E 71 3.89 -22.01 -21.63
CA PRO E 71 5.02 -22.73 -21.06
C PRO E 71 4.55 -23.93 -20.26
N ASP E 72 5.40 -24.95 -20.30
CA ASP E 72 5.19 -26.27 -19.73
C ASP E 72 5.39 -26.16 -18.20
N GLN E 73 6.29 -25.26 -17.77
CA GLN E 73 6.68 -25.03 -16.38
C GLN E 73 7.30 -23.64 -16.28
N VAL E 74 7.43 -23.08 -15.07
CA VAL E 74 8.07 -21.79 -14.82
C VAL E 74 8.89 -21.81 -13.52
N SER E 75 9.64 -20.74 -13.25
CA SER E 75 10.42 -20.66 -12.02
C SER E 75 9.78 -19.64 -11.08
N VAL E 76 9.60 -20.02 -9.81
CA VAL E 76 8.89 -19.21 -8.85
C VAL E 76 9.66 -19.18 -7.54
N PRO E 77 9.93 -18.00 -6.96
CA PRO E 77 10.50 -17.90 -5.62
C PRO E 77 9.56 -18.58 -4.63
N ILE E 78 10.14 -19.21 -3.60
CA ILE E 78 9.37 -20.06 -2.70
C ILE E 78 8.50 -19.21 -1.77
N SER E 79 8.80 -17.93 -1.60
CA SER E 79 8.03 -17.06 -0.74
C SER E 79 6.65 -16.76 -1.32
N SER E 80 6.43 -17.11 -2.60
CA SER E 80 5.13 -17.03 -3.26
C SER E 80 4.35 -18.32 -3.13
N LEU E 81 5.05 -19.43 -2.86
CA LEU E 81 4.45 -20.74 -2.81
C LEU E 81 4.26 -21.14 -1.36
N TRP E 82 3.19 -21.89 -1.09
CA TRP E 82 3.17 -22.76 0.06
C TRP E 82 4.27 -23.78 -0.12
N VAL E 83 5.06 -24.00 0.93
CA VAL E 83 6.04 -25.08 0.93
C VAL E 83 5.86 -25.94 2.19
N PRO E 84 6.06 -27.27 2.05
CA PRO E 84 6.11 -28.17 3.19
C PRO E 84 7.06 -27.60 4.22
N ASP E 85 6.55 -27.47 5.45
CA ASP E 85 7.33 -27.03 6.59
C ASP E 85 8.24 -28.16 7.09
N LEU E 86 9.14 -28.68 6.22
CA LEU E 86 9.95 -29.84 6.49
C LEU E 86 11.10 -29.51 7.44
N ALA E 87 11.55 -30.55 8.14
CA ALA E 87 12.44 -30.43 9.28
C ALA E 87 13.08 -31.79 9.56
N ALA E 88 14.38 -31.79 9.87
CA ALA E 88 15.06 -32.99 10.33
C ALA E 88 14.92 -33.04 11.84
N TYR E 89 14.53 -34.21 12.35
CA TYR E 89 14.26 -34.36 13.77
C TYR E 89 15.57 -34.43 14.55
N ASN E 90 16.65 -34.89 13.89
CA ASN E 90 17.93 -35.10 14.56
C ASN E 90 18.97 -34.09 14.12
N ALA E 91 18.56 -33.00 13.47
CA ALA E 91 19.43 -31.89 13.15
C ALA E 91 19.95 -31.22 14.42
N ILE E 92 21.19 -30.72 14.34
CA ILE E 92 21.85 -30.05 15.45
C ILE E 92 22.41 -28.70 14.99
N SER E 93 22.15 -28.33 13.73
CA SER E 93 22.43 -26.98 13.25
C SER E 93 21.32 -26.57 12.28
N LYS E 94 21.13 -25.25 12.04
CA LYS E 94 20.12 -24.79 11.08
C LYS E 94 20.46 -25.37 9.71
N PRO E 95 19.48 -25.59 8.81
CA PRO E 95 19.82 -26.04 7.46
C PRO E 95 20.44 -24.85 6.73
N GLU E 96 21.68 -24.94 6.26
CA GLU E 96 22.27 -23.86 5.49
C GLU E 96 21.91 -24.10 4.01
N VAL E 97 21.02 -23.26 3.48
CA VAL E 97 20.58 -23.35 2.08
C VAL E 97 21.63 -22.62 1.26
N LEU E 98 22.15 -23.29 0.22
CA LEU E 98 23.30 -22.78 -0.53
C LEU E 98 22.87 -22.23 -1.90
N THR E 99 21.65 -22.57 -2.33
CA THR E 99 21.20 -22.31 -3.69
C THR E 99 20.15 -21.20 -3.72
N PRO E 100 19.84 -20.64 -4.90
CA PRO E 100 18.66 -19.79 -5.07
C PRO E 100 17.40 -20.49 -4.56
N GLN E 101 16.67 -19.79 -3.69
CA GLN E 101 15.39 -20.25 -3.18
C GLN E 101 14.30 -20.08 -4.25
N LEU E 102 14.41 -20.91 -5.31
CA LEU E 102 13.48 -20.99 -6.42
C LEU E 102 13.06 -22.44 -6.63
N ALA E 103 11.76 -22.66 -6.81
CA ALA E 103 11.18 -23.92 -7.23
C ALA E 103 10.62 -23.80 -8.64
N ARG E 104 10.20 -24.93 -9.17
CA ARG E 104 9.64 -25.04 -10.51
C ARG E 104 8.17 -25.47 -10.38
N VAL E 105 7.26 -24.71 -11.02
CA VAL E 105 5.83 -25.03 -11.07
C VAL E 105 5.49 -25.54 -12.47
N VAL E 106 4.88 -26.73 -12.51
CA VAL E 106 4.36 -27.32 -13.74
C VAL E 106 2.91 -26.87 -13.96
N SER E 107 2.37 -27.10 -15.16
CA SER E 107 1.04 -26.63 -15.53
C SER E 107 -0.09 -27.27 -14.71
N ASP E 108 0.12 -28.49 -14.22
CA ASP E 108 -0.91 -29.25 -13.52
C ASP E 108 -0.96 -28.88 -12.03
N GLY E 109 -0.05 -28.00 -11.57
CA GLY E 109 0.09 -27.63 -10.17
C GLY E 109 1.24 -28.34 -9.44
N GLU E 110 1.97 -29.24 -10.11
CA GLU E 110 3.07 -29.91 -9.46
C GLU E 110 4.15 -28.88 -9.15
N VAL E 111 4.71 -28.95 -7.93
CA VAL E 111 5.79 -28.09 -7.48
C VAL E 111 7.03 -28.95 -7.29
N LEU E 112 8.08 -28.68 -8.07
CA LEU E 112 9.34 -29.39 -7.90
C LEU E 112 10.32 -28.40 -7.28
N TYR E 113 10.85 -28.77 -6.10
CA TYR E 113 11.76 -27.91 -5.36
C TYR E 113 12.94 -28.75 -4.89
N MET E 114 14.15 -28.22 -5.07
CA MET E 114 15.33 -28.99 -4.80
C MET E 114 16.41 -28.03 -4.34
N PRO E 115 16.40 -27.66 -3.03
CA PRO E 115 17.47 -26.85 -2.44
C PRO E 115 18.68 -27.69 -2.05
N SER E 116 19.86 -27.08 -2.16
CA SER E 116 21.08 -27.65 -1.63
C SER E 116 21.20 -27.24 -0.17
N ILE E 117 21.35 -28.24 0.71
CA ILE E 117 21.39 -27.96 2.13
C ILE E 117 22.70 -28.50 2.70
N ARG E 118 23.43 -27.65 3.42
CA ARG E 118 24.46 -28.14 4.31
C ARG E 118 23.93 -28.09 5.74
N GLN E 119 23.96 -29.24 6.44
CA GLN E 119 23.43 -29.33 7.79
C GLN E 119 24.20 -30.38 8.61
N ARG E 120 24.31 -30.16 9.94
CA ARG E 120 24.85 -31.11 10.90
C ARG E 120 23.74 -31.91 11.61
N PHE E 121 24.06 -33.15 11.97
CA PHE E 121 23.09 -34.11 12.50
C PHE E 121 23.73 -34.99 13.56
N SER E 122 22.88 -35.51 14.47
CA SER E 122 23.25 -36.36 15.59
C SER E 122 22.82 -37.78 15.29
N CYS E 123 23.79 -38.66 15.04
CA CYS E 123 23.44 -39.98 14.52
C CYS E 123 24.60 -40.96 14.73
N ASP E 124 24.40 -42.19 14.26
CA ASP E 124 25.26 -43.32 14.58
C ASP E 124 26.45 -43.37 13.63
N VAL E 125 27.56 -42.75 14.04
CA VAL E 125 28.78 -42.73 13.25
C VAL E 125 29.62 -43.99 13.50
N SER E 126 29.16 -44.88 14.39
CA SER E 126 29.97 -46.04 14.77
C SER E 126 30.28 -46.88 13.53
N GLY E 127 31.56 -47.17 13.32
CA GLY E 127 31.95 -48.13 12.30
C GLY E 127 32.33 -47.44 10.99
N VAL E 128 32.60 -46.13 11.06
CA VAL E 128 32.88 -45.32 9.87
C VAL E 128 34.21 -45.74 9.23
N ASP E 129 35.10 -46.36 10.01
CA ASP E 129 36.43 -46.72 9.51
C ASP E 129 36.48 -48.21 9.17
N THR E 130 35.31 -48.87 9.18
CA THR E 130 35.24 -50.30 8.95
C THR E 130 34.80 -50.59 7.51
N GLU E 131 34.81 -51.88 7.16
CA GLU E 131 34.52 -52.36 5.81
C GLU E 131 33.05 -52.11 5.50
N SER E 132 32.20 -52.19 6.53
CA SER E 132 30.77 -52.11 6.34
C SER E 132 30.22 -50.74 6.77
N GLY E 133 31.10 -49.88 7.30
CA GLY E 133 30.81 -48.46 7.42
C GLY E 133 29.77 -48.13 8.50
N ALA E 134 29.40 -46.85 8.60
CA ALA E 134 28.42 -46.38 9.55
C ALA E 134 27.06 -46.25 8.89
N THR E 135 25.99 -46.29 9.69
CA THR E 135 24.64 -46.11 9.19
C THR E 135 23.96 -45.04 10.01
N CYS E 136 24.03 -43.80 9.49
CA CYS E 136 23.48 -42.62 10.11
C CYS E 136 22.06 -42.50 9.61
N ARG E 137 21.08 -42.59 10.51
CA ARG E 137 19.69 -42.36 10.12
C ARG E 137 19.35 -40.86 10.24
N ILE E 138 18.82 -40.30 9.15
CA ILE E 138 18.24 -38.95 9.19
C ILE E 138 16.71 -39.02 8.96
N LYS E 139 15.98 -38.30 9.82
CA LYS E 139 14.52 -38.34 9.85
C LYS E 139 13.95 -36.97 9.47
N ILE E 140 13.26 -36.89 8.32
CA ILE E 140 12.74 -35.62 7.84
C ILE E 140 11.23 -35.68 7.64
N GLY E 141 10.50 -34.66 8.08
CA GLY E 141 9.04 -34.64 8.05
C GLY E 141 8.47 -33.29 8.50
N SER E 142 7.22 -33.00 8.15
CA SER E 142 6.58 -31.76 8.56
C SER E 142 6.68 -31.55 10.06
N TRP E 143 7.00 -30.33 10.45
CA TRP E 143 7.11 -29.92 11.85
C TRP E 143 5.75 -29.76 12.54
N THR E 144 4.72 -29.25 11.81
CA THR E 144 3.46 -28.84 12.46
C THR E 144 2.23 -29.51 11.84
N HIS E 145 2.36 -30.27 10.73
CA HIS E 145 1.22 -30.92 10.10
C HIS E 145 1.38 -32.43 10.25
N HIS E 146 0.40 -33.06 10.89
CA HIS E 146 0.48 -34.47 11.30
C HIS E 146 -0.06 -35.39 10.21
N SER E 147 -0.07 -36.70 10.50
CA SER E 147 -0.50 -37.78 9.60
C SER E 147 -1.63 -37.38 8.63
N ARG E 148 -2.62 -36.61 9.10
CA ARG E 148 -3.87 -36.39 8.40
C ARG E 148 -3.81 -35.17 7.46
N GLU E 149 -2.77 -34.33 7.63
CA GLU E 149 -2.60 -33.11 6.87
C GLU E 149 -1.48 -33.28 5.82
N ILE E 150 -0.30 -33.80 6.22
CA ILE E 150 0.76 -34.15 5.27
C ILE E 150 1.11 -35.62 5.41
N SER E 151 1.20 -36.33 4.28
CA SER E 151 1.87 -37.63 4.22
C SER E 151 3.15 -37.52 3.39
N VAL E 152 4.22 -38.21 3.80
CA VAL E 152 5.45 -38.17 3.06
C VAL E 152 5.56 -39.39 2.16
N ASP E 153 6.64 -39.44 1.37
CA ASP E 153 7.09 -40.67 0.74
C ASP E 153 8.49 -40.46 0.18
N PRO E 154 9.33 -41.52 0.12
CA PRO E 154 10.51 -41.51 -0.73
C PRO E 154 10.10 -41.97 -2.12
N THR E 155 10.46 -41.18 -3.15
CA THR E 155 10.44 -41.68 -4.51
C THR E 155 11.67 -42.55 -4.72
N THR E 156 12.52 -42.64 -3.69
CA THR E 156 13.82 -43.29 -3.82
C THR E 156 14.10 -44.12 -2.57
N GLU E 157 13.66 -45.38 -2.60
CA GLU E 157 13.89 -46.35 -1.55
C GLU E 157 15.41 -46.51 -1.28
N SER E 162 25.25 -42.45 -6.87
CA SER E 162 26.45 -42.38 -7.75
C SER E 162 26.41 -41.21 -8.74
N GLU E 163 25.22 -40.72 -9.11
CA GLU E 163 25.15 -39.55 -9.97
C GLU E 163 25.33 -38.23 -9.20
N TYR E 164 25.22 -38.23 -7.85
CA TYR E 164 25.22 -36.99 -7.09
C TYR E 164 26.48 -36.81 -6.23
N PHE E 165 27.02 -37.90 -5.70
CA PHE E 165 27.92 -37.78 -4.57
C PHE E 165 29.35 -37.51 -5.06
N SER E 166 30.05 -36.61 -4.35
CA SER E 166 31.33 -36.07 -4.76
C SER E 166 32.37 -37.19 -4.80
N GLN E 167 33.06 -37.26 -5.94
CA GLN E 167 34.06 -38.30 -6.13
C GLN E 167 35.29 -37.95 -5.29
N TYR E 168 35.41 -36.68 -4.85
CA TYR E 168 36.56 -36.19 -4.13
C TYR E 168 36.40 -36.25 -2.61
N SER E 169 35.23 -36.66 -2.09
CA SER E 169 35.00 -36.79 -0.66
C SER E 169 36.04 -37.69 0.00
N ARG E 170 36.28 -37.51 1.30
CA ARG E 170 37.01 -38.49 2.08
C ARG E 170 36.21 -39.78 2.30
N PHE E 171 34.91 -39.79 1.99
CA PHE E 171 34.08 -40.95 2.26
C PHE E 171 33.52 -41.51 0.95
N GLU E 172 33.15 -42.80 0.98
CA GLU E 172 32.27 -43.34 -0.04
C GLU E 172 30.92 -43.66 0.57
N ILE E 173 29.94 -43.78 -0.31
CA ILE E 173 28.59 -44.14 0.08
C ILE E 173 28.43 -45.56 -0.39
N LEU E 174 28.02 -46.41 0.53
CA LEU E 174 27.69 -47.78 0.21
C LEU E 174 26.22 -47.81 -0.19
N ASP E 175 25.36 -47.08 0.52
CA ASP E 175 23.95 -47.18 0.24
C ASP E 175 23.18 -46.11 1.03
N VAL E 176 22.05 -45.71 0.46
CA VAL E 176 21.11 -44.79 1.09
C VAL E 176 19.74 -45.43 0.91
N THR E 177 19.11 -45.81 2.02
CA THR E 177 17.76 -46.34 1.95
C THR E 177 16.90 -45.25 2.57
N GLN E 178 15.71 -45.11 1.97
CA GLN E 178 14.75 -44.13 2.42
C GLN E 178 13.43 -44.87 2.54
N LYS E 179 12.84 -44.80 3.73
CA LYS E 179 11.60 -45.50 4.05
C LYS E 179 10.60 -44.53 4.69
N LYS E 180 9.32 -44.66 4.35
CA LYS E 180 8.27 -44.01 5.11
C LYS E 180 8.31 -44.56 6.54
N ASN E 181 8.46 -43.68 7.53
CA ASN E 181 8.20 -44.04 8.91
C ASN E 181 7.24 -43.02 9.52
N SER E 182 7.10 -43.09 10.86
CA SER E 182 6.21 -42.22 11.62
C SER E 182 6.68 -42.06 13.06
N VAL E 183 6.30 -40.96 13.72
CA VAL E 183 6.70 -40.67 15.10
C VAL E 183 5.56 -40.00 15.91
N THR E 184 5.30 -40.53 17.11
CA THR E 184 4.32 -39.96 18.03
C THR E 184 5.02 -39.64 19.34
N TYR E 185 4.48 -38.68 20.10
CA TYR E 185 4.99 -38.36 21.42
C TYR E 185 3.82 -38.46 22.41
N SER E 186 4.10 -38.83 23.68
CA SER E 186 3.03 -39.03 24.64
C SER E 186 2.16 -37.78 24.79
N CYS E 187 2.79 -36.59 24.73
CA CYS E 187 2.08 -35.33 24.88
C CYS E 187 0.95 -35.19 23.88
N CYS E 188 1.06 -35.85 22.72
CA CYS E 188 0.32 -35.36 21.59
C CYS E 188 -0.28 -36.49 20.76
N PRO E 189 -1.61 -36.65 20.76
CA PRO E 189 -2.26 -37.78 20.10
C PRO E 189 -1.57 -38.10 18.77
N GLU E 190 -1.63 -37.12 17.86
CA GLU E 190 -1.41 -37.32 16.43
C GLU E 190 -0.01 -37.85 16.16
N ALA E 191 0.09 -38.81 15.23
CA ALA E 191 1.34 -39.25 14.65
C ALA E 191 1.89 -38.26 13.61
N TYR E 192 3.21 -38.23 13.45
CA TYR E 192 3.81 -37.48 12.36
C TYR E 192 4.47 -38.45 11.37
N GLU E 193 4.19 -38.30 10.06
CA GLU E 193 4.87 -39.06 9.04
C GLU E 193 6.29 -38.49 8.84
N ASP E 194 7.22 -39.37 8.43
CA ASP E 194 8.57 -38.94 8.13
C ASP E 194 9.17 -39.85 7.06
N VAL E 195 10.26 -39.38 6.46
CA VAL E 195 11.13 -40.18 5.63
C VAL E 195 12.34 -40.55 6.49
N GLU E 196 12.68 -41.84 6.50
CA GLU E 196 13.82 -42.31 7.25
C GLU E 196 14.96 -42.56 6.27
N VAL E 197 15.98 -41.68 6.29
CA VAL E 197 17.12 -41.78 5.40
C VAL E 197 18.29 -42.42 6.16
N SER E 198 18.68 -43.61 5.70
CA SER E 198 19.80 -44.32 6.29
C SER E 198 21.02 -44.15 5.40
N LEU E 199 21.88 -43.17 5.74
CA LEU E 199 23.14 -42.98 5.06
C LEU E 199 24.17 -44.02 5.53
N ASN E 200 24.38 -45.09 4.74
CA ASN E 200 25.43 -46.06 5.04
C ASN E 200 26.64 -45.76 4.17
N PHE E 201 27.72 -45.30 4.84
CA PHE E 201 28.94 -44.76 4.25
C PHE E 201 30.16 -45.14 5.09
N ARG E 202 31.37 -44.98 4.52
CA ARG E 202 32.61 -45.24 5.25
C ARG E 202 33.74 -44.34 4.77
N LYS E 203 34.85 -44.33 5.52
CA LYS E 203 36.06 -43.65 5.11
C LYS E 203 36.78 -44.56 4.14
N LYS E 204 37.43 -43.98 3.14
CA LYS E 204 37.99 -44.72 2.03
C LYS E 204 39.28 -45.46 2.45
N PHE F 1 6.44 -6.11 -27.43
CA PHE F 1 5.48 -5.97 -26.31
C PHE F 1 4.12 -6.44 -26.82
N ASP F 2 3.21 -6.74 -25.90
CA ASP F 2 1.82 -6.96 -26.20
C ASP F 2 0.99 -5.90 -25.47
N ARG F 3 -0.31 -5.85 -25.72
CA ARG F 3 -1.16 -4.79 -25.18
C ARG F 3 -0.99 -4.81 -23.68
N ALA F 4 -1.11 -6.03 -23.15
CA ALA F 4 -0.90 -6.29 -21.73
C ALA F 4 0.35 -5.54 -21.26
N ASP F 5 1.49 -5.77 -21.93
CA ASP F 5 2.74 -5.23 -21.42
C ASP F 5 2.79 -3.73 -21.57
N ILE F 6 2.23 -3.25 -22.69
CA ILE F 6 2.33 -1.84 -23.03
C ILE F 6 1.49 -1.06 -22.02
N LEU F 7 0.33 -1.62 -21.67
CA LEU F 7 -0.57 -0.97 -20.72
C LEU F 7 0.00 -1.01 -19.31
N TYR F 8 0.57 -2.15 -18.93
CA TYR F 8 1.19 -2.21 -17.61
C TYR F 8 2.24 -1.11 -17.47
N ASN F 9 3.15 -1.06 -18.46
CA ASN F 9 4.22 -0.08 -18.54
C ASN F 9 3.68 1.34 -18.34
N ILE F 10 2.71 1.73 -19.16
CA ILE F 10 2.16 3.08 -19.10
C ILE F 10 1.57 3.32 -17.71
N ARG F 11 0.75 2.37 -17.25
CA ARG F 11 0.10 2.55 -15.95
C ARG F 11 1.17 2.74 -14.87
N GLN F 12 2.32 2.07 -15.01
CA GLN F 12 3.36 2.09 -13.99
C GLN F 12 4.22 3.36 -14.08
N THR F 13 4.40 3.92 -15.28
CA THR F 13 5.45 4.93 -15.45
C THR F 13 4.92 6.28 -15.91
N SER F 14 3.62 6.39 -16.23
CA SER F 14 3.10 7.67 -16.72
C SER F 14 2.75 8.59 -15.54
N ARG F 15 3.07 9.88 -15.74
CA ARG F 15 2.90 10.96 -14.80
C ARG F 15 1.79 11.89 -15.31
N PRO F 16 0.52 11.67 -14.90
CA PRO F 16 -0.61 12.45 -15.42
C PRO F 16 -0.55 13.92 -15.01
N ASP F 17 0.30 14.19 -14.02
CA ASP F 17 0.51 15.50 -13.43
C ASP F 17 1.60 16.27 -14.17
N VAL F 18 2.31 15.63 -15.12
CA VAL F 18 3.51 16.20 -15.73
C VAL F 18 3.33 16.44 -17.23
N ILE F 19 3.27 17.71 -17.62
CA ILE F 19 3.18 18.05 -19.04
C ILE F 19 4.45 17.60 -19.77
N PRO F 20 4.30 16.92 -20.93
CA PRO F 20 5.44 16.36 -21.66
C PRO F 20 6.10 17.40 -22.53
N THR F 21 6.60 18.47 -21.89
CA THR F 21 7.42 19.44 -22.58
C THR F 21 8.78 18.82 -22.84
N GLN F 22 9.28 19.04 -24.05
CA GLN F 22 10.58 18.55 -24.48
C GLN F 22 11.42 19.76 -24.85
N ARG F 23 12.46 20.03 -24.05
CA ARG F 23 13.45 21.07 -24.34
C ARG F 23 12.79 22.45 -24.33
N ASP F 24 12.19 22.79 -23.18
CA ASP F 24 11.43 24.03 -22.98
C ASP F 24 10.85 24.55 -24.30
N ARG F 25 10.26 23.65 -25.09
CA ARG F 25 9.41 24.01 -26.21
C ARG F 25 7.97 23.81 -25.74
N PRO F 26 6.96 24.51 -26.29
CA PRO F 26 5.57 24.26 -25.91
C PRO F 26 5.06 22.92 -26.44
N VAL F 27 4.07 22.35 -25.77
CA VAL F 27 3.31 21.20 -26.26
C VAL F 27 2.32 21.67 -27.34
N ALA F 28 2.52 21.19 -28.57
CA ALA F 28 1.58 21.38 -29.65
C ALA F 28 0.35 20.50 -29.43
N VAL F 29 -0.80 21.14 -29.20
CA VAL F 29 -2.09 20.47 -29.14
C VAL F 29 -2.93 20.89 -30.35
N SER F 30 -3.30 19.90 -31.18
CA SER F 30 -4.40 20.00 -32.12
C SER F 30 -5.75 19.85 -31.40
N VAL F 31 -6.58 20.89 -31.44
CA VAL F 31 -7.98 20.79 -31.02
C VAL F 31 -8.93 21.09 -32.20
N SER F 32 -9.93 20.23 -32.40
CA SER F 32 -10.91 20.49 -33.44
C SER F 32 -12.27 19.94 -33.04
N LEU F 33 -13.20 20.83 -32.66
CA LEU F 33 -14.54 20.42 -32.27
C LEU F 33 -15.32 19.98 -33.51
N LYS F 34 -16.08 18.88 -33.40
CA LYS F 34 -17.01 18.44 -34.42
C LYS F 34 -18.41 18.41 -33.81
N PHE F 35 -19.33 19.27 -34.28
CA PHE F 35 -20.65 19.33 -33.69
C PHE F 35 -21.48 18.13 -34.18
N ILE F 36 -22.23 17.53 -33.25
CA ILE F 36 -23.12 16.42 -33.55
C ILE F 36 -24.55 16.91 -33.44
N ASN F 37 -24.82 17.68 -32.38
CA ASN F 37 -26.17 18.11 -32.16
C ASN F 37 -26.19 19.51 -31.54
N ILE F 38 -27.29 20.23 -31.82
CA ILE F 38 -27.62 21.50 -31.18
C ILE F 38 -29.00 21.31 -30.55
N LEU F 39 -29.07 21.36 -29.21
CA LEU F 39 -30.18 20.77 -28.49
C LEU F 39 -31.16 21.81 -27.98
N GLU F 40 -30.73 23.08 -27.97
CA GLU F 40 -31.48 24.11 -27.29
C GLU F 40 -30.81 25.45 -27.52
N VAL F 41 -31.61 26.36 -28.07
CA VAL F 41 -31.16 27.69 -28.37
C VAL F 41 -32.11 28.66 -27.68
N ASN F 42 -31.54 29.73 -27.11
CA ASN F 42 -32.33 30.80 -26.59
C ASN F 42 -31.78 32.13 -27.06
N GLU F 43 -32.58 32.83 -27.87
CA GLU F 43 -32.18 34.08 -28.50
C GLU F 43 -32.36 35.24 -27.52
N ILE F 44 -33.28 35.08 -26.55
CA ILE F 44 -33.38 36.01 -25.43
C ILE F 44 -32.12 35.92 -24.56
N THR F 45 -31.87 34.75 -23.95
CA THR F 45 -30.81 34.62 -22.96
C THR F 45 -29.42 34.51 -23.59
N ASN F 46 -29.31 34.35 -24.93
CA ASN F 46 -28.05 34.18 -25.63
C ASN F 46 -27.30 32.95 -25.10
N GLU F 47 -27.86 31.76 -25.36
CA GLU F 47 -27.39 30.51 -24.79
C GLU F 47 -27.61 29.40 -25.82
N VAL F 48 -26.65 28.47 -25.95
CA VAL F 48 -26.88 27.26 -26.74
C VAL F 48 -26.50 26.07 -25.86
N ASP F 49 -27.11 24.92 -26.14
CA ASP F 49 -26.74 23.66 -25.52
C ASP F 49 -26.38 22.73 -26.66
N VAL F 50 -25.13 22.23 -26.67
CA VAL F 50 -24.60 21.57 -27.85
C VAL F 50 -23.82 20.32 -27.43
N VAL F 51 -23.64 19.45 -28.42
CA VAL F 51 -22.86 18.24 -28.25
C VAL F 51 -21.83 18.20 -29.35
N PHE F 52 -20.59 17.93 -28.95
CA PHE F 52 -19.48 17.92 -29.88
C PHE F 52 -18.50 16.80 -29.51
N TRP F 53 -17.91 16.21 -30.55
CA TRP F 53 -16.71 15.43 -30.37
C TRP F 53 -15.54 16.40 -30.47
N GLN F 54 -14.73 16.47 -29.42
CA GLN F 54 -13.59 17.37 -29.35
C GLN F 54 -12.32 16.58 -29.67
N GLN F 55 -12.03 16.44 -30.97
CA GLN F 55 -10.85 15.72 -31.44
C GLN F 55 -9.59 16.45 -31.00
N THR F 56 -8.84 15.80 -30.10
CA THR F 56 -7.69 16.37 -29.42
C THR F 56 -6.49 15.46 -29.63
N THR F 57 -5.33 16.07 -29.85
CA THR F 57 -4.15 15.34 -30.31
C THR F 57 -2.91 16.03 -29.76
N TRP F 58 -1.90 15.23 -29.38
CA TRP F 58 -0.65 15.76 -28.88
C TRP F 58 0.36 14.64 -28.72
N SER F 59 1.60 15.05 -28.46
CA SER F 59 2.73 14.14 -28.43
C SER F 59 3.30 14.07 -27.01
N ASP F 60 3.45 12.84 -26.54
CA ASP F 60 4.06 12.55 -25.25
C ASP F 60 4.98 11.34 -25.47
N ARG F 61 6.24 11.66 -25.79
CA ARG F 61 7.30 10.70 -26.11
C ARG F 61 7.53 9.68 -24.99
N THR F 62 7.34 10.05 -23.72
CA THR F 62 7.53 9.08 -22.66
C THR F 62 6.66 7.86 -22.86
N LEU F 63 5.59 7.95 -23.68
CA LEU F 63 4.65 6.84 -23.84
C LEU F 63 5.12 5.86 -24.92
N ALA F 64 6.11 6.26 -25.70
CA ALA F 64 6.46 5.55 -26.93
C ALA F 64 7.04 4.18 -26.62
N TRP F 65 6.83 3.23 -27.54
CA TRP F 65 7.49 1.93 -27.52
C TRP F 65 7.91 1.58 -28.95
N ASN F 66 8.78 0.55 -29.02
CA ASN F 66 9.34 0.03 -30.27
C ASN F 66 8.37 -0.98 -30.86
N SER F 67 7.76 -0.63 -32.01
CA SER F 67 6.54 -1.29 -32.47
C SER F 67 6.84 -2.51 -33.34
N SER F 68 7.99 -3.16 -33.14
CA SER F 68 8.41 -4.18 -34.09
C SER F 68 7.43 -5.34 -34.06
N HIS F 69 7.44 -6.14 -33.00
CA HIS F 69 6.48 -7.23 -32.90
C HIS F 69 5.48 -6.85 -31.82
N SER F 70 4.70 -5.78 -32.11
CA SER F 70 3.90 -5.11 -31.11
C SER F 70 2.69 -4.38 -31.72
N PRO F 71 1.65 -4.14 -30.90
CA PRO F 71 0.58 -3.20 -31.25
C PRO F 71 1.05 -1.83 -31.71
N ASP F 72 0.38 -1.31 -32.75
CA ASP F 72 0.65 0.03 -33.22
C ASP F 72 -0.03 1.07 -32.33
N GLN F 73 -1.06 0.64 -31.58
CA GLN F 73 -1.97 1.51 -30.85
C GLN F 73 -2.63 0.79 -29.65
N VAL F 74 -2.82 1.54 -28.55
CA VAL F 74 -3.58 1.01 -27.42
C VAL F 74 -4.52 2.06 -26.82
N SER F 75 -5.53 1.52 -26.13
CA SER F 75 -6.62 2.25 -25.47
C SER F 75 -6.32 2.43 -23.99
N VAL F 76 -5.90 3.63 -23.59
CA VAL F 76 -5.51 3.89 -22.21
C VAL F 76 -6.59 4.75 -21.55
N PRO F 77 -6.93 4.54 -20.26
CA PRO F 77 -7.78 5.48 -19.54
C PRO F 77 -6.99 6.75 -19.33
N ILE F 78 -7.66 7.90 -19.39
CA ILE F 78 -7.00 9.18 -19.41
C ILE F 78 -6.47 9.52 -18.02
N SER F 79 -6.99 8.82 -17.01
CA SER F 79 -6.44 8.93 -15.67
C SER F 79 -5.01 8.36 -15.63
N SER F 80 -4.63 7.52 -16.59
CA SER F 80 -3.24 7.07 -16.68
C SER F 80 -2.35 8.06 -17.43
N LEU F 81 -2.92 9.10 -18.07
CA LEU F 81 -2.18 9.98 -18.99
C LEU F 81 -2.20 11.43 -18.53
N TRP F 82 -1.12 12.15 -18.83
CA TRP F 82 -1.22 13.59 -18.85
C TRP F 82 -2.11 13.99 -20.02
N VAL F 83 -2.96 14.98 -19.73
CA VAL F 83 -4.04 15.43 -20.55
C VAL F 83 -4.01 16.97 -20.51
N PRO F 84 -4.14 17.65 -21.68
CA PRO F 84 -4.13 19.10 -21.69
C PRO F 84 -5.30 19.60 -20.84
N ASP F 85 -5.11 20.72 -20.16
CA ASP F 85 -6.12 21.24 -19.26
C ASP F 85 -7.07 22.19 -20.00
N LEU F 86 -7.82 21.69 -20.99
CA LEU F 86 -8.50 22.61 -21.92
C LEU F 86 -9.78 23.08 -21.25
N ALA F 87 -10.04 24.37 -21.38
CA ALA F 87 -11.30 24.92 -20.96
C ALA F 87 -11.98 25.58 -22.16
N ALA F 88 -13.25 25.91 -21.98
CA ALA F 88 -14.01 26.66 -22.94
C ALA F 88 -14.48 27.91 -22.19
N TYR F 89 -13.88 29.06 -22.54
CA TYR F 89 -13.89 30.21 -21.66
C TYR F 89 -15.25 30.91 -21.62
N ASN F 90 -16.24 30.42 -22.38
CA ASN F 90 -17.56 31.01 -22.34
C ASN F 90 -18.61 29.91 -22.17
N ALA F 91 -18.20 28.80 -21.53
CA ALA F 91 -19.12 27.77 -21.08
C ALA F 91 -19.81 28.29 -19.84
N ILE F 92 -21.09 27.89 -19.66
CA ILE F 92 -21.88 28.23 -18.49
C ILE F 92 -22.41 26.96 -17.80
N SER F 93 -22.03 25.81 -18.33
CA SER F 93 -22.19 24.57 -17.60
C SER F 93 -20.85 23.85 -17.68
N LYS F 94 -20.68 22.88 -16.78
CA LYS F 94 -19.50 22.03 -16.75
C LYS F 94 -19.64 21.06 -17.91
N PRO F 95 -18.50 20.67 -18.54
CA PRO F 95 -18.50 19.77 -19.68
C PRO F 95 -19.04 18.40 -19.27
N GLU F 96 -20.17 18.02 -19.87
CA GLU F 96 -20.78 16.75 -19.56
C GLU F 96 -20.21 15.72 -20.52
N VAL F 97 -19.31 14.85 -20.01
CA VAL F 97 -18.63 13.90 -20.88
C VAL F 97 -19.48 12.65 -20.95
N LEU F 98 -19.88 12.27 -22.18
CA LEU F 98 -20.91 11.27 -22.40
C LEU F 98 -20.34 9.89 -22.71
N THR F 99 -19.05 9.77 -23.04
CA THR F 99 -18.56 8.50 -23.57
C THR F 99 -17.42 8.00 -22.69
N PRO F 100 -16.96 6.72 -22.83
CA PRO F 100 -15.89 6.17 -21.99
C PRO F 100 -14.59 6.98 -22.04
N GLN F 101 -14.07 7.35 -20.88
CA GLN F 101 -12.95 8.26 -20.76
C GLN F 101 -11.61 7.61 -21.11
N LEU F 102 -11.51 6.99 -22.30
CA LEU F 102 -10.29 6.40 -22.82
C LEU F 102 -9.71 7.26 -23.96
N ALA F 103 -8.39 7.18 -24.14
CA ALA F 103 -7.69 7.80 -25.25
C ALA F 103 -6.90 6.75 -26.03
N ARG F 104 -6.27 7.20 -27.12
CA ARG F 104 -5.54 6.32 -28.01
C ARG F 104 -4.07 6.74 -27.94
N VAL F 105 -3.16 5.79 -27.67
CA VAL F 105 -1.74 6.15 -27.58
C VAL F 105 -1.01 5.40 -28.68
N VAL F 106 -0.50 6.07 -29.71
CA VAL F 106 0.17 5.39 -30.81
C VAL F 106 1.61 5.11 -30.38
N SER F 107 2.25 4.07 -30.93
CA SER F 107 3.57 3.64 -30.46
C SER F 107 4.61 4.76 -30.47
N ASP F 108 4.46 5.76 -31.34
CA ASP F 108 5.42 6.85 -31.41
C ASP F 108 5.15 7.94 -30.37
N GLY F 109 4.22 7.69 -29.46
CA GLY F 109 3.98 8.58 -28.33
C GLY F 109 2.87 9.58 -28.61
N GLU F 110 2.15 9.42 -29.71
CA GLU F 110 1.07 10.33 -30.07
C GLU F 110 -0.16 9.88 -29.29
N VAL F 111 -0.85 10.84 -28.65
CA VAL F 111 -2.07 10.60 -27.88
C VAL F 111 -3.22 11.23 -28.66
N LEU F 112 -4.17 10.38 -29.08
CA LEU F 112 -5.42 10.78 -29.71
C LEU F 112 -6.56 10.61 -28.71
N TYR F 113 -7.16 11.70 -28.20
CA TYR F 113 -8.30 11.65 -27.32
C TYR F 113 -9.49 12.39 -27.93
N MET F 114 -10.64 11.71 -28.02
CA MET F 114 -11.87 12.32 -28.55
C MET F 114 -13.09 12.06 -27.65
N PRO F 115 -13.39 12.94 -26.65
CA PRO F 115 -14.61 12.80 -25.87
C PRO F 115 -15.82 13.39 -26.62
N SER F 116 -16.99 12.83 -26.37
CA SER F 116 -18.26 13.47 -26.71
C SER F 116 -18.70 14.29 -25.51
N ILE F 117 -18.76 15.62 -25.67
CA ILE F 117 -19.09 16.54 -24.60
C ILE F 117 -20.42 17.25 -24.89
N ARG F 118 -21.34 17.21 -23.90
CA ARG F 118 -22.50 18.09 -23.87
C ARG F 118 -22.17 19.29 -22.99
N GLN F 119 -22.39 20.51 -23.50
CA GLN F 119 -22.05 21.70 -22.73
C GLN F 119 -22.86 22.92 -23.19
N ARG F 120 -23.10 23.85 -22.27
CA ARG F 120 -23.94 25.00 -22.54
C ARG F 120 -23.05 26.24 -22.65
N PHE F 121 -23.29 27.06 -23.69
CA PHE F 121 -22.42 28.18 -23.94
C PHE F 121 -23.21 29.48 -23.95
N SER F 122 -22.47 30.56 -23.62
CA SER F 122 -22.92 31.94 -23.69
C SER F 122 -22.38 32.55 -24.97
N CYS F 123 -23.22 32.66 -26.00
CA CYS F 123 -22.77 33.19 -27.29
C CYS F 123 -23.90 33.88 -28.05
N ASP F 124 -23.52 34.58 -29.13
CA ASP F 124 -24.45 35.39 -29.92
C ASP F 124 -25.35 34.51 -30.78
N VAL F 125 -26.61 34.38 -30.37
CA VAL F 125 -27.58 33.54 -31.05
C VAL F 125 -28.54 34.37 -31.89
N SER F 126 -28.17 35.63 -32.21
CA SER F 126 -29.04 36.47 -33.01
C SER F 126 -28.97 36.03 -34.47
N GLY F 127 -30.13 35.79 -35.07
CA GLY F 127 -30.21 35.51 -36.50
C GLY F 127 -30.18 34.02 -36.82
N VAL F 128 -30.59 33.21 -35.85
CA VAL F 128 -30.66 31.76 -36.01
C VAL F 128 -31.88 31.40 -36.85
N ASP F 129 -32.94 32.23 -36.76
CA ASP F 129 -34.16 32.07 -37.52
C ASP F 129 -34.01 32.70 -38.91
N THR F 130 -32.98 33.55 -39.10
CA THR F 130 -32.68 34.09 -40.42
C THR F 130 -32.07 32.98 -41.27
N GLU F 131 -31.56 33.36 -42.44
CA GLU F 131 -31.15 32.40 -43.45
C GLU F 131 -29.62 32.35 -43.49
N SER F 132 -28.95 33.46 -43.24
CA SER F 132 -27.50 33.47 -43.20
C SER F 132 -27.03 33.09 -41.78
N GLY F 133 -27.97 33.08 -40.82
CA GLY F 133 -27.85 32.30 -39.60
C GLY F 133 -27.09 33.04 -38.49
N ALA F 134 -27.04 32.40 -37.30
CA ALA F 134 -26.32 32.89 -36.13
C ALA F 134 -24.88 32.44 -36.17
N THR F 135 -23.98 33.25 -35.58
CA THR F 135 -22.58 32.89 -35.48
C THR F 135 -22.16 32.95 -34.01
N CYS F 136 -22.00 31.75 -33.42
CA CYS F 136 -21.75 31.51 -32.00
C CYS F 136 -20.27 31.23 -31.76
N ARG F 137 -19.53 32.21 -31.25
CA ARG F 137 -18.11 32.08 -31.00
C ARG F 137 -17.88 31.46 -29.62
N ILE F 138 -17.03 30.40 -29.62
CA ILE F 138 -16.56 29.69 -28.43
C ILE F 138 -15.03 29.76 -28.37
N LYS F 139 -14.50 30.12 -27.19
CA LYS F 139 -13.08 30.33 -26.95
C LYS F 139 -12.51 29.15 -26.17
N ILE F 140 -11.60 28.40 -26.80
CA ILE F 140 -11.01 27.21 -26.20
C ILE F 140 -9.51 27.40 -25.96
N GLY F 141 -9.08 27.09 -24.74
CA GLY F 141 -7.71 27.31 -24.29
C GLY F 141 -7.33 26.44 -23.10
N SER F 142 -6.03 26.48 -22.78
CA SER F 142 -5.51 25.92 -21.54
C SER F 142 -5.91 26.86 -20.41
N TRP F 143 -6.22 26.29 -19.23
CA TRP F 143 -6.54 27.11 -18.09
C TRP F 143 -5.25 27.66 -17.46
N THR F 144 -4.22 26.82 -17.26
CA THR F 144 -3.07 27.24 -16.45
C THR F 144 -1.77 27.37 -17.25
N HIS F 145 -1.71 26.89 -18.49
CA HIS F 145 -0.47 26.83 -19.25
C HIS F 145 -0.42 27.90 -20.35
N HIS F 146 0.54 28.84 -20.26
CA HIS F 146 0.76 29.81 -21.32
C HIS F 146 1.37 29.18 -22.57
N SER F 147 1.46 30.01 -23.62
CA SER F 147 1.84 29.61 -24.98
C SER F 147 3.25 29.04 -25.04
N ARG F 148 4.09 29.43 -24.09
CA ARG F 148 5.40 28.83 -23.96
C ARG F 148 5.31 27.39 -23.46
N GLU F 149 4.17 26.99 -22.87
CA GLU F 149 4.00 25.64 -22.27
C GLU F 149 2.97 24.80 -23.04
N ILE F 150 1.88 25.44 -23.49
CA ILE F 150 0.98 24.85 -24.46
C ILE F 150 0.66 25.89 -25.53
N SER F 151 0.83 25.46 -26.77
CA SER F 151 0.28 26.15 -27.91
C SER F 151 -0.92 25.30 -28.31
N VAL F 152 -2.03 25.92 -28.69
CA VAL F 152 -3.15 25.12 -29.17
C VAL F 152 -3.49 25.58 -30.59
N ASP F 153 -3.72 24.59 -31.45
CA ASP F 153 -3.73 24.78 -32.89
C ASP F 153 -4.92 24.01 -33.45
N PRO F 154 -5.63 24.54 -34.48
CA PRO F 154 -6.77 23.85 -35.09
C PRO F 154 -6.37 22.91 -36.22
N THR F 155 -7.35 22.29 -36.86
CA THR F 155 -7.15 21.27 -37.87
C THR F 155 -8.12 21.52 -39.04
N THR F 156 -7.71 21.13 -40.26
CA THR F 156 -8.45 21.45 -41.47
C THR F 156 -9.58 20.43 -41.65
N SER F 162 -20.30 18.51 -39.50
CA SER F 162 -20.74 18.49 -40.93
C SER F 162 -20.76 17.07 -41.51
N GLU F 163 -19.70 16.26 -41.27
CA GLU F 163 -19.69 14.82 -41.58
C GLU F 163 -20.26 14.05 -40.39
N TYR F 164 -20.72 14.83 -39.41
CA TYR F 164 -20.91 14.34 -38.05
C TYR F 164 -22.24 14.85 -37.48
N PHE F 165 -22.81 15.90 -38.10
CA PHE F 165 -23.89 16.65 -37.49
C PHE F 165 -25.19 15.90 -37.76
N SER F 166 -25.98 15.69 -36.70
CA SER F 166 -27.21 14.93 -36.84
C SER F 166 -28.09 15.54 -37.92
N GLN F 167 -28.41 14.75 -38.95
CA GLN F 167 -29.35 15.12 -40.00
C GLN F 167 -30.76 15.35 -39.46
N TYR F 168 -31.07 14.87 -38.24
CA TYR F 168 -32.39 15.04 -37.65
C TYR F 168 -32.47 16.21 -36.67
N SER F 169 -31.36 16.91 -36.43
CA SER F 169 -31.39 18.12 -35.62
C SER F 169 -32.52 19.03 -36.08
N ARG F 170 -33.10 19.76 -35.13
CA ARG F 170 -33.96 20.89 -35.42
C ARG F 170 -33.20 21.85 -36.35
N PHE F 171 -31.87 21.96 -36.17
CA PHE F 171 -31.07 23.00 -36.79
C PHE F 171 -30.17 22.45 -37.89
N GLU F 172 -29.42 23.35 -38.56
CA GLU F 172 -28.41 22.96 -39.53
C GLU F 172 -27.25 23.94 -39.52
N ILE F 173 -26.06 23.37 -39.77
CA ILE F 173 -24.78 24.07 -39.77
C ILE F 173 -24.50 24.59 -41.16
N LEU F 174 -24.16 25.88 -41.22
CA LEU F 174 -23.83 26.53 -42.49
C LEU F 174 -22.33 26.46 -42.70
N ASP F 175 -21.58 26.82 -41.66
CA ASP F 175 -20.14 26.65 -41.68
C ASP F 175 -19.63 26.53 -40.24
N VAL F 176 -18.44 25.94 -40.10
CA VAL F 176 -17.70 25.92 -38.85
C VAL F 176 -16.26 26.24 -39.22
N THR F 177 -15.69 27.26 -38.60
CA THR F 177 -14.31 27.60 -38.89
C THR F 177 -13.58 27.67 -37.55
N GLN F 178 -12.27 27.42 -37.59
CA GLN F 178 -11.49 27.34 -36.37
C GLN F 178 -10.15 27.97 -36.62
N LYS F 179 -9.90 29.12 -35.96
CA LYS F 179 -8.67 29.85 -36.14
C LYS F 179 -7.97 29.96 -34.77
N LYS F 180 -6.64 30.11 -34.85
CA LYS F 180 -5.76 30.39 -33.73
C LYS F 180 -6.10 31.77 -33.21
N ASN F 181 -6.04 31.94 -31.89
CA ASN F 181 -6.06 33.25 -31.27
C ASN F 181 -4.99 33.22 -30.19
N SER F 182 -4.28 34.31 -29.96
CA SER F 182 -3.34 34.37 -28.85
C SER F 182 -3.64 35.63 -28.05
N VAL F 183 -3.71 35.45 -26.74
CA VAL F 183 -4.40 36.41 -25.88
C VAL F 183 -3.49 36.78 -24.71
N THR F 184 -3.62 38.02 -24.24
CA THR F 184 -2.85 38.53 -23.14
C THR F 184 -3.84 39.21 -22.21
N TYR F 185 -3.83 38.81 -20.93
CA TYR F 185 -4.73 39.37 -19.93
C TYR F 185 -4.06 40.62 -19.35
N SER F 186 -4.83 41.39 -18.55
CA SER F 186 -4.38 42.69 -18.08
C SER F 186 -3.50 42.56 -16.85
N CYS F 187 -3.72 41.49 -16.08
CA CYS F 187 -3.01 41.19 -14.84
C CYS F 187 -1.54 40.85 -15.08
N CYS F 188 -1.29 40.06 -16.13
CA CYS F 188 -0.13 39.19 -16.16
C CYS F 188 0.63 39.38 -17.48
N PRO F 189 1.97 39.47 -17.40
CA PRO F 189 2.84 39.51 -18.59
C PRO F 189 2.63 38.57 -19.78
N GLU F 190 2.13 37.37 -19.55
CA GLU F 190 2.30 36.31 -20.55
C GLU F 190 1.09 36.21 -21.48
N ALA F 191 1.25 35.43 -22.55
CA ALA F 191 0.15 35.15 -23.49
C ALA F 191 -0.33 33.71 -23.36
N TYR F 192 -1.60 33.50 -23.71
CA TYR F 192 -2.18 32.17 -23.87
C TYR F 192 -2.61 32.01 -25.33
N GLU F 193 -2.06 31.00 -25.99
CA GLU F 193 -2.59 30.55 -27.26
C GLU F 193 -3.95 29.89 -27.05
N ASP F 194 -4.85 30.08 -28.01
CA ASP F 194 -6.22 29.61 -27.95
C ASP F 194 -6.75 29.36 -29.36
N VAL F 195 -7.90 28.71 -29.44
CA VAL F 195 -8.60 28.50 -30.68
C VAL F 195 -9.88 29.32 -30.58
N GLU F 196 -10.36 29.86 -31.72
CA GLU F 196 -11.72 30.36 -31.78
C GLU F 196 -12.52 29.45 -32.71
N VAL F 197 -13.66 28.97 -32.22
CA VAL F 197 -14.59 28.18 -33.00
C VAL F 197 -15.83 29.05 -33.23
N SER F 198 -16.27 29.13 -34.51
CA SER F 198 -17.42 29.92 -34.93
C SER F 198 -18.50 28.99 -35.48
N LEU F 199 -19.57 28.85 -34.72
CA LEU F 199 -20.62 27.95 -35.15
C LEU F 199 -21.67 28.80 -35.85
N ASN F 200 -21.56 28.87 -37.19
CA ASN F 200 -22.56 29.47 -38.05
C ASN F 200 -23.63 28.43 -38.38
N PHE F 201 -24.87 28.63 -37.88
CA PHE F 201 -25.91 27.62 -38.03
C PHE F 201 -27.27 28.30 -38.03
N ARG F 202 -28.35 27.53 -38.25
CA ARG F 202 -29.71 28.08 -38.23
C ARG F 202 -30.77 26.99 -38.15
N LYS F 203 -32.01 27.42 -37.84
CA LYS F 203 -33.21 26.60 -37.87
C LYS F 203 -33.57 26.20 -39.31
N LYS F 204 -34.56 25.30 -39.44
CA LYS F 204 -34.83 24.61 -40.70
C LYS F 204 -36.16 25.06 -41.32
N GLY F 205 -37.29 24.62 -40.76
CA GLY F 205 -38.60 24.86 -41.33
C GLY F 205 -38.96 23.82 -42.39
N PHE G 1 15.98 21.85 -10.71
CA PHE G 1 15.16 20.63 -10.91
C PHE G 1 14.38 20.83 -12.21
N ASP G 2 13.83 19.73 -12.76
CA ASP G 2 12.90 19.81 -13.88
C ASP G 2 11.46 19.90 -13.35
N ARG G 3 10.47 19.91 -14.26
CA ARG G 3 9.06 20.00 -13.90
C ARG G 3 8.62 18.73 -13.19
N ALA G 4 9.13 17.58 -13.63
CA ALA G 4 8.74 16.30 -13.05
C ALA G 4 9.17 16.23 -11.59
N ASP G 5 10.43 16.59 -11.33
CA ASP G 5 10.99 16.51 -9.99
C ASP G 5 10.15 17.38 -9.06
N ILE G 6 9.85 18.62 -9.50
CA ILE G 6 9.28 19.65 -8.64
C ILE G 6 7.86 19.25 -8.24
N LEU G 7 7.17 18.58 -9.16
CA LEU G 7 5.80 18.15 -8.94
C LEU G 7 5.79 16.97 -7.97
N TYR G 8 6.66 16.00 -8.25
CA TYR G 8 6.94 14.87 -7.36
C TYR G 8 7.21 15.34 -5.94
N ASN G 9 8.06 16.36 -5.78
CA ASN G 9 8.34 16.87 -4.44
C ASN G 9 7.07 17.39 -3.80
N ILE G 10 6.32 18.18 -4.57
CA ILE G 10 5.11 18.80 -4.06
C ILE G 10 4.15 17.66 -3.70
N ARG G 11 4.08 16.63 -4.55
CA ARG G 11 3.18 15.52 -4.28
C ARG G 11 3.57 14.85 -2.95
N GLN G 12 4.84 14.54 -2.74
CA GLN G 12 5.25 13.75 -1.59
C GLN G 12 5.16 14.53 -0.27
N THR G 13 5.41 15.84 -0.27
CA THR G 13 5.60 16.58 0.97
C THR G 13 4.59 17.71 1.19
N SER G 14 3.84 18.16 0.16
CA SER G 14 2.81 19.15 0.41
C SER G 14 1.79 18.50 1.34
N ARG G 15 1.68 19.04 2.55
CA ARG G 15 0.71 18.56 3.52
C ARG G 15 -0.62 19.20 3.17
N PRO G 16 -1.43 18.55 2.32
CA PRO G 16 -2.63 19.18 1.78
C PRO G 16 -3.69 19.49 2.84
N ASP G 17 -3.51 18.97 4.06
CA ASP G 17 -4.44 19.15 5.17
C ASP G 17 -3.93 20.24 6.11
N VAL G 18 -2.76 20.79 5.86
CA VAL G 18 -2.10 21.62 6.85
C VAL G 18 -2.05 23.06 6.38
N ILE G 19 -2.82 23.93 7.02
CA ILE G 19 -2.76 25.36 6.75
C ILE G 19 -1.27 25.74 6.85
N PRO G 20 -0.68 26.44 5.87
CA PRO G 20 0.75 26.79 5.92
C PRO G 20 0.95 27.99 6.82
N THR G 21 0.34 27.97 7.99
CA THR G 21 0.54 29.02 8.97
C THR G 21 2.04 29.22 9.17
N GLN G 22 2.44 30.50 9.21
CA GLN G 22 3.82 30.93 9.32
C GLN G 22 4.06 31.61 10.67
N ARG G 23 4.87 30.98 11.52
CA ARG G 23 4.93 31.28 12.95
C ARG G 23 3.53 31.00 13.49
N ASP G 24 2.84 32.01 14.03
CA ASP G 24 1.44 31.84 14.34
C ASP G 24 0.65 32.96 13.68
N ARG G 25 1.04 33.25 12.43
CA ARG G 25 0.46 34.35 11.69
C ARG G 25 -0.67 33.80 10.83
N PRO G 26 -1.75 34.60 10.59
CA PRO G 26 -2.82 34.14 9.74
C PRO G 26 -2.17 34.01 8.37
N VAL G 27 -2.57 32.96 7.63
CA VAL G 27 -2.25 32.82 6.23
C VAL G 27 -3.08 33.90 5.54
N ALA G 28 -2.38 34.75 4.79
CA ALA G 28 -2.98 35.94 4.22
C ALA G 28 -3.40 35.61 2.79
N VAL G 29 -4.71 35.40 2.62
CA VAL G 29 -5.32 35.01 1.35
C VAL G 29 -5.96 36.24 0.70
N SER G 30 -5.73 36.41 -0.61
CA SER G 30 -6.36 37.47 -1.39
C SER G 30 -7.44 36.89 -2.31
N VAL G 31 -8.65 37.43 -2.22
CA VAL G 31 -9.73 37.00 -3.11
C VAL G 31 -10.25 38.23 -3.84
N SER G 32 -10.49 38.06 -5.15
CA SER G 32 -10.99 39.12 -6.00
C SER G 32 -11.73 38.47 -7.15
N LEU G 33 -13.04 38.68 -7.22
CA LEU G 33 -13.88 38.04 -8.22
C LEU G 33 -13.81 38.83 -9.52
N LYS G 34 -13.97 38.16 -10.66
CA LYS G 34 -14.22 38.85 -11.92
C LYS G 34 -15.44 38.23 -12.58
N PHE G 35 -16.45 39.03 -12.89
CA PHE G 35 -17.71 38.44 -13.35
C PHE G 35 -17.59 38.21 -14.84
N ILE G 36 -18.08 37.04 -15.25
CA ILE G 36 -18.07 36.63 -16.64
C ILE G 36 -19.49 36.78 -17.20
N ASN G 37 -20.52 36.72 -16.32
CA ASN G 37 -21.87 36.45 -16.79
C ASN G 37 -22.89 36.42 -15.63
N ILE G 38 -24.04 37.09 -15.85
CA ILE G 38 -25.23 36.98 -15.02
C ILE G 38 -26.29 36.37 -15.93
N LEU G 39 -26.93 35.27 -15.49
CA LEU G 39 -27.58 34.31 -16.37
C LEU G 39 -29.08 34.24 -16.09
N GLU G 40 -29.47 34.35 -14.83
CA GLU G 40 -30.88 34.33 -14.49
C GLU G 40 -31.01 35.05 -13.16
N VAL G 41 -31.93 36.01 -13.12
CA VAL G 41 -32.15 36.86 -11.97
C VAL G 41 -33.64 36.89 -11.66
N ASN G 42 -33.98 36.81 -10.38
CA ASN G 42 -35.35 36.87 -9.92
C ASN G 42 -35.46 38.01 -8.92
N GLU G 43 -36.38 38.95 -9.22
CA GLU G 43 -36.61 40.12 -8.37
C GLU G 43 -37.58 39.73 -7.26
N ILE G 44 -38.48 38.79 -7.57
CA ILE G 44 -39.44 38.31 -6.59
C ILE G 44 -38.72 37.56 -5.47
N THR G 45 -37.90 36.55 -5.85
CA THR G 45 -37.28 35.63 -4.90
C THR G 45 -35.90 36.12 -4.44
N ASN G 46 -35.37 37.16 -5.07
CA ASN G 46 -34.11 37.71 -4.60
C ASN G 46 -32.99 36.69 -4.81
N GLU G 47 -32.99 36.06 -5.99
CA GLU G 47 -32.04 35.01 -6.34
C GLU G 47 -31.39 35.38 -7.66
N VAL G 48 -30.06 35.37 -7.66
CA VAL G 48 -29.29 35.52 -8.89
C VAL G 48 -28.45 34.26 -9.08
N ASP G 49 -28.14 33.99 -10.35
CA ASP G 49 -27.35 32.86 -10.79
C ASP G 49 -26.25 33.40 -11.71
N VAL G 50 -25.00 33.28 -11.26
CA VAL G 50 -23.89 34.09 -11.73
C VAL G 50 -22.73 33.17 -12.10
N VAL G 51 -21.86 33.61 -13.02
CA VAL G 51 -20.62 32.91 -13.34
C VAL G 51 -19.49 33.88 -13.05
N PHE G 52 -18.45 33.41 -12.32
CA PHE G 52 -17.34 34.29 -11.98
C PHE G 52 -16.02 33.54 -11.73
N TRP G 53 -14.93 34.19 -12.09
CA TRP G 53 -13.60 33.75 -11.76
C TRP G 53 -13.20 34.29 -10.40
N GLN G 54 -12.87 33.36 -9.50
CA GLN G 54 -12.38 33.68 -8.18
C GLN G 54 -10.86 33.72 -8.26
N GLN G 55 -10.29 34.93 -8.25
CA GLN G 55 -8.85 35.09 -8.17
C GLN G 55 -8.40 34.86 -6.72
N THR G 56 -7.75 33.72 -6.47
CA THR G 56 -7.26 33.44 -5.13
C THR G 56 -5.76 33.32 -5.18
N THR G 57 -5.13 33.75 -4.08
CA THR G 57 -3.69 33.90 -4.00
C THR G 57 -3.30 33.80 -2.53
N TRP G 58 -2.22 33.05 -2.24
CA TRP G 58 -1.71 32.86 -0.89
C TRP G 58 -0.31 32.28 -0.99
N SER G 59 0.46 32.30 0.11
CA SER G 59 1.82 31.81 0.06
C SER G 59 1.95 30.55 0.92
N ASP G 60 2.61 29.51 0.36
CA ASP G 60 2.91 28.27 1.05
C ASP G 60 4.37 27.88 0.84
N ARG G 61 5.19 28.14 1.88
CA ARG G 61 6.64 27.95 1.86
C ARG G 61 7.05 26.49 1.81
N THR G 62 6.14 25.55 2.07
CA THR G 62 6.51 24.17 1.86
C THR G 62 6.56 23.87 0.36
N LEU G 63 6.19 24.84 -0.50
CA LEU G 63 6.11 24.59 -1.93
C LEU G 63 7.37 25.08 -2.65
N ALA G 64 8.10 26.04 -2.07
CA ALA G 64 9.07 26.84 -2.81
C ALA G 64 10.31 26.07 -3.22
N TRP G 65 10.87 26.41 -4.41
CA TRP G 65 12.15 25.86 -4.89
C TRP G 65 13.01 26.98 -5.45
N ASN G 66 14.34 26.76 -5.46
CA ASN G 66 15.30 27.74 -5.95
C ASN G 66 15.29 27.76 -7.47
N SER G 67 14.44 28.64 -8.03
CA SER G 67 14.45 28.94 -9.44
C SER G 67 15.86 29.40 -9.78
N SER G 68 16.72 28.41 -9.99
CA SER G 68 18.13 28.62 -10.23
C SER G 68 18.40 28.31 -11.69
N HIS G 69 18.22 27.04 -12.06
CA HIS G 69 18.07 26.63 -13.45
C HIS G 69 16.84 25.74 -13.52
N SER G 70 15.72 26.25 -12.99
CA SER G 70 14.47 25.53 -12.85
C SER G 70 13.35 26.34 -13.49
N PRO G 71 12.20 25.75 -13.86
CA PRO G 71 11.02 26.53 -14.23
C PRO G 71 10.62 27.44 -13.07
N ASP G 72 10.09 28.63 -13.39
CA ASP G 72 9.72 29.61 -12.38
C ASP G 72 8.31 29.36 -11.83
N GLN G 73 7.56 28.44 -12.44
CA GLN G 73 6.24 28.07 -11.95
C GLN G 73 5.83 26.78 -12.63
N VAL G 74 4.84 26.11 -12.02
CA VAL G 74 4.22 24.89 -12.55
C VAL G 74 2.74 24.84 -12.20
N SER G 75 2.05 23.90 -12.86
CA SER G 75 0.63 23.62 -12.63
C SER G 75 0.49 22.43 -11.71
N VAL G 76 -0.30 22.60 -10.64
CA VAL G 76 -0.39 21.60 -9.60
C VAL G 76 -1.86 21.33 -9.36
N PRO G 77 -2.29 20.06 -9.52
CA PRO G 77 -3.66 19.68 -9.16
C PRO G 77 -3.94 19.97 -7.68
N ILE G 78 -5.11 20.59 -7.40
CA ILE G 78 -5.39 21.09 -6.07
C ILE G 78 -5.51 19.97 -5.03
N SER G 79 -5.78 18.73 -5.45
CA SER G 79 -5.68 17.56 -4.59
C SER G 79 -4.34 17.50 -3.87
N SER G 80 -3.27 18.00 -4.53
CA SER G 80 -1.93 17.86 -3.96
C SER G 80 -1.44 19.14 -3.30
N LEU G 81 -2.34 20.06 -2.87
CA LEU G 81 -1.96 21.33 -2.27
C LEU G 81 -2.86 21.67 -1.08
N TRP G 82 -2.36 22.47 -0.14
CA TRP G 82 -3.24 23.12 0.80
C TRP G 82 -4.01 24.22 0.06
N VAL G 83 -5.33 24.21 0.24
CA VAL G 83 -6.21 25.21 -0.35
C VAL G 83 -7.07 25.84 0.72
N PRO G 84 -7.29 27.17 0.73
CA PRO G 84 -8.21 27.82 1.68
C PRO G 84 -9.61 27.30 1.46
N ASP G 85 -10.30 26.97 2.57
CA ASP G 85 -11.57 26.27 2.59
C ASP G 85 -12.70 27.27 2.45
N LEU G 86 -12.69 28.04 1.36
CA LEU G 86 -13.54 29.20 1.21
C LEU G 86 -14.97 28.75 0.89
N ALA G 87 -15.89 29.69 1.15
CA ALA G 87 -17.31 29.45 1.00
C ALA G 87 -18.04 30.78 0.88
N ALA G 88 -19.09 30.78 0.05
CA ALA G 88 -19.94 31.92 -0.11
C ALA G 88 -21.02 31.79 0.96
N TYR G 89 -21.09 32.81 1.84
CA TYR G 89 -21.93 32.73 3.02
C TYR G 89 -23.39 32.73 2.60
N ASN G 90 -23.69 33.42 1.50
CA ASN G 90 -25.04 33.56 1.00
C ASN G 90 -25.20 32.82 -0.33
N ALA G 91 -24.57 31.65 -0.44
CA ALA G 91 -24.82 30.80 -1.59
C ALA G 91 -26.05 29.92 -1.31
N ILE G 92 -26.83 29.61 -2.35
CA ILE G 92 -28.00 28.76 -2.21
C ILE G 92 -27.83 27.53 -3.08
N SER G 93 -26.60 27.28 -3.52
CA SER G 93 -26.31 26.19 -4.44
C SER G 93 -24.86 25.82 -4.29
N LYS G 94 -24.53 24.56 -4.52
CA LYS G 94 -23.15 24.13 -4.33
C LYS G 94 -22.36 24.64 -5.52
N PRO G 95 -21.11 25.15 -5.33
CA PRO G 95 -20.37 25.75 -6.43
C PRO G 95 -20.25 24.72 -7.57
N GLU G 96 -20.54 25.15 -8.79
CA GLU G 96 -20.29 24.35 -9.98
C GLU G 96 -18.96 24.80 -10.60
N VAL G 97 -17.93 23.95 -10.50
CA VAL G 97 -16.60 24.34 -10.98
C VAL G 97 -16.53 23.95 -12.45
N LEU G 98 -16.31 24.97 -13.29
CA LEU G 98 -16.42 24.85 -14.74
C LEU G 98 -15.06 24.52 -15.38
N THR G 99 -13.97 24.57 -14.58
CA THR G 99 -12.59 24.52 -15.05
C THR G 99 -11.76 23.35 -14.47
N PRO G 100 -10.65 22.98 -15.17
CA PRO G 100 -9.68 22.02 -14.64
C PRO G 100 -9.24 22.48 -13.26
N GLN G 101 -9.17 21.56 -12.32
CA GLN G 101 -8.88 21.94 -10.94
C GLN G 101 -7.37 21.99 -10.72
N LEU G 102 -6.73 23.00 -11.31
CA LEU G 102 -5.27 23.09 -11.30
C LEU G 102 -4.94 24.45 -10.72
N ALA G 103 -3.82 24.56 -9.99
CA ALA G 103 -3.39 25.87 -9.56
C ALA G 103 -1.97 26.10 -10.06
N ARG G 104 -1.63 27.37 -10.24
CA ARG G 104 -0.30 27.79 -10.62
C ARG G 104 0.51 27.97 -9.35
N VAL G 105 1.65 27.28 -9.22
CA VAL G 105 2.56 27.51 -8.09
C VAL G 105 3.86 28.16 -8.59
N VAL G 106 4.22 29.28 -7.96
CA VAL G 106 5.45 29.98 -8.25
C VAL G 106 6.58 29.43 -7.39
N SER G 107 7.80 29.56 -7.91
CA SER G 107 9.00 29.04 -7.25
C SER G 107 9.20 29.62 -5.85
N ASP G 108 8.60 30.79 -5.55
CA ASP G 108 8.72 31.39 -4.24
C ASP G 108 7.66 30.85 -3.29
N GLY G 109 6.83 29.92 -3.76
CA GLY G 109 5.82 29.33 -2.90
C GLY G 109 4.49 30.08 -3.00
N GLU G 110 4.43 31.08 -3.88
CA GLU G 110 3.17 31.75 -4.16
C GLU G 110 2.25 30.84 -4.96
N VAL G 111 1.00 30.75 -4.54
CA VAL G 111 0.02 29.93 -5.25
C VAL G 111 -0.99 30.90 -5.83
N LEU G 112 -1.43 30.62 -7.06
CA LEU G 112 -2.49 31.40 -7.69
C LEU G 112 -3.53 30.41 -8.18
N TYR G 113 -4.67 30.35 -7.49
CA TYR G 113 -5.77 29.49 -7.87
C TYR G 113 -6.85 30.43 -8.43
N MET G 114 -7.46 30.07 -9.57
CA MET G 114 -8.55 30.85 -10.15
C MET G 114 -9.54 29.92 -10.83
N PRO G 115 -10.50 29.34 -10.08
CA PRO G 115 -11.55 28.53 -10.69
C PRO G 115 -12.60 29.43 -11.29
N SER G 116 -13.24 28.91 -12.35
CA SER G 116 -14.47 29.48 -12.88
C SER G 116 -15.66 28.81 -12.20
N ILE G 117 -16.50 29.62 -11.54
CA ILE G 117 -17.58 29.10 -10.69
C ILE G 117 -18.94 29.70 -11.07
N ARG G 118 -19.88 28.78 -11.31
CA ARG G 118 -21.26 29.11 -11.52
C ARG G 118 -22.04 28.74 -10.27
N GLN G 119 -22.80 29.70 -9.73
CA GLN G 119 -23.44 29.51 -8.44
C GLN G 119 -24.56 30.53 -8.26
N ARG G 120 -25.56 30.18 -7.44
CA ARG G 120 -26.70 31.05 -7.16
C ARG G 120 -26.58 31.62 -5.75
N PHE G 121 -26.99 32.89 -5.56
CA PHE G 121 -26.93 33.53 -4.26
C PHE G 121 -28.29 34.14 -3.90
N SER G 122 -28.49 34.34 -2.58
CA SER G 122 -29.49 35.23 -2.00
C SER G 122 -28.85 36.60 -1.81
N CYS G 123 -29.48 37.64 -2.35
CA CYS G 123 -28.93 38.97 -2.30
C CYS G 123 -30.01 39.93 -2.81
N ASP G 124 -29.75 41.23 -2.73
CA ASP G 124 -30.77 42.19 -3.10
C ASP G 124 -30.81 42.39 -4.61
N VAL G 125 -31.83 41.81 -5.23
CA VAL G 125 -32.02 41.88 -6.66
C VAL G 125 -32.82 43.12 -7.08
N SER G 126 -33.33 43.93 -6.14
CA SER G 126 -34.31 44.95 -6.45
C SER G 126 -33.67 46.13 -7.14
N GLY G 127 -34.40 46.75 -8.07
CA GLY G 127 -33.89 47.87 -8.85
C GLY G 127 -33.19 47.42 -10.13
N VAL G 128 -33.21 46.10 -10.39
CA VAL G 128 -32.51 45.53 -11.53
C VAL G 128 -33.01 46.15 -12.84
N ASP G 129 -34.31 46.46 -12.94
CA ASP G 129 -34.89 47.07 -14.15
C ASP G 129 -35.04 48.58 -13.97
N THR G 130 -33.95 49.23 -13.56
CA THR G 130 -33.91 50.66 -13.33
C THR G 130 -32.48 51.11 -13.64
N GLU G 131 -32.32 52.41 -13.93
CA GLU G 131 -31.04 52.98 -14.34
C GLU G 131 -30.00 52.75 -13.24
N SER G 132 -30.39 53.00 -11.99
CA SER G 132 -29.46 52.98 -10.88
C SER G 132 -29.05 51.55 -10.56
N GLY G 133 -29.96 50.61 -10.86
CA GLY G 133 -29.62 49.20 -10.91
C GLY G 133 -29.62 48.59 -9.52
N ALA G 134 -29.57 47.25 -9.52
CA ALA G 134 -29.60 46.44 -8.32
C ALA G 134 -28.17 46.24 -7.82
N THR G 135 -28.03 46.01 -6.52
CA THR G 135 -26.72 45.79 -5.90
C THR G 135 -26.74 44.50 -5.08
N CYS G 136 -26.13 43.44 -5.65
CA CYS G 136 -26.07 42.10 -5.09
C CYS G 136 -24.71 41.91 -4.42
N ARG G 137 -24.71 41.70 -3.10
CA ARG G 137 -23.49 41.50 -2.34
C ARG G 137 -23.26 40.01 -2.05
N ILE G 138 -22.05 39.54 -2.37
CA ILE G 138 -21.64 38.17 -2.07
C ILE G 138 -20.52 38.26 -1.05
N LYS G 139 -20.51 37.34 -0.08
CA LYS G 139 -19.44 37.24 0.91
C LYS G 139 -18.73 35.89 0.77
N ILE G 140 -17.40 35.91 0.71
CA ILE G 140 -16.61 34.70 0.58
C ILE G 140 -15.52 34.69 1.66
N GLY G 141 -15.51 33.65 2.50
CA GLY G 141 -14.48 33.51 3.53
C GLY G 141 -14.25 32.05 3.94
N SER G 142 -13.25 31.83 4.80
CA SER G 142 -13.01 30.48 5.28
C SER G 142 -14.26 29.99 6.02
N TRP G 143 -14.56 28.70 5.89
CA TRP G 143 -15.68 28.03 6.54
C TRP G 143 -15.35 27.65 7.99
N THR G 144 -14.05 27.36 8.26
CA THR G 144 -13.61 26.87 9.57
C THR G 144 -12.43 27.66 10.16
N HIS G 145 -11.74 28.50 9.37
CA HIS G 145 -10.54 29.18 9.86
C HIS G 145 -10.89 30.62 10.26
N HIS G 146 -11.03 30.85 11.57
CA HIS G 146 -11.22 32.18 12.12
C HIS G 146 -10.04 33.05 11.70
N SER G 147 -9.92 34.24 12.31
CA SER G 147 -9.21 35.35 11.70
C SER G 147 -7.77 35.41 12.15
N ARG G 148 -7.36 34.56 13.07
CA ARG G 148 -5.96 34.47 13.43
C ARG G 148 -5.26 33.39 12.60
N GLU G 149 -6.04 32.67 11.77
CA GLU G 149 -5.51 31.61 10.93
C GLU G 149 -5.49 31.99 9.46
N ILE G 150 -6.60 32.59 8.99
CA ILE G 150 -6.75 33.01 7.60
C ILE G 150 -7.39 34.40 7.60
N SER G 151 -6.58 35.39 7.18
CA SER G 151 -7.07 36.70 6.79
C SER G 151 -7.45 36.64 5.33
N VAL G 152 -8.35 37.54 4.92
CA VAL G 152 -8.68 37.67 3.52
C VAL G 152 -8.49 39.13 3.18
N ASP G 153 -7.84 39.40 2.04
CA ASP G 153 -7.80 40.76 1.52
C ASP G 153 -8.23 40.71 0.06
N PRO G 154 -8.98 41.73 -0.42
CA PRO G 154 -9.19 41.91 -1.86
C PRO G 154 -7.99 42.58 -2.52
N THR G 155 -7.42 41.92 -3.54
CA THR G 155 -6.39 42.51 -4.39
C THR G 155 -6.17 43.97 -4.03
N SER G 162 -15.64 43.79 -14.98
CA SER G 162 -16.36 44.10 -16.25
C SER G 162 -15.58 43.58 -17.47
N GLU G 163 -14.24 43.68 -17.42
CA GLU G 163 -13.39 43.47 -18.58
C GLU G 163 -13.39 42.01 -19.07
N TYR G 164 -13.80 41.06 -18.23
CA TYR G 164 -13.99 39.70 -18.71
C TYR G 164 -15.47 39.41 -18.90
N PHE G 165 -16.33 40.39 -18.60
CA PHE G 165 -17.77 40.19 -18.57
C PHE G 165 -18.31 39.93 -19.98
N SER G 166 -19.16 38.92 -20.12
CA SER G 166 -19.71 38.52 -21.42
C SER G 166 -20.56 39.64 -21.97
N GLN G 167 -20.38 39.92 -23.26
CA GLN G 167 -21.10 40.99 -23.91
C GLN G 167 -22.47 40.49 -24.32
N TYR G 168 -22.65 39.16 -24.36
CA TYR G 168 -23.90 38.54 -24.81
C TYR G 168 -24.84 38.35 -23.64
N SER G 169 -24.45 38.81 -22.45
CA SER G 169 -25.31 38.77 -21.28
C SER G 169 -26.56 39.61 -21.57
N ARG G 170 -27.63 39.39 -20.78
CA ARG G 170 -28.85 40.17 -20.86
C ARG G 170 -28.77 41.35 -19.89
N PHE G 171 -27.77 41.33 -18.99
CA PHE G 171 -27.57 42.37 -18.00
C PHE G 171 -26.21 43.05 -18.22
N GLU G 172 -25.97 44.13 -17.47
CA GLU G 172 -24.68 44.80 -17.53
C GLU G 172 -24.25 45.22 -16.14
N ILE G 173 -22.93 45.31 -15.96
CA ILE G 173 -22.34 45.68 -14.69
C ILE G 173 -22.06 47.17 -14.70
N LEU G 174 -22.76 47.91 -13.84
CA LEU G 174 -22.47 49.31 -13.58
C LEU G 174 -21.21 49.42 -12.73
N ASP G 175 -21.07 48.55 -11.71
CA ASP G 175 -19.90 48.60 -10.83
C ASP G 175 -19.78 47.34 -9.96
N VAL G 176 -18.54 47.11 -9.50
CA VAL G 176 -18.11 45.96 -8.70
C VAL G 176 -17.12 46.47 -7.65
N THR G 177 -17.55 46.70 -6.41
CA THR G 177 -16.58 47.03 -5.37
C THR G 177 -16.40 45.81 -4.48
N GLN G 178 -15.23 45.71 -3.84
CA GLN G 178 -14.85 44.56 -3.04
C GLN G 178 -14.18 45.06 -1.77
N LYS G 179 -14.58 44.56 -0.62
CA LYS G 179 -14.13 45.19 0.61
C LYS G 179 -14.00 44.15 1.71
N LYS G 180 -13.02 44.41 2.59
CA LYS G 180 -12.74 43.59 3.74
C LYS G 180 -13.97 43.64 4.64
N ASN G 181 -14.37 42.47 5.16
CA ASN G 181 -15.45 42.34 6.13
C ASN G 181 -15.11 41.17 7.07
N SER G 182 -15.71 41.14 8.26
CA SER G 182 -15.66 39.99 9.15
C SER G 182 -17.06 39.70 9.63
N VAL G 183 -17.40 38.41 9.79
CA VAL G 183 -18.68 38.02 10.37
C VAL G 183 -18.41 37.35 11.71
N THR G 184 -19.23 37.67 12.73
CA THR G 184 -19.17 36.99 14.00
C THR G 184 -20.57 36.56 14.42
N TYR G 185 -20.63 35.56 15.30
CA TYR G 185 -21.89 34.95 15.71
C TYR G 185 -21.90 34.82 17.23
N SER G 186 -23.09 34.95 17.81
CA SER G 186 -23.22 35.03 19.25
C SER G 186 -22.78 33.73 19.93
N CYS G 187 -22.92 32.60 19.22
CA CYS G 187 -22.53 31.30 19.72
C CYS G 187 -21.01 31.19 19.93
N CYS G 188 -20.24 31.85 19.08
CA CYS G 188 -18.94 31.33 18.75
C CYS G 188 -17.88 32.42 18.90
N PRO G 189 -16.86 32.19 19.76
CA PRO G 189 -15.96 33.26 20.16
C PRO G 189 -15.20 33.99 19.04
N GLU G 190 -15.11 33.36 17.84
CA GLU G 190 -14.17 33.84 16.83
C GLU G 190 -14.82 34.52 15.62
N ALA G 191 -14.13 35.56 15.15
CA ALA G 191 -14.42 36.27 13.92
C ALA G 191 -13.85 35.51 12.71
N TYR G 192 -14.53 35.67 11.57
CA TYR G 192 -14.22 35.02 10.30
C TYR G 192 -14.16 36.07 9.19
N GLU G 193 -12.98 36.28 8.60
CA GLU G 193 -12.79 37.33 7.61
C GLU G 193 -13.36 36.91 6.27
N ASP G 194 -13.94 37.87 5.56
CA ASP G 194 -14.43 37.65 4.20
C ASP G 194 -14.13 38.88 3.35
N VAL G 195 -14.43 38.73 2.07
CA VAL G 195 -14.44 39.84 1.13
C VAL G 195 -15.88 40.00 0.70
N GLU G 196 -16.38 41.22 0.84
CA GLU G 196 -17.74 41.55 0.47
C GLU G 196 -17.71 42.20 -0.90
N VAL G 197 -18.24 41.47 -1.88
CA VAL G 197 -18.23 41.85 -3.29
C VAL G 197 -19.60 42.43 -3.61
N SER G 198 -19.62 43.73 -3.92
CA SER G 198 -20.84 44.41 -4.35
C SER G 198 -20.90 44.52 -5.87
N LEU G 199 -21.76 43.70 -6.45
CA LEU G 199 -22.05 43.71 -7.87
C LEU G 199 -23.20 44.67 -8.09
N ASN G 200 -22.90 45.83 -8.71
CA ASN G 200 -23.93 46.74 -9.18
C ASN G 200 -24.16 46.47 -10.68
N PHE G 201 -25.39 46.06 -11.00
CA PHE G 201 -25.77 45.63 -12.34
C PHE G 201 -27.25 45.93 -12.63
N ARG G 202 -27.67 45.74 -13.88
CA ARG G 202 -29.04 46.01 -14.30
C ARG G 202 -29.36 45.35 -15.64
N LYS G 203 -30.65 45.03 -15.86
CA LYS G 203 -31.10 44.38 -17.08
C LYS G 203 -31.00 45.36 -18.23
N LYS G 204 -30.77 44.84 -19.44
CA LYS G 204 -30.41 45.69 -20.57
C LYS G 204 -31.68 46.31 -21.18
N PHE H 1 2.00 18.81 19.49
CA PHE H 1 3.23 19.45 18.95
C PHE H 1 2.86 20.80 18.33
N ASP H 2 2.66 20.78 17.00
CA ASP H 2 2.11 21.87 16.22
C ASP H 2 1.00 21.29 15.36
N ARG H 3 0.42 22.11 14.46
CA ARG H 3 -0.67 21.69 13.60
C ARG H 3 -0.34 20.44 12.79
N ALA H 4 0.74 20.48 12.02
CA ALA H 4 1.04 19.40 11.10
C ALA H 4 1.12 18.09 11.89
N ASP H 5 1.70 18.16 13.09
CA ASP H 5 1.83 16.97 13.94
C ASP H 5 0.45 16.51 14.39
N ILE H 6 -0.34 17.46 14.94
CA ILE H 6 -1.66 17.19 15.47
C ILE H 6 -2.57 16.62 14.38
N LEU H 7 -2.39 17.04 13.11
CA LEU H 7 -3.22 16.59 12.00
C LEU H 7 -2.72 15.26 11.43
N TYR H 8 -1.41 15.06 11.42
CA TYR H 8 -0.85 13.75 11.14
C TYR H 8 -1.41 12.74 12.16
N ASN H 9 -1.32 13.04 13.46
CA ASN H 9 -1.79 12.04 14.41
C ASN H 9 -3.23 11.66 14.07
N ILE H 10 -4.11 12.66 13.86
CA ILE H 10 -5.53 12.35 13.75
C ILE H 10 -5.73 11.45 12.54
N ARG H 11 -4.99 11.72 11.46
CA ARG H 11 -5.19 11.02 10.20
C ARG H 11 -4.72 9.59 10.32
N GLN H 12 -3.53 9.38 10.92
CA GLN H 12 -2.96 8.06 11.14
C GLN H 12 -3.78 7.21 12.11
N THR H 13 -4.51 7.79 13.08
CA THR H 13 -5.18 6.99 14.10
C THR H 13 -6.71 7.11 14.09
N SER H 14 -7.29 8.06 13.35
CA SER H 14 -8.73 8.19 13.50
C SER H 14 -9.42 7.03 12.78
N ARG H 15 -10.56 6.60 13.32
CA ARG H 15 -11.30 5.46 12.77
C ARG H 15 -12.72 5.94 12.48
N PRO H 16 -13.00 6.39 11.24
CA PRO H 16 -14.30 6.96 10.92
C PRO H 16 -15.50 6.11 11.30
N ASP H 17 -15.31 4.78 11.32
CA ASP H 17 -16.42 3.86 11.40
C ASP H 17 -16.71 3.48 12.85
N VAL H 18 -16.04 4.10 13.84
CA VAL H 18 -16.15 3.67 15.23
C VAL H 18 -16.74 4.76 16.11
N ILE H 19 -17.98 4.57 16.57
CA ILE H 19 -18.57 5.57 17.46
C ILE H 19 -17.67 5.69 18.69
N PRO H 20 -17.26 6.91 19.11
CA PRO H 20 -16.48 7.04 20.33
C PRO H 20 -17.22 6.98 21.67
N THR H 21 -17.96 5.88 21.93
CA THR H 21 -18.71 5.74 23.19
C THR H 21 -17.74 5.69 24.36
N GLN H 22 -17.83 6.69 25.24
CA GLN H 22 -16.92 6.81 26.37
C GLN H 22 -17.42 5.93 27.53
N ARG H 23 -16.94 4.69 27.56
CA ARG H 23 -17.17 3.78 28.68
C ARG H 23 -18.64 3.34 28.69
N ASP H 24 -19.19 3.06 27.51
CA ASP H 24 -20.53 2.54 27.39
C ASP H 24 -21.59 3.57 27.81
N ARG H 25 -21.18 4.83 27.97
CA ARG H 25 -22.13 5.95 27.98
C ARG H 25 -22.48 6.30 26.54
N PRO H 26 -23.64 6.92 26.24
CA PRO H 26 -23.97 7.34 24.88
C PRO H 26 -23.14 8.56 24.49
N VAL H 27 -22.70 8.65 23.23
CA VAL H 27 -22.08 9.86 22.72
C VAL H 27 -23.12 10.97 22.71
N ALA H 28 -22.97 11.97 23.57
CA ALA H 28 -23.85 13.12 23.57
C ALA H 28 -23.67 13.94 22.29
N VAL H 29 -24.74 14.12 21.51
CA VAL H 29 -24.64 14.93 20.30
C VAL H 29 -25.59 16.12 20.37
N SER H 30 -25.00 17.31 20.47
CA SER H 30 -25.70 18.59 20.53
C SER H 30 -25.99 19.10 19.11
N VAL H 31 -27.28 19.37 18.81
CA VAL H 31 -27.77 19.74 17.49
C VAL H 31 -28.56 21.03 17.65
N SER H 32 -28.46 21.87 16.63
CA SER H 32 -29.12 23.15 16.58
C SER H 32 -29.10 23.57 15.11
N LEU H 33 -30.29 23.72 14.49
CA LEU H 33 -30.43 24.21 13.14
C LEU H 33 -30.57 25.72 13.15
N LYS H 34 -29.87 26.36 12.21
CA LYS H 34 -29.97 27.79 11.98
C LYS H 34 -30.32 27.99 10.50
N PHE H 35 -31.58 28.36 10.28
CA PHE H 35 -32.12 28.54 8.96
C PHE H 35 -31.50 29.81 8.38
N ILE H 36 -31.07 29.73 7.12
CA ILE H 36 -30.46 30.84 6.40
C ILE H 36 -31.42 31.35 5.35
N ASN H 37 -32.07 30.43 4.66
CA ASN H 37 -32.98 30.86 3.63
C ASN H 37 -34.05 29.80 3.41
N ILE H 38 -35.25 30.30 3.03
CA ILE H 38 -36.37 29.50 2.59
C ILE H 38 -36.68 29.92 1.17
N LEU H 39 -36.83 28.92 0.30
CA LEU H 39 -36.62 29.10 -1.12
C LEU H 39 -37.81 28.67 -1.98
N GLU H 40 -38.56 27.66 -1.54
CA GLU H 40 -39.68 27.14 -2.29
C GLU H 40 -40.60 26.44 -1.28
N VAL H 41 -41.86 26.84 -1.31
CA VAL H 41 -42.85 26.38 -0.36
C VAL H 41 -44.11 26.15 -1.15
N ASN H 42 -44.82 25.06 -0.82
CA ASN H 42 -45.97 24.65 -1.62
C ASN H 42 -47.08 24.15 -0.68
N GLU H 43 -48.12 24.97 -0.53
CA GLU H 43 -49.20 24.70 0.41
C GLU H 43 -50.09 23.63 -0.18
N ILE H 44 -49.94 23.36 -1.48
CA ILE H 44 -50.66 22.28 -2.10
C ILE H 44 -49.95 20.97 -1.77
N THR H 45 -48.63 20.90 -2.01
CA THR H 45 -47.88 19.65 -1.89
C THR H 45 -47.39 19.44 -0.46
N ASN H 46 -47.41 20.48 0.38
CA ASN H 46 -46.77 20.43 1.69
C ASN H 46 -45.30 20.02 1.55
N GLU H 47 -44.60 20.68 0.62
CA GLU H 47 -43.17 20.49 0.41
C GLU H 47 -42.52 21.85 0.58
N VAL H 48 -41.25 21.85 0.97
CA VAL H 48 -40.50 23.06 1.24
C VAL H 48 -39.08 22.81 0.79
N ASP H 49 -38.36 23.90 0.52
CA ASP H 49 -36.94 23.91 0.17
C ASP H 49 -36.30 24.98 1.05
N VAL H 50 -35.35 24.54 1.91
CA VAL H 50 -34.78 25.39 2.95
C VAL H 50 -33.27 25.19 2.95
N VAL H 51 -32.58 26.21 3.46
CA VAL H 51 -31.15 26.13 3.68
C VAL H 51 -30.87 26.44 5.14
N PHE H 52 -30.01 25.63 5.79
CA PHE H 52 -29.71 25.81 7.20
C PHE H 52 -28.30 25.34 7.55
N TRP H 53 -27.69 26.07 8.48
CA TRP H 53 -26.45 25.60 9.07
C TRP H 53 -26.78 24.74 10.28
N GLN H 54 -26.55 23.43 10.11
CA GLN H 54 -26.68 22.46 11.17
C GLN H 54 -25.45 22.49 12.08
N GLN H 55 -25.56 23.25 13.17
CA GLN H 55 -24.48 23.40 14.12
C GLN H 55 -24.42 22.17 15.01
N THR H 56 -23.35 21.37 14.88
CA THR H 56 -23.26 20.09 15.56
C THR H 56 -22.01 20.04 16.44
N THR H 57 -22.09 19.28 17.53
CA THR H 57 -21.05 19.22 18.54
C THR H 57 -21.09 17.85 19.22
N TRP H 58 -19.89 17.29 19.45
CA TRP H 58 -19.75 16.17 20.36
C TRP H 58 -18.30 16.03 20.83
N SER H 59 -18.03 15.01 21.67
CA SER H 59 -16.70 14.73 22.21
C SER H 59 -16.18 13.38 21.70
N ASP H 60 -15.03 13.42 21.01
CA ASP H 60 -14.23 12.24 20.67
C ASP H 60 -12.85 12.37 21.33
N ARG H 61 -12.69 11.67 22.46
CA ARG H 61 -11.61 11.94 23.40
C ARG H 61 -10.29 11.42 22.82
N THR H 62 -10.42 10.47 21.87
CA THR H 62 -9.30 9.96 21.10
C THR H 62 -8.59 11.11 20.39
N LEU H 63 -9.32 12.16 20.01
CA LEU H 63 -8.73 13.22 19.21
C LEU H 63 -7.86 14.12 20.10
N ALA H 64 -7.95 13.96 21.42
CA ALA H 64 -7.45 14.95 22.35
C ALA H 64 -5.93 15.05 22.23
N TRP H 65 -5.36 16.21 22.60
CA TRP H 65 -3.92 16.41 22.67
C TRP H 65 -3.62 17.46 23.74
N ASN H 66 -2.33 17.69 23.99
CA ASN H 66 -1.91 18.47 25.14
C ASN H 66 -1.79 19.93 24.69
N SER H 67 -2.63 20.80 25.25
CA SER H 67 -2.80 22.12 24.66
C SER H 67 -1.62 23.04 25.04
N SER H 68 -0.87 22.66 26.08
CA SER H 68 0.09 23.54 26.74
C SER H 68 0.65 24.61 25.81
N HIS H 69 1.43 24.21 24.80
CA HIS H 69 2.17 25.17 24.00
C HIS H 69 1.94 24.87 22.52
N SER H 70 0.68 24.57 22.18
CA SER H 70 0.27 24.03 20.91
C SER H 70 -1.09 24.60 20.53
N PRO H 71 -1.58 24.42 19.28
CA PRO H 71 -2.93 24.83 18.88
C PRO H 71 -4.08 24.46 19.82
N ASP H 72 -4.83 25.49 20.22
CA ASP H 72 -6.14 25.38 20.82
C ASP H 72 -6.98 24.37 20.04
N GLN H 73 -7.12 24.55 18.71
CA GLN H 73 -8.00 23.75 17.87
C GLN H 73 -7.40 23.60 16.47
N VAL H 74 -7.87 22.62 15.70
CA VAL H 74 -7.49 22.44 14.30
C VAL H 74 -8.74 22.21 13.43
N SER H 75 -8.61 22.35 12.10
CA SER H 75 -9.63 22.03 11.10
C SER H 75 -9.35 20.68 10.46
N VAL H 76 -10.38 19.85 10.24
CA VAL H 76 -10.14 18.47 9.85
C VAL H 76 -11.18 18.03 8.83
N PRO H 77 -10.77 17.33 7.74
CA PRO H 77 -11.72 16.63 6.85
C PRO H 77 -12.53 15.54 7.54
N ILE H 78 -13.87 15.63 7.45
CA ILE H 78 -14.74 14.78 8.26
C ILE H 78 -14.63 13.31 7.83
N SER H 79 -13.96 13.03 6.71
CA SER H 79 -13.58 11.67 6.35
C SER H 79 -12.52 11.12 7.29
N SER H 80 -11.90 11.99 8.10
CA SER H 80 -10.86 11.61 9.05
C SER H 80 -11.43 11.47 10.47
N LEU H 81 -12.73 11.68 10.63
CA LEU H 81 -13.37 11.72 11.92
C LEU H 81 -14.58 10.79 11.91
N TRP H 82 -14.96 10.30 13.08
CA TRP H 82 -16.30 9.78 13.22
C TRP H 82 -17.27 10.93 13.22
N VAL H 83 -18.40 10.69 12.58
CA VAL H 83 -19.46 11.67 12.50
C VAL H 83 -20.78 10.93 12.72
N PRO H 84 -21.71 11.50 13.52
CA PRO H 84 -22.96 10.82 13.81
C PRO H 84 -23.75 10.70 12.51
N ASP H 85 -24.43 9.57 12.35
CA ASP H 85 -25.18 9.26 11.15
C ASP H 85 -26.56 9.93 11.17
N LEU H 86 -26.62 11.26 11.42
CA LEU H 86 -27.85 12.04 11.49
C LEU H 86 -28.61 11.92 10.16
N ALA H 87 -29.94 11.84 10.29
CA ALA H 87 -30.83 11.88 9.14
C ALA H 87 -32.10 12.64 9.50
N ALA H 88 -32.63 13.40 8.55
CA ALA H 88 -33.94 14.01 8.66
C ALA H 88 -35.00 13.03 8.13
N TYR H 89 -35.91 12.62 9.03
CA TYR H 89 -36.80 11.49 8.80
C TYR H 89 -37.95 11.89 7.91
N ASN H 90 -38.16 13.19 7.71
CA ASN H 90 -39.17 13.59 6.75
C ASN H 90 -38.54 14.22 5.51
N ALA H 91 -37.23 14.09 5.30
CA ALA H 91 -36.60 14.71 4.14
C ALA H 91 -37.08 14.02 2.86
N ILE H 92 -37.36 14.80 1.82
CA ILE H 92 -37.80 14.23 0.56
C ILE H 92 -36.77 14.54 -0.54
N SER H 93 -35.64 15.15 -0.17
CA SER H 93 -34.50 15.25 -1.06
C SER H 93 -33.24 14.98 -0.27
N LYS H 94 -32.22 14.35 -0.89
CA LYS H 94 -30.98 14.06 -0.18
C LYS H 94 -30.36 15.36 0.29
N PRO H 95 -29.52 15.39 1.35
CA PRO H 95 -28.94 16.65 1.81
C PRO H 95 -27.91 17.01 0.76
N GLU H 96 -27.96 18.24 0.27
CA GLU H 96 -26.91 18.78 -0.56
C GLU H 96 -26.02 19.67 0.31
N VAL H 97 -24.78 19.25 0.59
CA VAL H 97 -23.90 20.05 1.41
C VAL H 97 -23.19 21.08 0.53
N LEU H 98 -23.19 22.35 0.99
CA LEU H 98 -22.77 23.49 0.19
C LEU H 98 -21.36 23.98 0.52
N THR H 99 -20.81 23.55 1.66
CA THR H 99 -19.61 24.14 2.21
C THR H 99 -18.51 23.09 2.28
N PRO H 100 -17.22 23.48 2.44
CA PRO H 100 -16.15 22.52 2.67
C PRO H 100 -16.43 21.60 3.85
N GLN H 101 -16.47 20.28 3.56
CA GLN H 101 -16.65 19.24 4.55
C GLN H 101 -15.46 19.16 5.51
N LEU H 102 -15.18 20.26 6.22
CA LEU H 102 -14.18 20.27 7.26
C LEU H 102 -14.91 20.49 8.59
N ALA H 103 -14.31 19.98 9.67
CA ALA H 103 -14.80 20.24 11.02
C ALA H 103 -13.64 20.67 11.90
N ARG H 104 -14.01 21.26 13.03
CA ARG H 104 -13.06 21.84 13.95
C ARG H 104 -12.90 20.85 15.12
N VAL H 105 -11.64 20.67 15.57
CA VAL H 105 -11.35 19.80 16.72
C VAL H 105 -10.64 20.61 17.79
N VAL H 106 -11.18 20.63 19.00
CA VAL H 106 -10.55 21.37 20.10
C VAL H 106 -9.57 20.40 20.77
N SER H 107 -8.62 20.91 21.55
CA SER H 107 -7.60 20.05 22.16
C SER H 107 -8.21 19.04 23.15
N ASP H 108 -9.33 19.42 23.79
CA ASP H 108 -9.97 18.59 24.78
C ASP H 108 -10.75 17.46 24.10
N GLY H 109 -10.84 17.49 22.77
CA GLY H 109 -11.52 16.44 22.01
C GLY H 109 -12.96 16.83 21.64
N GLU H 110 -13.39 18.05 21.96
CA GLU H 110 -14.69 18.52 21.47
C GLU H 110 -14.59 18.72 19.96
N VAL H 111 -15.42 18.00 19.20
CA VAL H 111 -15.53 18.18 17.76
C VAL H 111 -16.66 19.16 17.45
N LEU H 112 -16.42 20.14 16.56
CA LEU H 112 -17.42 21.14 16.22
C LEU H 112 -17.61 21.12 14.72
N TYR H 113 -18.76 20.65 14.25
CA TYR H 113 -19.05 20.62 12.82
C TYR H 113 -20.32 21.42 12.52
N MET H 114 -20.24 22.32 11.51
CA MET H 114 -21.34 23.16 11.07
C MET H 114 -21.42 23.19 9.54
N PRO H 115 -21.98 22.15 8.88
CA PRO H 115 -22.21 22.24 7.45
C PRO H 115 -23.41 23.16 7.17
N SER H 116 -23.37 23.73 5.95
CA SER H 116 -24.48 24.40 5.28
C SER H 116 -25.21 23.38 4.39
N ILE H 117 -26.46 23.11 4.70
CA ILE H 117 -27.21 22.11 3.97
C ILE H 117 -28.40 22.75 3.29
N ARG H 118 -28.73 22.25 2.09
CA ARG H 118 -29.94 22.59 1.37
C ARG H 118 -30.70 21.30 1.17
N GLN H 119 -31.97 21.27 1.59
CA GLN H 119 -32.75 20.04 1.55
C GLN H 119 -34.24 20.38 1.52
N ARG H 120 -35.06 19.40 1.10
CA ARG H 120 -36.48 19.60 0.92
C ARG H 120 -37.21 18.70 1.89
N PHE H 121 -38.28 19.26 2.48
CA PHE H 121 -39.04 18.57 3.52
C PHE H 121 -40.51 18.44 3.12
N SER H 122 -41.12 17.39 3.69
CA SER H 122 -42.55 17.18 3.66
C SER H 122 -43.08 17.58 5.02
N CYS H 123 -43.72 18.75 5.11
CA CYS H 123 -44.14 19.27 6.41
C CYS H 123 -45.29 20.27 6.22
N ASP H 124 -45.75 20.88 7.32
CA ASP H 124 -47.04 21.57 7.35
C ASP H 124 -46.90 23.00 6.85
N VAL H 125 -47.40 23.22 5.63
CA VAL H 125 -47.25 24.50 4.96
C VAL H 125 -48.52 25.31 5.16
N SER H 126 -49.58 24.65 5.65
CA SER H 126 -50.80 25.32 6.10
C SER H 126 -50.45 26.62 6.80
N GLY H 127 -50.84 27.76 6.21
CA GLY H 127 -50.97 28.99 6.97
C GLY H 127 -49.80 29.93 6.75
N VAL H 128 -48.86 29.50 5.90
CA VAL H 128 -47.69 30.29 5.54
C VAL H 128 -48.10 31.72 5.19
N ASP H 129 -49.25 31.91 4.53
CA ASP H 129 -49.68 33.23 4.06
C ASP H 129 -50.43 34.03 5.13
N THR H 130 -50.59 33.49 6.35
CA THR H 130 -51.35 34.20 7.38
C THR H 130 -50.40 34.79 8.42
N GLU H 131 -51.00 35.41 9.45
CA GLU H 131 -50.29 36.18 10.45
C GLU H 131 -49.54 35.27 11.41
N SER H 132 -50.21 34.17 11.79
CA SER H 132 -49.71 33.27 12.81
C SER H 132 -48.83 32.20 12.18
N GLY H 133 -48.97 32.05 10.85
CA GLY H 133 -47.90 31.55 10.00
C GLY H 133 -47.97 30.05 9.85
N ALA H 134 -47.00 29.46 9.14
CA ALA H 134 -46.92 28.01 9.06
C ALA H 134 -46.01 27.49 10.15
N THR H 135 -46.25 26.26 10.60
CA THR H 135 -45.33 25.59 11.49
C THR H 135 -44.92 24.27 10.84
N CYS H 136 -43.67 24.22 10.40
CA CYS H 136 -43.16 23.08 9.65
C CYS H 136 -42.26 22.29 10.60
N ARG H 137 -42.57 21.01 10.85
CA ARG H 137 -41.78 20.23 11.78
C ARG H 137 -40.76 19.34 11.03
N ILE H 138 -39.50 19.42 11.49
CA ILE H 138 -38.39 18.67 10.94
C ILE H 138 -37.77 17.84 12.05
N LYS H 139 -37.71 16.53 11.88
CA LYS H 139 -37.25 15.62 12.92
C LYS H 139 -35.90 15.03 12.54
N ILE H 140 -34.92 15.17 13.44
CA ILE H 140 -33.53 14.80 13.19
C ILE H 140 -33.05 13.88 14.31
N GLY H 141 -32.75 12.63 13.97
CA GLY H 141 -32.01 11.76 14.87
C GLY H 141 -31.10 10.79 14.11
N SER H 142 -30.34 9.99 14.88
CA SER H 142 -29.42 9.01 14.33
C SER H 142 -30.19 7.99 13.51
N TRP H 143 -29.58 7.53 12.41
CA TRP H 143 -30.24 6.58 11.54
C TRP H 143 -30.06 5.18 12.07
N THR H 144 -28.99 4.86 12.83
CA THR H 144 -28.73 3.47 13.19
C THR H 144 -28.40 3.29 14.67
N HIS H 145 -28.29 4.39 15.42
CA HIS H 145 -27.94 4.37 16.83
C HIS H 145 -29.12 4.85 17.67
N HIS H 146 -29.68 3.87 18.41
CA HIS H 146 -30.62 4.13 19.48
C HIS H 146 -29.90 4.83 20.62
N SER H 147 -30.65 5.05 21.72
CA SER H 147 -30.36 6.09 22.69
C SER H 147 -29.22 5.75 23.65
N ARG H 148 -28.74 4.49 23.63
CA ARG H 148 -27.63 4.08 24.47
C ARG H 148 -26.29 4.32 23.77
N GLU H 149 -26.31 4.46 22.43
CA GLU H 149 -25.10 4.72 21.66
C GLU H 149 -24.95 6.20 21.35
N ILE H 150 -26.00 6.83 20.78
CA ILE H 150 -26.08 8.30 20.64
C ILE H 150 -27.27 8.84 21.42
N SER H 151 -27.11 10.05 21.95
CA SER H 151 -28.18 10.79 22.56
C SER H 151 -28.16 12.25 22.08
N VAL H 152 -29.18 12.68 21.32
CA VAL H 152 -29.17 13.98 20.67
C VAL H 152 -29.86 15.02 21.57
N ASP H 153 -29.23 16.19 21.70
CA ASP H 153 -29.69 17.21 22.65
C ASP H 153 -29.66 18.58 22.02
N PRO H 154 -30.83 19.24 21.77
CA PRO H 154 -30.83 20.56 21.14
C PRO H 154 -30.25 21.61 22.08
N THR H 155 -29.38 22.48 21.55
CA THR H 155 -28.53 23.34 22.36
C THR H 155 -29.32 23.98 23.49
N SER H 162 -32.00 33.77 13.04
CA SER H 162 -32.41 35.20 13.01
C SER H 162 -31.20 36.11 12.94
N GLU H 163 -30.14 35.77 13.66
CA GLU H 163 -28.79 36.26 13.44
C GLU H 163 -28.24 35.66 12.14
N TYR H 164 -28.94 34.66 11.60
CA TYR H 164 -28.45 33.82 10.52
C TYR H 164 -29.33 33.94 9.26
N PHE H 165 -30.63 34.28 9.41
CA PHE H 165 -31.60 34.24 8.32
C PHE H 165 -31.40 35.42 7.35
N SER H 166 -31.40 35.12 6.05
CA SER H 166 -31.23 36.16 5.06
C SER H 166 -32.34 37.20 5.22
N GLN H 167 -31.96 38.47 5.24
CA GLN H 167 -32.94 39.53 5.23
C GLN H 167 -33.66 39.59 3.87
N TYR H 168 -33.06 38.99 2.82
CA TYR H 168 -33.58 39.08 1.46
C TYR H 168 -34.45 37.89 1.07
N SER H 169 -34.79 37.02 2.04
CA SER H 169 -35.77 35.96 1.85
C SER H 169 -37.16 36.53 1.51
N ARG H 170 -37.91 35.75 0.72
CA ARG H 170 -39.32 36.07 0.51
C ARG H 170 -40.12 35.83 1.80
N PHE H 171 -39.53 35.08 2.74
CA PHE H 171 -40.22 34.59 3.93
C PHE H 171 -39.59 35.25 5.14
N GLU H 172 -40.25 35.09 6.30
CA GLU H 172 -39.74 35.58 7.58
C GLU H 172 -39.98 34.55 8.69
N ILE H 173 -39.09 34.53 9.68
CA ILE H 173 -39.09 33.51 10.71
C ILE H 173 -39.73 34.09 11.96
N LEU H 174 -40.85 33.48 12.37
CA LEU H 174 -41.50 33.92 13.58
C LEU H 174 -40.75 33.29 14.76
N ASP H 175 -40.45 32.00 14.62
CA ASP H 175 -40.00 31.23 15.75
C ASP H 175 -39.30 29.97 15.25
N VAL H 176 -38.23 29.58 15.95
CA VAL H 176 -37.67 28.25 15.82
C VAL H 176 -37.53 27.64 17.21
N THR H 177 -38.03 26.41 17.40
CA THR H 177 -37.92 25.77 18.71
C THR H 177 -37.50 24.32 18.52
N GLN H 178 -36.81 23.82 19.54
CA GLN H 178 -36.13 22.54 19.47
C GLN H 178 -36.49 21.70 20.69
N LYS H 179 -37.06 20.51 20.46
CA LYS H 179 -37.43 19.65 21.57
C LYS H 179 -37.01 18.20 21.27
N LYS H 180 -36.34 17.58 22.23
CA LYS H 180 -35.96 16.18 22.14
C LYS H 180 -37.22 15.32 22.21
N ASN H 181 -37.11 14.13 21.62
CA ASN H 181 -38.23 13.22 21.42
C ASN H 181 -37.76 11.78 21.54
N SER H 182 -38.36 11.02 22.48
CA SER H 182 -37.90 9.68 22.78
C SER H 182 -39.07 8.70 22.69
N VAL H 183 -38.84 7.55 22.05
CA VAL H 183 -39.90 6.57 21.84
C VAL H 183 -39.41 5.13 22.02
N THR H 184 -40.10 4.39 22.89
CA THR H 184 -39.95 2.95 23.05
C THR H 184 -41.06 2.24 22.29
N TYR H 185 -40.85 0.96 21.92
CA TYR H 185 -41.85 0.20 21.18
C TYR H 185 -41.97 -1.19 21.78
N SER H 186 -43.12 -1.84 21.51
CA SER H 186 -43.46 -3.16 22.02
C SER H 186 -42.42 -4.19 21.59
N CYS H 187 -41.97 -4.04 20.34
CA CYS H 187 -41.09 -4.97 19.66
C CYS H 187 -39.69 -5.00 20.27
N CYS H 188 -39.15 -3.80 20.53
CA CYS H 188 -37.72 -3.62 20.63
C CYS H 188 -37.37 -2.82 21.89
N PRO H 189 -36.46 -3.34 22.76
CA PRO H 189 -36.25 -2.79 24.10
C PRO H 189 -35.43 -1.51 24.16
N GLU H 190 -35.00 -1.03 22.98
CA GLU H 190 -34.12 0.11 22.86
C GLU H 190 -35.00 1.31 22.64
N ALA H 191 -34.60 2.45 23.21
CA ALA H 191 -35.35 3.68 23.00
C ALA H 191 -34.67 4.50 21.90
N TYR H 192 -35.50 5.25 21.17
CA TYR H 192 -35.04 6.02 20.01
C TYR H 192 -35.34 7.49 20.20
N GLU H 193 -34.41 8.35 19.73
CA GLU H 193 -34.46 9.76 20.01
C GLU H 193 -34.35 10.56 18.72
N ASP H 194 -35.06 11.70 18.67
CA ASP H 194 -34.91 12.60 17.56
C ASP H 194 -35.04 14.02 18.11
N VAL H 195 -34.46 15.01 17.40
CA VAL H 195 -34.70 16.39 17.75
C VAL H 195 -35.81 16.89 16.84
N GLU H 196 -36.75 17.64 17.41
CA GLU H 196 -37.93 18.13 16.71
C GLU H 196 -37.78 19.64 16.52
N VAL H 197 -37.66 20.05 15.26
CA VAL H 197 -37.37 21.43 14.92
C VAL H 197 -38.64 22.02 14.30
N SER H 198 -39.20 23.01 15.00
CA SER H 198 -40.45 23.63 14.61
C SER H 198 -40.15 24.98 13.99
N LEU H 199 -40.32 25.04 12.68
CA LEU H 199 -40.01 26.23 11.92
C LEU H 199 -41.33 26.96 11.66
N ASN H 200 -41.57 28.00 12.47
CA ASN H 200 -42.77 28.82 12.35
C ASN H 200 -42.41 30.05 11.55
N PHE H 201 -42.91 30.10 10.30
CA PHE H 201 -42.50 31.11 9.33
C PHE H 201 -43.71 31.61 8.55
N ARG H 202 -43.56 32.75 7.88
CA ARG H 202 -44.61 33.17 6.98
C ARG H 202 -44.10 34.10 5.90
N LYS H 203 -44.92 34.20 4.84
CA LYS H 203 -44.68 35.03 3.66
C LYS H 203 -44.75 36.49 4.10
N LYS H 204 -43.70 37.27 3.81
CA LYS H 204 -43.59 38.68 4.15
C LYS H 204 -44.67 39.54 3.48
N GLY H 205 -44.91 40.72 4.06
CA GLY H 205 -45.68 41.78 3.40
C GLY H 205 -44.81 42.56 2.44
N PHE I 1 -14.74 -7.78 21.58
CA PHE I 1 -14.48 -7.18 22.92
C PHE I 1 -15.20 -5.83 22.92
N ASP I 2 -14.73 -4.91 22.07
CA ASP I 2 -15.35 -3.59 22.06
C ASP I 2 -15.92 -3.23 20.66
N ARG I 3 -16.46 -2.01 20.54
CA ARG I 3 -17.03 -1.60 19.27
C ARG I 3 -15.90 -1.54 18.23
N ALA I 4 -14.77 -0.93 18.60
CA ALA I 4 -13.67 -0.72 17.66
C ALA I 4 -13.07 -2.05 17.17
N ASP I 5 -12.97 -3.04 18.06
CA ASP I 5 -12.43 -4.35 17.68
C ASP I 5 -13.34 -5.04 16.68
N ILE I 6 -14.64 -5.08 17.01
CA ILE I 6 -15.67 -5.69 16.17
C ILE I 6 -15.66 -5.10 14.77
N LEU I 7 -15.49 -3.79 14.64
CA LEU I 7 -15.59 -3.15 13.33
C LEU I 7 -14.31 -3.42 12.53
N TYR I 8 -13.16 -3.46 13.23
CA TYR I 8 -11.88 -3.78 12.63
C TYR I 8 -11.95 -5.14 11.93
N ASN I 9 -12.41 -6.17 12.67
CA ASN I 9 -12.45 -7.54 12.16
C ASN I 9 -13.33 -7.64 10.92
N ILE I 10 -14.56 -7.08 11.03
CA ILE I 10 -15.51 -7.08 9.92
C ILE I 10 -14.85 -6.38 8.74
N ARG I 11 -14.20 -5.23 8.96
CA ARG I 11 -13.60 -4.55 7.84
C ARG I 11 -12.56 -5.47 7.22
N GLN I 12 -11.62 -5.94 8.06
CA GLN I 12 -10.45 -6.65 7.55
C GLN I 12 -10.81 -7.96 6.87
N THR I 13 -11.89 -8.62 7.28
CA THR I 13 -12.10 -9.99 6.84
C THR I 13 -13.39 -10.15 6.06
N SER I 14 -14.21 -9.11 6.01
CA SER I 14 -15.49 -9.19 5.31
C SER I 14 -15.21 -9.12 3.81
N ARG I 15 -15.91 -9.97 3.05
CA ARG I 15 -15.65 -10.07 1.63
C ARG I 15 -16.86 -9.52 0.89
N PRO I 16 -16.90 -8.20 0.59
CA PRO I 16 -18.06 -7.53 -0.01
C PRO I 16 -18.63 -8.16 -1.27
N ASP I 17 -17.75 -8.76 -2.07
CA ASP I 17 -18.12 -9.25 -3.39
C ASP I 17 -18.64 -10.68 -3.26
N VAL I 18 -18.60 -11.22 -2.05
CA VAL I 18 -18.89 -12.63 -1.84
C VAL I 18 -20.27 -12.80 -1.17
N ILE I 19 -21.28 -13.18 -1.97
CA ILE I 19 -22.54 -13.71 -1.45
C ILE I 19 -22.23 -14.72 -0.34
N PRO I 20 -22.79 -14.57 0.88
CA PRO I 20 -22.57 -15.53 1.97
C PRO I 20 -23.57 -16.67 1.81
N THR I 21 -23.36 -17.50 0.79
CA THR I 21 -24.14 -18.71 0.59
C THR I 21 -23.77 -19.71 1.67
N GLN I 22 -24.74 -20.54 2.10
CA GLN I 22 -24.48 -21.53 3.14
C GLN I 22 -24.75 -22.94 2.61
N ARG I 23 -23.66 -23.65 2.27
CA ARG I 23 -23.69 -25.04 1.83
C ARG I 23 -24.35 -25.11 0.46
N ASP I 24 -24.31 -23.98 -0.25
CA ASP I 24 -25.06 -23.75 -1.48
C ASP I 24 -26.56 -23.95 -1.25
N ARG I 25 -27.08 -23.30 -0.19
CA ARG I 25 -28.48 -22.94 -0.09
C ARG I 25 -28.65 -21.49 -0.54
N PRO I 26 -29.76 -21.12 -1.19
CA PRO I 26 -29.97 -19.73 -1.57
C PRO I 26 -29.77 -18.87 -0.33
N VAL I 27 -29.27 -17.65 -0.50
CA VAL I 27 -29.31 -16.66 0.56
C VAL I 27 -30.72 -16.09 0.61
N ALA I 28 -31.31 -16.14 1.80
CA ALA I 28 -32.66 -15.65 2.02
C ALA I 28 -32.61 -14.17 2.37
N VAL I 29 -33.31 -13.37 1.58
CA VAL I 29 -33.35 -11.93 1.80
C VAL I 29 -34.80 -11.54 2.09
N SER I 30 -35.03 -10.79 3.17
CA SER I 30 -36.34 -10.25 3.46
C SER I 30 -36.39 -8.82 2.99
N VAL I 31 -37.52 -8.46 2.39
CA VAL I 31 -37.71 -7.16 1.78
C VAL I 31 -39.13 -6.69 2.13
N SER I 32 -39.24 -5.52 2.75
CA SER I 32 -40.53 -4.91 2.82
C SER I 32 -40.34 -3.41 2.64
N LEU I 33 -41.11 -2.85 1.69
CA LEU I 33 -41.18 -1.42 1.43
C LEU I 33 -42.10 -0.82 2.49
N LYS I 34 -41.65 0.27 3.11
CA LYS I 34 -42.47 1.10 3.97
C LYS I 34 -42.55 2.50 3.37
N PHE I 35 -43.68 2.80 2.71
CA PHE I 35 -43.83 4.07 2.01
C PHE I 35 -44.00 5.22 3.00
N ILE I 36 -43.32 6.31 2.67
CA ILE I 36 -43.22 7.47 3.52
C ILE I 36 -43.87 8.64 2.80
N ASN I 37 -43.67 8.68 1.48
CA ASN I 37 -44.27 9.78 0.75
C ASN I 37 -44.48 9.38 -0.70
N ILE I 38 -45.54 9.98 -1.27
CA ILE I 38 -45.82 9.98 -2.70
C ILE I 38 -45.73 11.43 -3.12
N LEU I 39 -44.80 11.74 -4.03
CA LEU I 39 -44.36 13.12 -4.22
C LEU I 39 -44.81 13.72 -5.54
N GLU I 40 -45.24 12.85 -6.45
CA GLU I 40 -45.66 13.26 -7.77
C GLU I 40 -46.26 12.04 -8.43
N VAL I 41 -47.23 12.29 -9.30
CA VAL I 41 -47.94 11.23 -9.98
C VAL I 41 -48.33 11.76 -11.35
N ASN I 42 -48.67 10.85 -12.25
CA ASN I 42 -49.01 11.23 -13.61
C ASN I 42 -49.85 10.12 -14.21
N GLU I 43 -51.17 10.34 -14.23
CA GLU I 43 -52.11 9.38 -14.77
C GLU I 43 -51.97 9.32 -16.30
N ILE I 44 -51.47 10.41 -16.91
CA ILE I 44 -51.34 10.48 -18.35
C ILE I 44 -50.22 9.56 -18.82
N THR I 45 -48.98 9.78 -18.28
CA THR I 45 -47.78 9.03 -18.63
C THR I 45 -47.58 7.81 -17.72
N ASN I 46 -48.29 7.73 -16.60
CA ASN I 46 -48.35 6.50 -15.81
C ASN I 46 -47.06 6.33 -14.99
N GLU I 47 -46.65 7.41 -14.31
CA GLU I 47 -45.42 7.44 -13.53
C GLU I 47 -45.72 7.89 -12.11
N VAL I 48 -44.97 7.36 -11.15
CA VAL I 48 -45.10 7.79 -9.76
C VAL I 48 -43.71 8.09 -9.22
N ASP I 49 -43.61 9.05 -8.30
CA ASP I 49 -42.37 9.39 -7.60
C ASP I 49 -42.52 9.20 -6.09
N VAL I 50 -41.84 8.19 -5.54
CA VAL I 50 -42.12 7.68 -4.20
C VAL I 50 -40.93 7.88 -3.26
N VAL I 51 -41.18 7.92 -1.94
CA VAL I 51 -40.12 7.82 -0.94
C VAL I 51 -40.48 6.71 0.04
N PHE I 52 -39.55 5.78 0.24
CA PHE I 52 -39.81 4.55 0.95
C PHE I 52 -38.54 3.99 1.59
N TRP I 53 -38.72 3.31 2.73
CA TRP I 53 -37.65 2.69 3.48
C TRP I 53 -37.64 1.21 3.14
N GLN I 54 -36.54 0.77 2.55
CA GLN I 54 -36.45 -0.54 1.93
C GLN I 54 -35.94 -1.50 2.98
N GLN I 55 -36.85 -1.98 3.83
CA GLN I 55 -36.49 -2.90 4.91
C GLN I 55 -35.96 -4.20 4.32
N THR I 56 -34.65 -4.42 4.51
CA THR I 56 -33.91 -5.45 3.81
C THR I 56 -33.12 -6.20 4.86
N THR I 57 -33.30 -7.51 4.93
CA THR I 57 -32.72 -8.29 6.01
C THR I 57 -32.15 -9.60 5.48
N TRP I 58 -31.07 -10.09 6.10
CA TRP I 58 -30.48 -11.37 5.70
C TRP I 58 -29.37 -11.78 6.66
N SER I 59 -28.87 -13.01 6.48
CA SER I 59 -27.84 -13.51 7.40
C SER I 59 -26.48 -13.63 6.69
N ASP I 60 -25.42 -13.35 7.45
CA ASP I 60 -24.03 -13.52 7.01
C ASP I 60 -23.19 -13.98 8.21
N ARG I 61 -23.07 -15.31 8.35
CA ARG I 61 -22.40 -15.95 9.47
C ARG I 61 -20.94 -15.51 9.55
N THR I 62 -20.29 -15.20 8.42
CA THR I 62 -18.90 -14.74 8.43
C THR I 62 -18.79 -13.43 9.19
N LEU I 63 -19.91 -12.77 9.51
CA LEU I 63 -19.90 -11.51 10.24
C LEU I 63 -20.01 -11.73 11.75
N ALA I 64 -20.56 -12.89 12.15
CA ALA I 64 -20.99 -13.15 13.51
C ALA I 64 -19.81 -13.15 14.47
N TRP I 65 -20.07 -12.84 15.74
CA TRP I 65 -19.00 -12.75 16.72
C TRP I 65 -19.53 -13.23 18.06
N ASN I 66 -18.58 -13.45 18.98
CA ASN I 66 -18.88 -13.99 20.30
C ASN I 66 -19.28 -12.83 21.19
N SER I 67 -20.59 -12.67 21.42
CA SER I 67 -21.07 -11.53 22.19
C SER I 67 -20.61 -11.68 23.64
N SER I 68 -21.24 -12.58 24.40
CA SER I 68 -20.77 -12.91 25.75
C SER I 68 -20.73 -11.65 26.62
N HIS I 69 -19.55 -11.00 26.64
CA HIS I 69 -19.36 -9.69 27.25
C HIS I 69 -18.86 -8.72 26.18
N SER I 70 -19.74 -8.41 25.23
CA SER I 70 -19.39 -7.54 24.11
C SER I 70 -20.65 -6.98 23.47
N PRO I 71 -20.55 -5.82 22.77
CA PRO I 71 -21.69 -5.23 22.07
C PRO I 71 -22.62 -6.24 21.43
N ASP I 72 -23.90 -6.11 21.82
CA ASP I 72 -25.06 -6.64 21.11
C ASP I 72 -24.84 -6.59 19.59
N GLN I 73 -24.73 -5.37 19.05
CA GLN I 73 -24.80 -5.09 17.63
C GLN I 73 -23.76 -4.04 17.25
N VAL I 74 -23.58 -3.81 15.94
CA VAL I 74 -22.84 -2.64 15.47
C VAL I 74 -23.43 -2.06 14.19
N SER I 75 -23.01 -0.82 13.91
CA SER I 75 -23.32 -0.12 12.68
C SER I 75 -22.10 -0.19 11.77
N VAL I 76 -22.28 -0.78 10.59
CA VAL I 76 -21.19 -0.96 9.65
C VAL I 76 -21.49 -0.22 8.35
N PRO I 77 -20.52 0.46 7.69
CA PRO I 77 -20.76 0.97 6.35
C PRO I 77 -21.02 -0.19 5.40
N ILE I 78 -21.83 0.05 4.36
CA ILE I 78 -22.26 -1.02 3.46
C ILE I 78 -21.14 -1.38 2.48
N SER I 79 -20.17 -0.48 2.31
CA SER I 79 -18.95 -0.82 1.62
C SER I 79 -18.24 -1.99 2.33
N SER I 80 -18.36 -2.10 3.66
CA SER I 80 -17.63 -3.08 4.45
C SER I 80 -18.33 -4.44 4.50
N LEU I 81 -19.51 -4.58 3.87
CA LEU I 81 -20.30 -5.80 3.90
C LEU I 81 -20.70 -6.24 2.50
N TRP I 82 -21.04 -7.51 2.31
CA TRP I 82 -21.88 -7.94 1.19
C TRP I 82 -23.29 -7.41 1.41
N VAL I 83 -23.93 -6.98 0.32
CA VAL I 83 -25.29 -6.45 0.37
C VAL I 83 -26.04 -7.01 -0.85
N PRO I 84 -27.31 -7.45 -0.76
CA PRO I 84 -27.99 -7.98 -1.95
C PRO I 84 -28.12 -6.98 -3.11
N ASP I 85 -27.88 -7.47 -4.34
CA ASP I 85 -27.84 -6.63 -5.53
C ASP I 85 -29.26 -6.50 -6.07
N LEU I 86 -30.11 -5.77 -5.31
CA LEU I 86 -31.54 -5.69 -5.58
C LEU I 86 -31.85 -4.55 -6.54
N ALA I 87 -32.75 -4.83 -7.50
CA ALA I 87 -33.23 -3.77 -8.37
C ALA I 87 -34.76 -3.82 -8.46
N ALA I 88 -35.31 -2.61 -8.53
CA ALA I 88 -36.69 -2.40 -8.88
C ALA I 88 -36.78 -2.38 -10.41
N TYR I 89 -37.41 -3.42 -10.97
CA TYR I 89 -37.25 -3.71 -12.37
C TYR I 89 -37.92 -2.64 -13.21
N ASN I 90 -38.81 -1.85 -12.59
CA ASN I 90 -39.70 -0.94 -13.29
C ASN I 90 -39.51 0.47 -12.76
N ALA I 91 -38.38 0.71 -12.10
CA ALA I 91 -37.88 2.06 -11.86
C ALA I 91 -37.42 2.69 -13.18
N ILE I 92 -37.58 4.01 -13.31
CA ILE I 92 -37.13 4.74 -14.49
C ILE I 92 -36.19 5.89 -14.10
N SER I 93 -35.80 5.92 -12.81
CA SER I 93 -34.64 6.65 -12.34
C SER I 93 -33.88 5.83 -11.29
N LYS I 94 -32.66 6.27 -10.99
CA LYS I 94 -31.75 5.53 -10.13
C LYS I 94 -32.06 5.94 -8.70
N PRO I 95 -31.87 5.02 -7.71
CA PRO I 95 -32.18 5.33 -6.31
C PRO I 95 -31.46 6.55 -5.77
N GLU I 96 -32.18 7.63 -5.49
CA GLU I 96 -31.70 8.67 -4.59
C GLU I 96 -31.71 8.04 -3.19
N VAL I 97 -30.53 7.73 -2.64
CA VAL I 97 -30.48 7.23 -1.27
C VAL I 97 -30.53 8.46 -0.37
N LEU I 98 -31.47 8.48 0.57
CA LEU I 98 -31.66 9.68 1.38
C LEU I 98 -30.86 9.59 2.68
N THR I 99 -30.45 8.38 3.10
CA THR I 99 -29.98 8.17 4.47
C THR I 99 -28.49 7.81 4.49
N PRO I 100 -27.79 8.01 5.64
CA PRO I 100 -26.49 7.41 5.89
C PRO I 100 -26.42 5.93 5.53
N GLN I 101 -25.45 5.59 4.66
CA GLN I 101 -25.33 4.22 4.17
C GLN I 101 -24.61 3.37 5.23
N LEU I 102 -25.34 3.12 6.34
CA LEU I 102 -24.90 2.24 7.41
C LEU I 102 -25.89 1.09 7.48
N ALA I 103 -25.39 -0.13 7.66
CA ALA I 103 -26.20 -1.31 7.97
C ALA I 103 -25.95 -1.70 9.43
N ARG I 104 -26.97 -2.25 10.10
CA ARG I 104 -26.90 -2.60 11.51
C ARG I 104 -26.69 -4.11 11.62
N VAL I 105 -25.65 -4.51 12.34
CA VAL I 105 -25.27 -5.90 12.37
C VAL I 105 -25.33 -6.39 13.81
N VAL I 106 -25.89 -7.61 13.97
CA VAL I 106 -26.07 -8.30 15.23
C VAL I 106 -25.03 -9.43 15.30
N SER I 107 -24.70 -9.87 16.53
CA SER I 107 -23.61 -10.80 16.80
C SER I 107 -23.80 -12.17 16.13
N ASP I 108 -25.04 -12.51 15.79
CA ASP I 108 -25.36 -13.76 15.10
C ASP I 108 -25.01 -13.70 13.61
N GLY I 109 -24.83 -12.49 13.05
CA GLY I 109 -24.59 -12.31 11.63
C GLY I 109 -25.85 -11.90 10.85
N GLU I 110 -27.00 -11.72 11.51
CA GLU I 110 -28.19 -11.26 10.79
C GLU I 110 -28.02 -9.76 10.58
N VAL I 111 -28.28 -9.27 9.34
CA VAL I 111 -28.03 -7.88 8.97
C VAL I 111 -29.34 -7.14 8.66
N LEU I 112 -29.41 -5.85 9.05
CA LEU I 112 -30.55 -4.97 8.83
C LEU I 112 -30.06 -3.74 8.09
N TYR I 113 -30.42 -3.64 6.80
CA TYR I 113 -30.15 -2.43 6.01
C TYR I 113 -31.50 -1.82 5.63
N MET I 114 -31.69 -0.53 5.95
CA MET I 114 -32.95 0.14 5.65
C MET I 114 -32.71 1.61 5.23
N PRO I 115 -32.41 1.86 3.93
CA PRO I 115 -32.19 3.22 3.41
C PRO I 115 -33.51 3.83 2.99
N SER I 116 -33.66 5.14 3.18
CA SER I 116 -34.73 5.87 2.53
C SER I 116 -34.31 6.09 1.09
N ILE I 117 -35.17 5.64 0.16
CA ILE I 117 -34.94 5.84 -1.27
C ILE I 117 -36.07 6.68 -1.84
N ARG I 118 -35.71 7.65 -2.67
CA ARG I 118 -36.67 8.34 -3.52
C ARG I 118 -36.44 7.87 -4.95
N GLN I 119 -37.47 7.32 -5.58
CA GLN I 119 -37.28 6.80 -6.92
C GLN I 119 -38.53 7.03 -7.75
N ARG I 120 -38.36 6.97 -9.08
CA ARG I 120 -39.47 7.09 -10.02
C ARG I 120 -39.78 5.74 -10.66
N PHE I 121 -41.06 5.34 -10.60
CA PHE I 121 -41.48 4.08 -11.17
C PHE I 121 -42.38 4.32 -12.36
N SER I 122 -42.67 3.21 -13.04
CA SER I 122 -43.55 3.18 -14.18
C SER I 122 -44.56 2.10 -13.87
N CYS I 123 -45.81 2.54 -13.64
CA CYS I 123 -46.86 1.64 -13.15
C CYS I 123 -48.24 2.23 -13.37
N ASP I 124 -49.22 1.36 -13.16
CA ASP I 124 -50.63 1.59 -13.40
C ASP I 124 -51.21 2.59 -12.40
N VAL I 125 -51.48 3.81 -12.87
CA VAL I 125 -51.86 4.91 -12.00
C VAL I 125 -53.30 5.35 -12.26
N SER I 126 -53.96 4.67 -13.20
CA SER I 126 -55.37 4.91 -13.49
C SER I 126 -56.15 4.72 -12.20
N GLY I 127 -57.09 5.63 -11.95
CA GLY I 127 -58.01 5.49 -10.82
C GLY I 127 -57.47 6.19 -9.59
N VAL I 128 -56.39 6.97 -9.78
CA VAL I 128 -55.72 7.65 -8.68
C VAL I 128 -56.73 8.56 -8.00
N ASP I 129 -57.52 9.30 -8.80
CA ASP I 129 -58.41 10.35 -8.32
C ASP I 129 -59.82 9.84 -8.06
N THR I 130 -60.06 8.53 -8.27
CA THR I 130 -61.31 7.90 -7.90
C THR I 130 -61.20 7.42 -6.44
N GLU I 131 -62.22 6.69 -5.97
CA GLU I 131 -62.29 6.24 -4.60
C GLU I 131 -61.78 4.80 -4.51
N SER I 132 -61.82 4.12 -5.67
CA SER I 132 -61.16 2.83 -5.86
C SER I 132 -59.64 2.97 -5.65
N GLY I 133 -59.13 4.20 -5.77
CA GLY I 133 -57.71 4.45 -5.79
C GLY I 133 -57.04 3.72 -6.95
N ALA I 134 -55.72 3.94 -7.09
CA ALA I 134 -54.92 3.28 -8.11
C ALA I 134 -54.10 2.19 -7.45
N THR I 135 -53.67 1.18 -8.22
CA THR I 135 -52.77 0.15 -7.74
C THR I 135 -51.53 0.11 -8.62
N CYS I 136 -50.42 0.59 -8.05
CA CYS I 136 -49.09 0.66 -8.65
C CYS I 136 -48.22 -0.50 -8.13
N ARG I 137 -47.85 -1.43 -9.01
CA ARG I 137 -47.05 -2.59 -8.65
C ARG I 137 -45.55 -2.33 -8.90
N ILE I 138 -44.73 -2.46 -7.87
CA ILE I 138 -43.30 -2.37 -8.01
C ILE I 138 -42.72 -3.77 -7.81
N LYS I 139 -41.95 -4.24 -8.80
CA LYS I 139 -41.32 -5.55 -8.73
C LYS I 139 -39.86 -5.35 -8.33
N ILE I 140 -39.41 -6.08 -7.32
CA ILE I 140 -38.04 -5.97 -6.85
C ILE I 140 -37.44 -7.37 -6.77
N GLY I 141 -36.24 -7.52 -7.32
CA GLY I 141 -35.43 -8.67 -6.95
C GLY I 141 -33.95 -8.56 -7.32
N SER I 142 -33.28 -9.70 -7.22
CA SER I 142 -31.86 -9.77 -7.49
C SER I 142 -31.63 -9.45 -8.95
N TRP I 143 -30.77 -8.44 -9.20
CA TRP I 143 -30.34 -8.11 -10.56
C TRP I 143 -29.51 -9.26 -11.14
N THR I 144 -28.55 -9.82 -10.38
CA THR I 144 -27.63 -10.79 -10.96
C THR I 144 -27.67 -12.17 -10.30
N HIS I 145 -28.43 -12.37 -9.22
CA HIS I 145 -28.46 -13.67 -8.57
C HIS I 145 -29.84 -14.30 -8.78
N HIS I 146 -29.86 -15.53 -9.26
CA HIS I 146 -31.08 -16.20 -9.68
C HIS I 146 -31.56 -17.12 -8.54
N SER I 147 -32.68 -17.82 -8.79
CA SER I 147 -33.45 -18.50 -7.76
C SER I 147 -32.56 -19.30 -6.80
N ARG I 148 -31.58 -20.06 -7.30
CA ARG I 148 -30.79 -20.99 -6.49
C ARG I 148 -29.67 -20.30 -5.70
N GLU I 149 -29.53 -18.97 -5.85
CA GLU I 149 -28.51 -18.18 -5.19
C GLU I 149 -29.12 -17.08 -4.32
N ILE I 150 -30.22 -16.46 -4.80
CA ILE I 150 -30.98 -15.55 -3.97
C ILE I 150 -32.46 -15.89 -4.05
N SER I 151 -33.11 -15.91 -2.88
CA SER I 151 -34.56 -15.91 -2.77
C SER I 151 -35.00 -14.72 -1.93
N VAL I 152 -36.22 -14.25 -2.22
CA VAL I 152 -36.73 -13.01 -1.65
C VAL I 152 -38.12 -13.30 -1.07
N ASP I 153 -38.34 -12.88 0.18
CA ASP I 153 -39.60 -13.05 0.88
C ASP I 153 -40.04 -11.71 1.47
N PRO I 154 -41.34 -11.38 1.42
CA PRO I 154 -41.91 -10.33 2.26
C PRO I 154 -42.15 -10.80 3.69
N THR I 155 -42.47 -9.86 4.58
CA THR I 155 -42.59 -10.16 6.00
C THR I 155 -43.85 -9.53 6.58
N THR I 156 -44.13 -10.01 7.81
CA THR I 156 -45.11 -9.44 8.73
C THR I 156 -44.99 -7.94 8.78
N SER I 162 -49.24 2.40 7.17
CA SER I 162 -49.72 3.75 7.58
C SER I 162 -48.95 4.31 8.78
N GLU I 163 -48.38 3.44 9.63
CA GLU I 163 -47.62 3.90 10.78
C GLU I 163 -46.41 4.72 10.31
N TYR I 164 -46.07 4.63 9.02
CA TYR I 164 -44.94 5.33 8.44
C TYR I 164 -45.37 6.53 7.61
N PHE I 165 -46.53 6.44 6.93
CA PHE I 165 -46.83 7.27 5.78
C PHE I 165 -47.09 8.72 6.18
N SER I 166 -46.63 9.67 5.37
CA SER I 166 -46.69 11.07 5.75
C SER I 166 -48.11 11.59 5.65
N GLN I 167 -48.54 12.29 6.70
CA GLN I 167 -49.88 12.82 6.77
C GLN I 167 -50.03 14.08 5.94
N TYR I 168 -48.91 14.61 5.43
CA TYR I 168 -48.97 15.84 4.66
C TYR I 168 -48.98 15.54 3.17
N SER I 169 -48.95 14.25 2.82
CA SER I 169 -49.02 13.89 1.41
C SER I 169 -50.40 14.18 0.88
N ARG I 170 -50.47 14.73 -0.34
CA ARG I 170 -51.71 14.81 -1.10
C ARG I 170 -52.32 13.43 -1.32
N PHE I 171 -51.54 12.36 -1.14
CA PHE I 171 -52.08 11.03 -1.41
C PHE I 171 -52.30 10.34 -0.07
N GLU I 172 -53.09 9.26 -0.13
CA GLU I 172 -53.31 8.42 1.04
C GLU I 172 -53.23 6.98 0.55
N ILE I 173 -52.65 6.11 1.36
CA ILE I 173 -52.56 4.71 1.00
C ILE I 173 -53.79 4.00 1.56
N LEU I 174 -54.38 3.12 0.75
CA LEU I 174 -55.52 2.31 1.13
C LEU I 174 -55.02 0.95 1.54
N ASP I 175 -54.09 0.38 0.76
CA ASP I 175 -53.51 -0.91 1.09
C ASP I 175 -52.19 -1.12 0.35
N VAL I 176 -51.25 -1.87 0.96
CA VAL I 176 -49.92 -2.23 0.44
C VAL I 176 -49.71 -3.74 0.63
N THR I 177 -49.46 -4.49 -0.45
CA THR I 177 -49.34 -5.94 -0.36
C THR I 177 -48.23 -6.45 -1.29
N GLN I 178 -47.55 -7.47 -0.79
CA GLN I 178 -46.28 -7.94 -1.31
C GLN I 178 -46.36 -9.46 -1.53
N LYS I 179 -46.03 -9.92 -2.74
CA LYS I 179 -46.07 -11.34 -3.06
C LYS I 179 -44.70 -11.75 -3.60
N LYS I 180 -44.20 -12.89 -3.09
CA LYS I 180 -43.08 -13.58 -3.68
C LYS I 180 -43.50 -14.04 -5.07
N ASN I 181 -42.56 -13.96 -6.03
CA ASN I 181 -42.84 -14.38 -7.40
C ASN I 181 -41.62 -14.97 -8.09
N SER I 182 -41.87 -15.67 -9.21
CA SER I 182 -40.84 -16.32 -10.01
C SER I 182 -41.04 -15.97 -11.50
N VAL I 183 -40.03 -15.33 -12.11
CA VAL I 183 -40.00 -14.96 -13.53
C VAL I 183 -38.91 -15.76 -14.23
N THR I 184 -39.07 -15.99 -15.54
CA THR I 184 -38.03 -16.60 -16.36
C THR I 184 -37.81 -15.70 -17.57
N TYR I 185 -36.68 -15.85 -18.28
CA TYR I 185 -36.40 -14.98 -19.42
C TYR I 185 -35.98 -15.86 -20.60
N SER I 186 -36.18 -15.34 -21.83
CA SER I 186 -36.00 -16.07 -23.09
C SER I 186 -34.57 -16.51 -23.26
N CYS I 187 -33.64 -15.58 -23.03
CA CYS I 187 -32.21 -15.87 -23.04
C CYS I 187 -31.86 -17.11 -22.21
N CYS I 188 -32.39 -17.19 -20.98
CA CYS I 188 -31.67 -17.83 -19.90
C CYS I 188 -32.50 -18.92 -19.22
N PRO I 189 -31.93 -20.14 -19.01
CA PRO I 189 -32.69 -21.25 -18.43
C PRO I 189 -33.06 -21.18 -16.94
N GLU I 190 -32.38 -20.34 -16.15
CA GLU I 190 -32.66 -20.18 -14.74
C GLU I 190 -33.66 -19.04 -14.51
N ALA I 191 -34.39 -19.14 -13.41
CA ALA I 191 -35.45 -18.21 -13.05
C ALA I 191 -35.00 -17.31 -11.92
N TYR I 192 -35.51 -16.07 -11.92
CA TYR I 192 -35.25 -15.10 -10.88
C TYR I 192 -36.50 -14.95 -10.02
N GLU I 193 -36.30 -14.67 -8.71
CA GLU I 193 -37.39 -14.43 -7.78
C GLU I 193 -37.58 -12.92 -7.62
N ASP I 194 -38.76 -12.49 -7.12
CA ASP I 194 -38.95 -11.07 -6.82
C ASP I 194 -40.13 -10.89 -5.87
N VAL I 195 -40.09 -9.76 -5.16
CA VAL I 195 -41.20 -9.28 -4.38
C VAL I 195 -42.00 -8.36 -5.28
N GLU I 196 -43.30 -8.62 -5.41
CA GLU I 196 -44.22 -7.75 -6.13
C GLU I 196 -44.95 -6.90 -5.10
N VAL I 197 -44.67 -5.60 -5.08
CA VAL I 197 -45.24 -4.70 -4.10
C VAL I 197 -46.41 -3.92 -4.71
N SER I 198 -47.61 -4.10 -4.17
CA SER I 198 -48.80 -3.42 -4.69
C SER I 198 -49.19 -2.26 -3.78
N LEU I 199 -48.94 -1.03 -4.24
CA LEU I 199 -49.37 0.19 -3.57
C LEU I 199 -50.71 0.69 -4.11
N ASN I 200 -51.78 0.51 -3.32
CA ASN I 200 -53.10 1.04 -3.59
C ASN I 200 -53.23 2.35 -2.85
N PHE I 201 -53.45 3.42 -3.59
CA PHE I 201 -53.40 4.77 -3.06
C PHE I 201 -54.36 5.66 -3.85
N ARG I 202 -54.65 6.85 -3.31
CA ARG I 202 -55.55 7.76 -4.01
C ARG I 202 -55.24 9.17 -3.54
N LYS I 203 -55.63 10.14 -4.38
CA LYS I 203 -55.59 11.54 -4.01
C LYS I 203 -56.60 11.77 -2.88
N LYS I 204 -56.31 12.76 -2.03
CA LYS I 204 -57.14 12.99 -0.87
C LYS I 204 -58.37 13.76 -1.32
N GLY I 205 -59.44 13.61 -0.51
CA GLY I 205 -60.45 14.64 -0.35
C GLY I 205 -59.99 15.63 0.73
N ARG I 206 -60.67 16.80 0.78
CA ARG I 206 -60.29 17.90 1.63
C ARG I 206 -61.34 18.06 2.75
N PHE J 1 -13.17 -25.31 -6.18
CA PHE J 1 -12.98 -23.92 -5.65
C PHE J 1 -14.36 -23.35 -5.34
N ASP J 2 -14.34 -22.23 -4.64
CA ASP J 2 -15.59 -21.66 -4.21
C ASP J 2 -15.70 -20.20 -4.63
N ARG J 3 -16.88 -19.62 -4.37
CA ARG J 3 -17.23 -18.29 -4.80
C ARG J 3 -16.14 -17.31 -4.41
N ALA J 4 -15.74 -17.37 -3.12
CA ALA J 4 -14.79 -16.40 -2.56
C ALA J 4 -13.41 -16.55 -3.20
N ASP J 5 -13.08 -17.78 -3.62
CA ASP J 5 -11.78 -18.08 -4.18
C ASP J 5 -11.75 -17.51 -5.60
N ILE J 6 -12.77 -17.87 -6.39
CA ILE J 6 -12.89 -17.43 -7.77
C ILE J 6 -12.89 -15.90 -7.85
N LEU J 7 -13.62 -15.25 -6.93
CA LEU J 7 -13.77 -13.81 -6.91
C LEU J 7 -12.41 -13.19 -6.65
N TYR J 8 -11.64 -13.79 -5.72
CA TYR J 8 -10.34 -13.25 -5.34
C TYR J 8 -9.37 -13.37 -6.51
N ASN J 9 -9.36 -14.56 -7.15
CA ASN J 9 -8.56 -14.84 -8.31
C ASN J 9 -8.91 -13.82 -9.41
N ILE J 10 -10.21 -13.53 -9.58
CA ILE J 10 -10.60 -12.65 -10.67
C ILE J 10 -10.13 -11.24 -10.34
N ARG J 11 -10.35 -10.82 -9.10
CA ARG J 11 -9.96 -9.48 -8.71
C ARG J 11 -8.45 -9.33 -8.73
N GLN J 12 -7.69 -10.37 -8.38
CA GLN J 12 -6.27 -10.16 -8.22
C GLN J 12 -5.58 -10.05 -9.57
N THR J 13 -6.14 -10.73 -10.59
CA THR J 13 -5.41 -11.01 -11.81
C THR J 13 -6.10 -10.42 -13.03
N SER J 14 -7.44 -10.30 -13.04
CA SER J 14 -8.15 -9.76 -14.19
C SER J 14 -7.68 -8.33 -14.40
N ARG J 15 -7.42 -7.97 -15.65
CA ARG J 15 -6.76 -6.72 -15.94
C ARG J 15 -7.75 -5.85 -16.68
N PRO J 16 -8.46 -4.95 -15.96
CA PRO J 16 -9.59 -4.22 -16.52
C PRO J 16 -9.26 -3.39 -17.75
N ASP J 17 -7.97 -3.03 -17.91
CA ASP J 17 -7.54 -2.18 -19.00
C ASP J 17 -7.16 -2.96 -20.27
N VAL J 18 -7.10 -4.29 -20.23
CA VAL J 18 -6.47 -5.04 -21.31
C VAL J 18 -7.53 -5.77 -22.12
N ILE J 19 -7.80 -5.29 -23.34
CA ILE J 19 -8.74 -5.95 -24.21
C ILE J 19 -8.25 -7.38 -24.37
N PRO J 20 -9.11 -8.40 -24.16
CA PRO J 20 -8.69 -9.80 -24.24
C PRO J 20 -8.64 -10.35 -25.66
N THR J 21 -7.93 -9.66 -26.53
CA THR J 21 -7.76 -10.15 -27.89
C THR J 21 -7.07 -11.50 -27.83
N GLN J 22 -7.46 -12.39 -28.74
CA GLN J 22 -6.83 -13.68 -28.92
C GLN J 22 -6.26 -13.73 -30.33
N ARG J 23 -4.93 -13.93 -30.41
CA ARG J 23 -4.23 -14.23 -31.65
C ARG J 23 -4.52 -13.12 -32.66
N ASP J 24 -4.21 -11.90 -32.21
CA ASP J 24 -4.84 -10.67 -32.65
C ASP J 24 -5.95 -10.93 -33.66
N ARG J 25 -7.07 -11.49 -33.18
CA ARG J 25 -8.34 -11.49 -33.90
C ARG J 25 -9.37 -10.75 -33.05
N PRO J 26 -10.20 -9.89 -33.67
CA PRO J 26 -10.96 -8.85 -32.95
C PRO J 26 -11.82 -9.50 -31.88
N VAL J 27 -12.05 -8.79 -30.78
CA VAL J 27 -12.88 -9.28 -29.69
C VAL J 27 -14.35 -9.13 -30.09
N ALA J 28 -15.05 -10.27 -30.20
CA ALA J 28 -16.45 -10.40 -30.61
C ALA J 28 -17.40 -10.09 -29.45
N VAL J 29 -18.06 -8.93 -29.53
CA VAL J 29 -19.06 -8.52 -28.57
C VAL J 29 -20.44 -8.65 -29.22
N SER J 30 -21.39 -9.25 -28.49
CA SER J 30 -22.81 -9.22 -28.85
C SER J 30 -23.54 -8.17 -28.02
N VAL J 31 -24.28 -7.28 -28.71
CA VAL J 31 -25.12 -6.28 -28.09
C VAL J 31 -26.53 -6.53 -28.57
N SER J 32 -27.46 -6.75 -27.63
CA SER J 32 -28.85 -6.97 -27.96
C SER J 32 -29.71 -6.14 -27.02
N LEU J 33 -30.41 -5.14 -27.55
CA LEU J 33 -31.18 -4.22 -26.73
C LEU J 33 -32.60 -4.76 -26.50
N LYS J 34 -33.06 -4.67 -25.25
CA LYS J 34 -34.43 -4.98 -24.89
C LYS J 34 -35.06 -3.70 -24.36
N PHE J 35 -35.98 -3.11 -25.12
CA PHE J 35 -36.60 -1.87 -24.69
C PHE J 35 -37.59 -2.18 -23.56
N ILE J 36 -37.51 -1.38 -22.49
CA ILE J 36 -38.35 -1.51 -21.31
C ILE J 36 -39.43 -0.44 -21.31
N ASN J 37 -39.13 0.74 -21.85
CA ASN J 37 -40.00 1.90 -21.68
C ASN J 37 -39.60 2.99 -22.68
N ILE J 38 -40.59 3.68 -23.24
CA ILE J 38 -40.39 4.92 -23.97
C ILE J 38 -41.19 6.00 -23.25
N LEU J 39 -40.53 7.10 -22.89
CA LEU J 39 -40.98 7.92 -21.77
C LEU J 39 -41.34 9.33 -22.19
N GLU J 40 -40.50 9.90 -23.07
CA GLU J 40 -40.76 11.17 -23.70
C GLU J 40 -40.42 11.04 -25.19
N VAL J 41 -40.98 11.95 -25.99
CA VAL J 41 -40.86 11.94 -27.42
C VAL J 41 -41.14 13.38 -27.84
N ASN J 42 -40.32 13.91 -28.73
CA ASN J 42 -40.52 15.26 -29.23
C ASN J 42 -40.34 15.21 -30.75
N GLU J 43 -41.46 15.36 -31.47
CA GLU J 43 -41.45 15.24 -32.92
C GLU J 43 -40.82 16.47 -33.54
N ILE J 44 -40.83 17.59 -32.79
CA ILE J 44 -40.21 18.81 -33.25
C ILE J 44 -38.70 18.64 -33.25
N THR J 45 -38.10 18.22 -32.12
CA THR J 45 -36.64 18.17 -31.99
C THR J 45 -36.06 16.86 -32.52
N ASN J 46 -36.86 15.79 -32.59
CA ASN J 46 -36.38 14.47 -33.02
C ASN J 46 -35.48 13.91 -31.91
N GLU J 47 -36.05 13.76 -30.72
CA GLU J 47 -35.36 13.24 -29.56
C GLU J 47 -36.30 12.32 -28.85
N VAL J 48 -35.79 11.19 -28.37
CA VAL J 48 -36.54 10.22 -27.59
C VAL J 48 -35.83 10.04 -26.25
N ASP J 49 -36.56 9.57 -25.23
CA ASP J 49 -36.01 9.31 -23.91
C ASP J 49 -36.42 7.89 -23.53
N VAL J 50 -35.46 6.97 -23.58
CA VAL J 50 -35.75 5.55 -23.68
C VAL J 50 -35.07 4.80 -22.54
N VAL J 51 -35.68 3.68 -22.14
CA VAL J 51 -35.10 2.79 -21.16
C VAL J 51 -34.97 1.44 -21.82
N PHE J 52 -33.74 0.88 -21.84
CA PHE J 52 -33.49 -0.45 -22.38
C PHE J 52 -32.53 -1.26 -21.49
N TRP J 53 -32.61 -2.58 -21.62
CA TRP J 53 -31.61 -3.48 -21.07
C TRP J 53 -30.69 -3.91 -22.19
N GLN J 54 -29.39 -3.71 -22.00
CA GLN J 54 -28.43 -3.96 -23.07
C GLN J 54 -27.72 -5.27 -22.81
N GLN J 55 -28.17 -6.37 -23.43
CA GLN J 55 -27.51 -7.66 -23.27
C GLN J 55 -26.16 -7.62 -24.00
N THR J 56 -25.07 -7.53 -23.21
CA THR J 56 -23.72 -7.53 -23.74
C THR J 56 -23.02 -8.82 -23.35
N THR J 57 -22.59 -9.57 -24.36
CA THR J 57 -21.86 -10.81 -24.17
C THR J 57 -20.50 -10.69 -24.83
N TRP J 58 -19.44 -11.24 -24.21
CA TRP J 58 -18.17 -11.45 -24.90
C TRP J 58 -17.40 -12.60 -24.25
N SER J 59 -16.09 -12.66 -24.47
CA SER J 59 -15.30 -13.76 -23.95
C SER J 59 -13.94 -13.26 -23.46
N ASP J 60 -13.55 -13.67 -22.27
CA ASP J 60 -12.25 -13.34 -21.72
C ASP J 60 -11.74 -14.56 -20.94
N ARG J 61 -10.97 -15.39 -21.65
CA ARG J 61 -10.33 -16.60 -21.15
C ARG J 61 -9.49 -16.45 -19.90
N THR J 62 -9.04 -15.24 -19.55
CA THR J 62 -8.21 -15.07 -18.36
C THR J 62 -9.08 -15.11 -17.09
N LEU J 63 -10.42 -14.95 -17.21
CA LEU J 63 -11.31 -15.07 -16.05
C LEU J 63 -11.72 -16.54 -15.83
N ALA J 64 -11.33 -17.46 -16.71
CA ALA J 64 -11.92 -18.79 -16.70
C ALA J 64 -11.40 -19.63 -15.52
N TRP J 65 -12.10 -20.72 -15.21
CA TRP J 65 -11.64 -21.65 -14.19
C TRP J 65 -12.24 -23.05 -14.39
N ASN J 66 -11.69 -24.02 -13.66
CA ASN J 66 -12.12 -25.40 -13.73
C ASN J 66 -13.38 -25.57 -12.89
N SER J 67 -14.50 -25.91 -13.56
CA SER J 67 -15.79 -26.01 -12.89
C SER J 67 -16.08 -27.46 -12.50
N SER J 68 -15.04 -28.18 -12.05
CA SER J 68 -15.16 -29.60 -11.71
C SER J 68 -15.99 -29.76 -10.43
N HIS J 69 -15.60 -29.05 -9.37
CA HIS J 69 -16.39 -29.03 -8.15
C HIS J 69 -16.50 -27.58 -7.70
N SER J 70 -17.00 -26.74 -8.61
CA SER J 70 -17.03 -25.30 -8.47
C SER J 70 -18.32 -24.73 -9.05
N PRO J 71 -18.72 -23.50 -8.66
CA PRO J 71 -19.76 -22.74 -9.34
C PRO J 71 -19.70 -22.62 -10.86
N ASP J 72 -20.91 -22.63 -11.43
CA ASP J 72 -21.17 -22.53 -12.85
C ASP J 72 -20.86 -21.09 -13.30
N GLN J 73 -21.16 -20.14 -12.43
CA GLN J 73 -20.96 -18.73 -12.71
C GLN J 73 -20.82 -18.00 -11.39
N VAL J 74 -20.26 -16.79 -11.42
CA VAL J 74 -20.31 -15.92 -10.25
C VAL J 74 -20.61 -14.51 -10.72
N SER J 75 -20.84 -13.58 -9.78
CA SER J 75 -21.21 -12.19 -10.06
C SER J 75 -20.03 -11.30 -9.70
N VAL J 76 -19.57 -10.46 -10.63
CA VAL J 76 -18.38 -9.66 -10.39
C VAL J 76 -18.64 -8.18 -10.67
N PRO J 77 -18.17 -7.25 -9.80
CA PRO J 77 -18.28 -5.82 -10.10
C PRO J 77 -17.51 -5.47 -11.38
N ILE J 78 -18.14 -4.77 -12.34
CA ILE J 78 -17.50 -4.50 -13.63
C ILE J 78 -16.17 -3.76 -13.47
N SER J 79 -15.96 -3.07 -12.34
CA SER J 79 -14.67 -2.46 -12.09
C SER J 79 -13.54 -3.49 -12.01
N SER J 80 -13.85 -4.77 -11.78
CA SER J 80 -12.84 -5.83 -11.71
C SER J 80 -12.75 -6.68 -12.98
N LEU J 81 -13.35 -6.19 -14.08
CA LEU J 81 -13.37 -6.87 -15.37
C LEU J 81 -12.98 -5.85 -16.43
N TRP J 82 -12.39 -6.33 -17.52
CA TRP J 82 -12.42 -5.55 -18.74
C TRP J 82 -13.85 -5.53 -19.29
N VAL J 83 -14.33 -4.34 -19.59
CA VAL J 83 -15.61 -4.16 -20.25
C VAL J 83 -15.40 -3.48 -21.61
N PRO J 84 -16.19 -3.86 -22.65
CA PRO J 84 -16.30 -3.11 -23.91
C PRO J 84 -16.63 -1.65 -23.66
N ASP J 85 -15.89 -0.77 -24.35
CA ASP J 85 -16.04 0.67 -24.19
C ASP J 85 -17.16 1.15 -25.11
N LEU J 86 -18.31 0.46 -25.05
CA LEU J 86 -19.36 0.72 -26.02
C LEU J 86 -19.88 2.12 -25.72
N ALA J 87 -20.35 2.82 -26.77
CA ALA J 87 -20.95 4.14 -26.63
C ALA J 87 -22.02 4.33 -27.70
N ALA J 88 -23.16 4.93 -27.32
CA ALA J 88 -24.19 5.27 -28.30
C ALA J 88 -23.75 6.50 -29.10
N TYR J 89 -23.63 6.35 -30.42
CA TYR J 89 -23.04 7.36 -31.30
C TYR J 89 -23.90 8.61 -31.36
N ASN J 90 -25.23 8.44 -31.24
CA ASN J 90 -26.18 9.52 -31.43
C ASN J 90 -26.85 9.92 -30.11
N ALA J 91 -26.18 9.70 -28.96
CA ALA J 91 -26.81 9.82 -27.65
C ALA J 91 -26.76 11.26 -27.19
N ILE J 92 -27.80 11.77 -26.50
CA ILE J 92 -27.79 13.20 -26.23
C ILE J 92 -27.79 13.48 -24.73
N SER J 93 -27.90 12.45 -23.90
CA SER J 93 -27.62 12.57 -22.48
C SER J 93 -26.60 11.50 -22.08
N LYS J 94 -26.06 11.58 -20.85
CA LYS J 94 -25.20 10.54 -20.31
C LYS J 94 -26.01 9.27 -20.06
N PRO J 95 -25.45 8.05 -20.25
CA PRO J 95 -26.20 6.83 -20.00
C PRO J 95 -26.45 6.78 -18.50
N GLU J 96 -27.72 6.73 -18.07
CA GLU J 96 -28.11 6.56 -16.69
C GLU J 96 -28.38 5.07 -16.41
N VAL J 97 -27.40 4.37 -15.82
CA VAL J 97 -27.55 2.99 -15.37
C VAL J 97 -28.40 2.94 -14.10
N LEU J 98 -29.46 2.13 -14.11
CA LEU J 98 -30.43 2.07 -13.03
C LEU J 98 -30.21 0.85 -12.16
N THR J 99 -29.26 -0.03 -12.55
CA THR J 99 -29.12 -1.35 -11.95
C THR J 99 -27.74 -1.55 -11.31
N PRO J 100 -27.58 -2.54 -10.39
CA PRO J 100 -26.29 -2.87 -9.80
C PRO J 100 -25.21 -3.00 -10.87
N GLN J 101 -24.08 -2.31 -10.71
CA GLN J 101 -23.04 -2.38 -11.72
C GLN J 101 -22.22 -3.65 -11.53
N LEU J 102 -22.83 -4.79 -11.95
CA LEU J 102 -22.40 -6.15 -11.69
C LEU J 102 -22.64 -7.03 -12.91
N ALA J 103 -21.65 -7.84 -13.28
CA ALA J 103 -21.74 -8.70 -14.43
C ALA J 103 -21.55 -10.17 -14.04
N ARG J 104 -22.06 -11.04 -14.90
CA ARG J 104 -22.06 -12.47 -14.65
C ARG J 104 -20.91 -13.12 -15.41
N VAL J 105 -20.13 -13.95 -14.72
CA VAL J 105 -18.98 -14.56 -15.36
C VAL J 105 -19.16 -16.07 -15.35
N VAL J 106 -19.19 -16.66 -16.55
CA VAL J 106 -19.17 -18.10 -16.73
C VAL J 106 -17.72 -18.63 -16.62
N SER J 107 -17.59 -19.89 -16.15
CA SER J 107 -16.32 -20.55 -15.86
C SER J 107 -15.47 -20.75 -17.11
N ASP J 108 -16.11 -20.73 -18.30
CA ASP J 108 -15.39 -20.83 -19.57
C ASP J 108 -14.88 -19.44 -19.94
N GLY J 109 -15.04 -18.50 -18.99
CA GLY J 109 -14.60 -17.13 -19.17
C GLY J 109 -15.55 -16.29 -20.04
N GLU J 110 -16.76 -16.77 -20.34
CA GLU J 110 -17.75 -15.92 -20.97
C GLU J 110 -18.37 -15.00 -19.92
N VAL J 111 -18.52 -13.72 -20.29
CA VAL J 111 -19.07 -12.67 -19.42
C VAL J 111 -20.45 -12.27 -19.92
N LEU J 112 -21.39 -12.10 -18.97
CA LEU J 112 -22.77 -11.73 -19.30
C LEU J 112 -23.16 -10.45 -18.56
N TYR J 113 -23.20 -9.33 -19.28
CA TYR J 113 -23.46 -8.04 -18.67
C TYR J 113 -24.72 -7.43 -19.28
N MET J 114 -25.71 -7.15 -18.43
CA MET J 114 -26.95 -6.56 -18.88
C MET J 114 -27.31 -5.41 -17.94
N PRO J 115 -26.80 -4.18 -18.21
CA PRO J 115 -27.14 -2.99 -17.44
C PRO J 115 -28.47 -2.48 -17.93
N SER J 116 -29.21 -1.82 -17.03
CA SER J 116 -30.47 -1.18 -17.39
C SER J 116 -30.23 0.31 -17.48
N ILE J 117 -30.49 0.88 -18.66
CA ILE J 117 -30.03 2.23 -18.98
C ILE J 117 -31.20 3.10 -19.40
N ARG J 118 -31.20 4.33 -18.92
CA ARG J 118 -32.06 5.35 -19.45
C ARG J 118 -31.21 6.37 -20.19
N GLN J 119 -31.64 6.72 -21.41
CA GLN J 119 -30.87 7.73 -22.13
C GLN J 119 -31.68 8.35 -23.26
N ARG J 120 -31.28 9.56 -23.69
CA ARG J 120 -31.95 10.25 -24.77
C ARG J 120 -31.12 10.12 -26.06
N PHE J 121 -31.81 9.86 -27.18
CA PHE J 121 -31.22 9.88 -28.52
C PHE J 121 -31.81 10.96 -29.43
N SER J 122 -30.96 11.50 -30.30
CA SER J 122 -31.36 12.23 -31.49
C SER J 122 -31.61 11.21 -32.60
N CYS J 123 -32.88 11.08 -32.98
CA CYS J 123 -33.27 10.11 -33.98
C CYS J 123 -34.61 10.53 -34.61
N ASP J 124 -35.06 9.72 -35.59
CA ASP J 124 -36.25 10.07 -36.36
C ASP J 124 -37.48 9.61 -35.60
N VAL J 125 -38.22 10.61 -35.11
CA VAL J 125 -39.43 10.45 -34.34
C VAL J 125 -40.64 10.79 -35.20
N SER J 126 -40.44 11.02 -36.51
CA SER J 126 -41.55 11.41 -37.36
C SER J 126 -42.45 10.19 -37.61
N GLY J 127 -43.77 10.43 -37.67
CA GLY J 127 -44.74 9.37 -37.90
C GLY J 127 -45.20 8.70 -36.60
N VAL J 128 -44.68 9.18 -35.47
CA VAL J 128 -44.94 8.55 -34.18
C VAL J 128 -46.45 8.61 -33.98
N ASP J 129 -47.07 9.71 -34.41
CA ASP J 129 -48.47 9.97 -34.13
C ASP J 129 -49.37 9.14 -35.06
N THR J 130 -48.76 8.19 -35.80
CA THR J 130 -49.39 7.52 -36.93
C THR J 130 -49.20 6.01 -36.83
N GLU J 131 -49.96 5.28 -37.65
CA GLU J 131 -50.14 3.84 -37.50
C GLU J 131 -48.86 3.09 -37.85
N SER J 132 -48.11 3.62 -38.82
CA SER J 132 -46.90 2.95 -39.27
C SER J 132 -45.71 3.36 -38.39
N GLY J 133 -45.88 4.44 -37.62
CA GLY J 133 -44.98 4.73 -36.51
C GLY J 133 -43.70 5.43 -36.97
N ALA J 134 -42.95 5.98 -36.01
CA ALA J 134 -41.61 6.48 -36.24
C ALA J 134 -40.67 5.27 -36.25
N THR J 135 -39.44 5.49 -36.73
CA THR J 135 -38.37 4.52 -36.67
C THR J 135 -37.13 5.23 -36.17
N CYS J 136 -36.83 5.01 -34.88
CA CYS J 136 -35.70 5.63 -34.24
C CYS J 136 -34.55 4.62 -34.32
N ARG J 137 -33.45 5.03 -34.97
CA ARG J 137 -32.26 4.20 -35.08
C ARG J 137 -31.27 4.60 -34.01
N ILE J 138 -30.82 3.62 -33.22
CA ILE J 138 -29.81 3.86 -32.19
C ILE J 138 -28.55 3.07 -32.58
N LYS J 139 -27.40 3.76 -32.53
CA LYS J 139 -26.14 3.23 -33.03
C LYS J 139 -25.17 3.00 -31.88
N ILE J 140 -24.77 1.74 -31.63
CA ILE J 140 -23.90 1.46 -30.49
C ILE J 140 -22.66 0.71 -30.95
N GLY J 141 -21.46 1.28 -30.68
CA GLY J 141 -20.19 0.62 -30.96
C GLY J 141 -19.11 1.00 -29.95
N SER J 142 -17.92 0.39 -30.09
CA SER J 142 -16.76 0.80 -29.31
C SER J 142 -16.38 2.23 -29.64
N TRP J 143 -16.09 3.02 -28.61
CA TRP J 143 -15.61 4.38 -28.75
C TRP J 143 -14.13 4.48 -29.20
N THR J 144 -13.28 3.49 -28.83
CA THR J 144 -11.84 3.59 -29.08
C THR J 144 -11.27 2.39 -29.83
N HIS J 145 -12.00 1.27 -29.91
CA HIS J 145 -11.52 0.05 -30.53
C HIS J 145 -12.12 -0.13 -31.92
N HIS J 146 -11.24 0.01 -32.93
CA HIS J 146 -11.61 -0.11 -34.33
C HIS J 146 -11.81 -1.58 -34.66
N SER J 147 -12.28 -1.85 -35.89
CA SER J 147 -12.89 -3.12 -36.21
C SER J 147 -11.86 -4.23 -36.39
N ARG J 148 -10.56 -3.92 -36.29
CA ARG J 148 -9.61 -5.02 -36.16
C ARG J 148 -9.48 -5.47 -34.70
N GLU J 149 -9.93 -4.65 -33.73
CA GLU J 149 -9.80 -4.94 -32.31
C GLU J 149 -11.15 -5.41 -31.71
N ILE J 150 -12.26 -4.79 -32.13
CA ILE J 150 -13.59 -5.26 -31.74
C ILE J 150 -14.50 -5.32 -32.96
N SER J 151 -15.20 -6.42 -33.12
CA SER J 151 -16.42 -6.47 -33.88
C SER J 151 -17.64 -6.49 -32.94
N VAL J 152 -18.73 -5.85 -33.36
CA VAL J 152 -20.01 -5.97 -32.68
C VAL J 152 -20.97 -6.70 -33.61
N ASP J 153 -21.73 -7.62 -33.02
CA ASP J 153 -22.71 -8.39 -33.76
C ASP J 153 -24.02 -8.43 -32.95
N PRO J 154 -25.20 -8.36 -33.61
CA PRO J 154 -26.47 -8.64 -32.95
C PRO J 154 -26.56 -10.13 -32.63
N THR J 155 -27.42 -10.47 -31.69
CA THR J 155 -27.57 -11.87 -31.36
C THR J 155 -28.41 -12.48 -32.47
N THR J 156 -28.09 -13.72 -32.84
CA THR J 156 -28.72 -14.38 -33.97
C THR J 156 -29.87 -15.21 -33.46
N SER J 162 -39.37 -6.03 -27.31
CA SER J 162 -40.85 -6.20 -27.26
C SER J 162 -41.26 -6.80 -25.91
N GLU J 163 -40.80 -8.01 -25.59
CA GLU J 163 -41.49 -8.84 -24.61
C GLU J 163 -41.37 -8.28 -23.20
N TYR J 164 -40.40 -7.40 -22.94
CA TYR J 164 -40.22 -6.79 -21.62
C TYR J 164 -40.76 -5.35 -21.59
N PHE J 165 -41.35 -4.86 -22.69
CA PHE J 165 -41.71 -3.45 -22.74
C PHE J 165 -42.88 -3.24 -21.80
N SER J 166 -42.85 -2.13 -21.06
CA SER J 166 -43.87 -1.76 -20.10
C SER J 166 -45.24 -1.51 -20.76
N GLN J 167 -46.25 -2.24 -20.28
CA GLN J 167 -47.59 -2.14 -20.82
C GLN J 167 -48.27 -0.85 -20.37
N TYR J 168 -47.61 -0.09 -19.48
CA TYR J 168 -48.12 1.20 -19.06
C TYR J 168 -47.37 2.35 -19.74
N SER J 169 -46.55 2.04 -20.75
CA SER J 169 -46.00 3.09 -21.62
C SER J 169 -47.13 3.71 -22.42
N ARG J 170 -47.04 5.04 -22.64
CA ARG J 170 -47.82 5.77 -23.63
C ARG J 170 -47.57 5.26 -25.07
N PHE J 171 -46.60 4.37 -25.28
CA PHE J 171 -46.27 3.97 -26.64
C PHE J 171 -46.28 2.45 -26.70
N GLU J 172 -46.22 1.90 -27.91
CA GLU J 172 -46.07 0.46 -28.09
C GLU J 172 -45.04 0.21 -29.19
N ILE J 173 -44.68 -1.06 -29.39
CA ILE J 173 -43.59 -1.36 -30.31
C ILE J 173 -44.13 -2.22 -31.45
N LEU J 174 -43.91 -1.68 -32.66
CA LEU J 174 -44.29 -2.31 -33.91
C LEU J 174 -43.23 -3.34 -34.28
N ASP J 175 -41.96 -2.90 -34.37
CA ASP J 175 -40.87 -3.76 -34.76
C ASP J 175 -39.56 -3.27 -34.15
N VAL J 176 -38.68 -4.23 -33.80
CA VAL J 176 -37.27 -3.98 -33.53
C VAL J 176 -36.43 -4.93 -34.37
N THR J 177 -35.50 -4.34 -35.16
CA THR J 177 -34.55 -5.10 -35.93
C THR J 177 -33.17 -4.56 -35.51
N GLN J 178 -32.14 -5.41 -35.61
CA GLN J 178 -30.83 -5.05 -35.09
C GLN J 178 -29.76 -5.60 -36.03
N LYS J 179 -28.99 -4.71 -36.67
CA LYS J 179 -28.12 -5.13 -37.76
C LYS J 179 -26.71 -4.61 -37.54
N LYS J 180 -25.70 -5.43 -37.82
CA LYS J 180 -24.32 -4.99 -37.76
C LYS J 180 -24.09 -3.96 -38.85
N ASN J 181 -23.37 -2.87 -38.53
CA ASN J 181 -22.91 -1.91 -39.52
C ASN J 181 -21.50 -1.41 -39.15
N SER J 182 -21.00 -0.40 -39.89
CA SER J 182 -19.72 0.19 -39.54
C SER J 182 -19.69 1.67 -39.92
N VAL J 183 -18.71 2.42 -39.43
CA VAL J 183 -18.59 3.85 -39.67
C VAL J 183 -17.13 4.34 -39.70
N THR J 184 -16.89 5.35 -40.57
CA THR J 184 -15.63 6.08 -40.69
C THR J 184 -15.88 7.58 -40.67
N TYR J 185 -14.77 8.29 -40.47
CA TYR J 185 -14.68 9.73 -40.48
C TYR J 185 -13.40 10.09 -41.23
N SER J 186 -13.47 11.04 -42.17
CA SER J 186 -12.42 11.24 -43.15
C SER J 186 -11.15 11.80 -42.51
N CYS J 187 -11.24 12.40 -41.33
CA CYS J 187 -10.05 12.74 -40.54
C CYS J 187 -9.07 11.56 -40.45
N CYS J 188 -9.60 10.33 -40.35
CA CYS J 188 -8.89 9.26 -39.70
C CYS J 188 -9.08 7.96 -40.48
N PRO J 189 -8.02 7.13 -40.64
CA PRO J 189 -8.08 5.96 -41.50
C PRO J 189 -9.08 4.87 -41.11
N GLU J 190 -9.49 4.83 -39.84
CA GLU J 190 -10.01 3.58 -39.29
C GLU J 190 -11.54 3.59 -39.24
N ALA J 191 -12.07 2.37 -39.19
CA ALA J 191 -13.49 2.09 -39.20
C ALA J 191 -13.89 1.38 -37.91
N TYR J 192 -15.12 1.64 -37.46
CA TYR J 192 -15.59 1.19 -36.18
C TYR J 192 -16.88 0.45 -36.39
N GLU J 193 -16.97 -0.81 -35.94
CA GLU J 193 -18.20 -1.59 -36.06
C GLU J 193 -19.26 -1.00 -35.11
N ASP J 194 -20.53 -1.06 -35.53
CA ASP J 194 -21.63 -0.64 -34.69
C ASP J 194 -22.76 -1.64 -34.89
N VAL J 195 -23.69 -1.65 -33.92
CA VAL J 195 -24.96 -2.30 -34.13
C VAL J 195 -25.91 -1.15 -34.25
N GLU J 196 -26.81 -1.29 -35.20
CA GLU J 196 -27.80 -0.29 -35.56
C GLU J 196 -29.13 -0.89 -35.11
N VAL J 197 -29.76 -0.22 -34.14
CA VAL J 197 -31.00 -0.71 -33.57
C VAL J 197 -32.14 0.11 -34.13
N SER J 198 -33.00 -0.53 -34.95
CA SER J 198 -34.17 0.13 -35.51
C SER J 198 -35.41 -0.07 -34.64
N LEU J 199 -35.81 0.97 -33.89
CA LEU J 199 -36.99 0.90 -33.05
C LEU J 199 -38.17 1.48 -33.80
N ASN J 200 -39.05 0.60 -34.28
CA ASN J 200 -40.27 1.03 -34.93
C ASN J 200 -41.36 1.03 -33.87
N PHE J 201 -41.77 2.24 -33.43
CA PHE J 201 -42.77 2.43 -32.38
C PHE J 201 -43.80 3.47 -32.81
N ARG J 202 -44.86 3.62 -31.99
CA ARG J 202 -45.87 4.65 -32.17
C ARG J 202 -46.61 4.87 -30.85
N LYS J 203 -47.27 6.04 -30.73
CA LYS J 203 -48.10 6.38 -29.58
C LYS J 203 -49.37 5.54 -29.54
N LYS J 204 -49.83 5.24 -28.31
CA LYS J 204 -51.06 4.50 -28.08
C LYS J 204 -52.27 5.45 -27.92
C1 WNO K . 15.43 -4.85 35.52
C2 WNO K . 13.99 -5.22 35.29
N1 WNO K . 13.85 -6.33 34.35
C3 WNO K . 13.58 -7.58 34.70
C4 WNO K . 13.64 -8.35 33.57
N2 WNO K . 13.61 -7.53 32.52
C5 WNO K . 14.14 -6.24 32.92
C6 WNO K . 13.63 -5.03 32.17
C7 WNO K . 12.82 -5.07 31.05
C8 WNO K . 12.55 -3.91 30.37
C9 WNO K . 13.14 -2.72 30.76
C10 WNO K . 13.97 -2.74 31.87
C11 WNO K . 14.70 -1.55 32.38
C12 WNO K . 15.03 -0.48 31.55
C13 WNO K . 15.74 0.59 32.06
C14 WNO K . 16.14 0.56 33.38
C15 WNO K . 15.80 -0.54 34.13
N3 WNO K . 15.11 -1.59 33.66
N4 WNO K . 14.22 -3.88 32.53
S SO4 L . -3.24 -25.24 8.39
O1 SO4 L . -2.66 -23.93 8.18
O2 SO4 L . -3.05 -26.08 7.24
O3 SO4 L . -2.63 -25.85 9.53
O4 SO4 L . -4.66 -25.09 8.64
C1 WNO M . 34.38 11.85 11.41
C2 WNO M . 33.87 13.05 10.68
N1 WNO M . 33.12 12.75 9.48
C3 WNO M . 33.65 12.72 8.25
C4 WNO M . 32.67 12.32 7.41
N2 WNO M . 31.61 11.99 8.16
C5 WNO M . 31.65 12.66 9.44
C6 WNO M . 30.89 12.02 10.59
C7 WNO M . 29.56 11.67 10.43
C8 WNO M . 28.85 11.18 11.49
C9 WNO M . 29.45 11.07 12.73
C10 WNO M . 30.76 11.49 12.86
C11 WNO M . 31.46 11.38 14.15
C12 WNO M . 32.64 12.07 14.40
C13 WNO M . 33.24 11.92 15.63
C14 WNO M . 32.65 11.10 16.58
C15 WNO M . 31.48 10.45 16.26
N3 WNO M . 30.89 10.56 15.06
N4 WNO M . 31.47 11.94 11.79
C1 WNO N . 38.52 -2.75 -15.55
C2 WNO N . 39.54 -3.80 -15.96
N1 WNO N . 40.15 -4.57 -14.86
C3 WNO N . 41.32 -5.24 -15.00
C4 WNO N . 41.70 -5.72 -13.78
N2 WNO N . 40.81 -5.26 -12.89
C5 WNO N . 39.54 -4.87 -13.52
C6 WNO N . 38.75 -3.78 -12.79
C7 WNO N . 37.41 -3.92 -12.43
C8 WNO N . 36.79 -2.90 -11.75
C9 WNO N . 37.51 -1.76 -11.41
C10 WNO N . 38.85 -1.69 -11.82
C11 WNO N . 39.77 -0.58 -11.46
C12 WNO N . 39.36 0.53 -10.73
C13 WNO N . 40.31 1.49 -10.39
C14 WNO N . 41.63 1.28 -10.74
C15 WNO N . 41.96 0.14 -11.44
N3 WNO N . 41.07 -0.78 -11.80
N4 WNO N . 39.46 -2.69 -12.47
S SO4 O . 18.08 14.52 13.97
O1 SO4 O . 17.60 15.77 13.48
O2 SO4 O . 18.19 13.54 12.91
O3 SO4 O . 19.37 14.73 14.57
O4 SO4 O . 17.14 14.00 14.93
C1 WNO P . 18.09 -32.46 -10.69
C2 WNO P . 17.64 -31.38 -11.64
N1 WNO P . 18.32 -30.12 -11.41
C3 WNO P . 19.48 -29.79 -11.98
C4 WNO P . 19.80 -28.53 -11.57
N2 WNO P . 18.77 -28.05 -10.88
C5 WNO P . 17.96 -29.13 -10.37
C6 WNO P . 16.49 -28.83 -10.12
C7 WNO P . 15.95 -27.56 -10.19
C8 WNO P . 14.61 -27.40 -9.88
C9 WNO P . 13.87 -28.47 -9.43
C10 WNO P . 14.48 -29.72 -9.35
C11 WNO P . 13.77 -30.95 -8.88
C12 WNO P . 14.21 -32.22 -9.23
C13 WNO P . 13.53 -33.33 -8.77
C14 WNO P . 12.45 -33.16 -7.95
C15 WNO P . 12.10 -31.88 -7.61
N3 WNO P . 12.73 -30.78 -8.04
N4 WNO P . 15.78 -29.88 -9.69
C1 WNO Q . 5.00 -31.13 21.19
C2 WNO Q . 3.56 -30.81 21.47
N1 WNO Q . 3.33 -29.39 21.65
C3 WNO Q . 3.33 -28.75 22.81
C4 WNO Q . 3.46 -27.42 22.55
N2 WNO Q . 3.55 -27.30 21.22
C5 WNO Q . 2.99 -28.47 20.56
C6 WNO Q . 3.46 -28.77 19.15
C7 WNO Q . 3.10 -27.94 18.12
C8 WNO Q . 3.46 -28.26 16.83
C9 WNO Q . 4.11 -29.44 16.58
C10 WNO Q . 4.41 -30.26 17.65
C11 WNO Q . 5.11 -31.56 17.41
C12 WNO Q . 4.96 -32.63 18.29
C13 WNO Q . 5.58 -33.81 18.00
C14 WNO Q . 6.33 -33.91 16.85
C15 WNO Q . 6.43 -32.82 16.02
N3 WNO Q . 5.84 -31.65 16.28
N4 WNO Q . 4.07 -29.94 18.91
C1 WNO R . -9.29 12.76 -35.53
C2 WNO R . -9.90 11.76 -34.56
N1 WNO R . -9.32 11.90 -33.24
C3 WNO R . -8.97 13.07 -32.76
C4 WNO R . -8.17 12.87 -31.73
N2 WNO R . -8.37 11.61 -31.32
C5 WNO R . -8.84 10.77 -32.41
C6 WNO R . -9.79 9.67 -31.94
C7 WNO R . -9.46 8.94 -30.81
C8 WNO R . -10.28 7.90 -30.39
C9 WNO R . -11.40 7.60 -31.11
C10 WNO R . -11.66 8.33 -32.26
C11 WNO R . -12.85 8.00 -33.09
C12 WNO R . -13.02 8.52 -34.36
C13 WNO R . -14.13 8.15 -35.07
C14 WNO R . -15.04 7.30 -34.49
C15 WNO R . -14.80 6.83 -33.23
N3 WNO R . -13.74 7.17 -32.51
N4 WNO R . -10.86 9.35 -32.68
S SO4 S . -5.64 -1.63 -26.52
O1 SO4 S . -4.29 -2.11 -26.63
O2 SO4 S . -5.98 -0.90 -27.71
O3 SO4 S . -5.75 -0.75 -25.39
O4 SO4 S . -6.53 -2.74 -26.35
C1 WNO T . -19.69 30.39 14.31
C2 WNO T . -20.11 29.78 13.02
N1 WNO T . -19.10 29.89 11.97
C3 WNO T . -18.71 31.04 11.44
C4 WNO T . -17.85 30.77 10.42
N2 WNO T . -17.50 29.49 10.53
C5 WNO T . -18.52 28.74 11.25
C6 WNO T . -18.05 27.54 12.06
C7 WNO T . -16.92 26.82 11.71
C8 WNO T . -16.60 25.68 12.44
C9 WNO T . -17.43 25.27 13.47
C10 WNO T . -18.54 26.03 13.76
C11 WNO T . -19.51 25.63 14.84
C12 WNO T . -20.34 26.54 15.46
C13 WNO T . -21.21 26.11 16.43
C14 WNO T . -21.29 24.77 16.72
C15 WNO T . -20.46 23.92 16.04
N3 WNO T . -19.57 24.30 15.11
N4 WNO T . -18.86 27.13 13.05
C1 WNO U . -42.82 5.07 11.49
C2 WNO U . -41.43 4.84 12.00
N1 WNO U . -41.28 3.59 12.74
C3 WNO U . -42.00 2.48 12.53
C4 WNO U . -41.56 1.51 13.40
N2 WNO U . -40.45 1.98 13.99
C5 WNO U . -40.33 3.43 13.83
C6 WNO U . -38.92 3.95 13.57
C7 WNO U . -38.03 3.43 12.64
C8 WNO U . -36.77 4.00 12.53
C9 WNO U . -36.41 5.04 13.36
C10 WNO U . -37.38 5.50 14.28
C11 WNO U . -37.17 6.60 15.25
C12 WNO U . -35.88 7.08 15.56
C13 WNO U . -35.78 8.08 16.50
C14 WNO U . -36.91 8.58 17.11
C15 WNO U . -38.14 8.05 16.76
N3 WNO U . -38.29 7.07 15.85
N4 WNO U . -38.60 4.97 14.36
C1 WNO V . -32.11 -11.73 -18.61
C2 WNO V . -31.80 -12.42 -17.29
N1 WNO V . -31.84 -11.51 -16.16
C3 WNO V . -32.83 -11.44 -15.29
C4 WNO V . -32.46 -10.57 -14.30
N2 WNO V . -31.18 -10.28 -14.52
C5 WNO V . -30.87 -10.47 -15.93
C6 WNO V . -29.42 -10.77 -16.29
C7 WNO V . -28.39 -10.64 -15.38
C8 WNO V . -27.10 -10.85 -15.81
C9 WNO V . -26.86 -11.13 -17.14
C10 WNO V . -27.94 -11.23 -18.02
C11 WNO V . -27.76 -11.51 -19.47
C12 WNO V . -26.60 -11.11 -20.14
C13 WNO V . -26.47 -11.38 -21.48
C14 WNO V . -27.50 -11.99 -22.14
C15 WNO V . -28.63 -12.34 -21.42
N3 WNO V . -28.78 -12.10 -20.11
N4 WNO V . -29.20 -11.01 -17.58
C1 GOL W . -52.46 14.58 -27.28
O1 GOL W . -52.03 14.44 -25.93
C2 GOL W . -52.52 13.28 -28.07
O2 GOL W . -51.37 13.17 -28.93
C3 GOL W . -52.62 12.03 -27.21
O3 GOL W . -53.36 10.99 -27.85
#